data_8AQJ
# 
_entry.id   8AQJ 
# 
_audit_conform.dict_name       mmcif_pdbx.dic 
_audit_conform.dict_version    5.384 
_audit_conform.dict_location   http://mmcif.pdb.org/dictionaries/ascii/mmcif_pdbx.dic 
# 
loop_
_database_2.database_id 
_database_2.database_code 
_database_2.pdbx_database_accession 
_database_2.pdbx_DOI 
PDB   8AQJ         pdb_00008aqj 10.2210/pdb8aqj/pdb 
WWPDB D_1292124944 ?            ?                   
# 
loop_
_pdbx_audit_revision_history.ordinal 
_pdbx_audit_revision_history.data_content_type 
_pdbx_audit_revision_history.major_revision 
_pdbx_audit_revision_history.minor_revision 
_pdbx_audit_revision_history.revision_date 
1 'Structure model' 1 0 2022-08-31 
2 'Structure model' 1 1 2024-01-31 
# 
_pdbx_audit_revision_details.ordinal             1 
_pdbx_audit_revision_details.revision_ordinal    1 
_pdbx_audit_revision_details.data_content_type   'Structure model' 
_pdbx_audit_revision_details.provider            repository 
_pdbx_audit_revision_details.type                'Initial release' 
_pdbx_audit_revision_details.description         ? 
_pdbx_audit_revision_details.details             ? 
# 
loop_
_pdbx_audit_revision_group.ordinal 
_pdbx_audit_revision_group.revision_ordinal 
_pdbx_audit_revision_group.data_content_type 
_pdbx_audit_revision_group.group 
1 2 'Structure model' 'Data collection'        
2 2 'Structure model' 'Refinement description' 
# 
loop_
_pdbx_audit_revision_category.ordinal 
_pdbx_audit_revision_category.revision_ordinal 
_pdbx_audit_revision_category.data_content_type 
_pdbx_audit_revision_category.category 
1 2 'Structure model' chem_comp_atom                
2 2 'Structure model' chem_comp_bond                
3 2 'Structure model' pdbx_initial_refinement_model 
# 
_pdbx_database_status.status_code                     REL 
_pdbx_database_status.status_code_sf                  REL 
_pdbx_database_status.status_code_mr                  ? 
_pdbx_database_status.entry_id                        8AQJ 
_pdbx_database_status.recvd_initial_deposition_date   2022-08-12 
_pdbx_database_status.SG_entry                        N 
_pdbx_database_status.deposit_site                    PDBE 
_pdbx_database_status.process_site                    PDBE 
_pdbx_database_status.status_code_cs                  ? 
_pdbx_database_status.status_code_nmr_data            ? 
_pdbx_database_status.methods_development_category    ? 
_pdbx_database_status.pdb_format_compatible           Y 
# 
_pdbx_database_related.db_name        PDB 
_pdbx_database_related.details        'Same protein and ligand, however this entry has a longer soaking time' 
_pdbx_database_related.db_id          8AQD 
_pdbx_database_related.content_type   unspecified 
# 
loop_
_pdbx_contact_author.id 
_pdbx_contact_author.email 
_pdbx_contact_author.name_first 
_pdbx_contact_author.name_last 
_pdbx_contact_author.name_mi 
_pdbx_contact_author.role 
_pdbx_contact_author.identifier_ORCID 
2 nico.igareta@unibas.ch Nico   Igareta V 'principal investigator/group leader' 0000-0002-8767-3456 
3 thomas.ward@unibas.ch  Thomas Ward    ? 'principal investigator/group leader' 0000-0001-8602-5468 
# 
loop_
_audit_author.name 
_audit_author.pdbx_ordinal 
_audit_author.identifier_ORCID 
'Igareta, N.V.' 1 0000-0002-8767-3456 
'Ward, T.R.'    2 0000-0001-8602-5468 
# 
_citation.abstract                  ? 
_citation.abstract_id_CAS           ? 
_citation.book_id_ISBN              ? 
_citation.book_publisher            ? 
_citation.book_publisher_city       ? 
_citation.book_title                ? 
_citation.coordinate_linkage        ? 
_citation.country                   ? 
_citation.database_id_Medline       ? 
_citation.details                   ? 
_citation.id                        primary 
_citation.journal_abbrev            'To Be Published' 
_citation.journal_id_ASTM           ? 
_citation.journal_id_CSD            0353 
_citation.journal_id_ISSN           ? 
_citation.journal_full              ? 
_citation.journal_issue             ? 
_citation.journal_volume            ? 
_citation.language                  ? 
_citation.page_first                ? 
_citation.page_last                 ? 
_citation.title                     'Hydrophobic probe bound to Streptavidin - 2' 
_citation.year                      ? 
_citation.database_id_CSD           ? 
_citation.pdbx_database_id_DOI      ? 
_citation.pdbx_database_id_PubMed   ? 
_citation.pdbx_database_id_patent   ? 
_citation.unpublished_flag          ? 
# 
loop_
_citation_author.citation_id 
_citation_author.name 
_citation_author.ordinal 
_citation_author.identifier_ORCID 
primary 'Igareta, N.V.' 1 0000-0002-8767-3456 
primary 'Ward, T.R.'    2 0000-0001-8602-5468 
# 
loop_
_entity.id 
_entity.type 
_entity.src_method 
_entity.pdbx_description 
_entity.formula_weight 
_entity.pdbx_number_of_molecules 
_entity.pdbx_ec 
_entity.pdbx_mutation 
_entity.pdbx_fragment 
_entity.details 
1 polymer     man Streptavidin 16438.820 1  ? ? ? ? 
2 non-polymer syn 
;5-[(3~{a}~{S},4~{S},6~{a}~{R})-2-oxidanylidene-1,3,3~{a},4,6,6~{a}-hexahydrothieno[3,4-d]imidazol-4-yl]-~{N}-[2-[6-(dimethylamino)-1,3-bis(oxidanylidene)benzo[de]isoquinolin-2-yl]ethyl]pentanamide
;
509.620   1  ? ? ? ? 
3 water       nat water 18.015    48 ? ? ? ? 
# 
_entity_poly.entity_id                      1 
_entity_poly.type                           'polypeptide(L)' 
_entity_poly.nstd_linkage                   no 
_entity_poly.nstd_monomer                   no 
_entity_poly.pdbx_seq_one_letter_code       
;ASMTGGQQMGRDEAGITGTWYNQLGSTFIVTAGADGALTGTYESAVGNAESRYVLTGRYDSAPATDGSGTALGWTVAWKN
NYRNAHSATTWSGQYVGGAEARINTQWLLTSGTTEANAWKSTLVGHDTFTKVKPSAASIDAAKKAGVNNGNPLDAVQQ
;
_entity_poly.pdbx_seq_one_letter_code_can   
;ASMTGGQQMGRDEAGITGTWYNQLGSTFIVTAGADGALTGTYESAVGNAESRYVLTGRYDSAPATDGSGTALGWTVAWKN
NYRNAHSATTWSGQYVGGAEARINTQWLLTSGTTEANAWKSTLVGHDTFTKVKPSAASIDAAKKAGVNNGNPLDAVQQ
;
_entity_poly.pdbx_strand_id                 A 
_entity_poly.pdbx_target_identifier         ? 
# 
loop_
_pdbx_entity_nonpoly.entity_id 
_pdbx_entity_nonpoly.name 
_pdbx_entity_nonpoly.comp_id 
2 
;5-[(3~{a}~{S},4~{S},6~{a}~{R})-2-oxidanylidene-1,3,3~{a},4,6,6~{a}-hexahydrothieno[3,4-d]imidazol-4-yl]-~{N}-[2-[6-(dimethylamino)-1,3-bis(oxidanylidene)benzo[de]isoquinolin-2-yl]ethyl]pentanamide
;
N9O 
3 water HOH 
# 
loop_
_entity_poly_seq.entity_id 
_entity_poly_seq.num 
_entity_poly_seq.mon_id 
_entity_poly_seq.hetero 
1 1   ALA n 
1 2   SER n 
1 3   MET n 
1 4   THR n 
1 5   GLY n 
1 6   GLY n 
1 7   GLN n 
1 8   GLN n 
1 9   MET n 
1 10  GLY n 
1 11  ARG n 
1 12  ASP n 
1 13  GLU n 
1 14  ALA n 
1 15  GLY n 
1 16  ILE n 
1 17  THR n 
1 18  GLY n 
1 19  THR n 
1 20  TRP n 
1 21  TYR n 
1 22  ASN n 
1 23  GLN n 
1 24  LEU n 
1 25  GLY n 
1 26  SER n 
1 27  THR n 
1 28  PHE n 
1 29  ILE n 
1 30  VAL n 
1 31  THR n 
1 32  ALA n 
1 33  GLY n 
1 34  ALA n 
1 35  ASP n 
1 36  GLY n 
1 37  ALA n 
1 38  LEU n 
1 39  THR n 
1 40  GLY n 
1 41  THR n 
1 42  TYR n 
1 43  GLU n 
1 44  SER n 
1 45  ALA n 
1 46  VAL n 
1 47  GLY n 
1 48  ASN n 
1 49  ALA n 
1 50  GLU n 
1 51  SER n 
1 52  ARG n 
1 53  TYR n 
1 54  VAL n 
1 55  LEU n 
1 56  THR n 
1 57  GLY n 
1 58  ARG n 
1 59  TYR n 
1 60  ASP n 
1 61  SER n 
1 62  ALA n 
1 63  PRO n 
1 64  ALA n 
1 65  THR n 
1 66  ASP n 
1 67  GLY n 
1 68  SER n 
1 69  GLY n 
1 70  THR n 
1 71  ALA n 
1 72  LEU n 
1 73  GLY n 
1 74  TRP n 
1 75  THR n 
1 76  VAL n 
1 77  ALA n 
1 78  TRP n 
1 79  LYS n 
1 80  ASN n 
1 81  ASN n 
1 82  TYR n 
1 83  ARG n 
1 84  ASN n 
1 85  ALA n 
1 86  HIS n 
1 87  SER n 
1 88  ALA n 
1 89  THR n 
1 90  THR n 
1 91  TRP n 
1 92  SER n 
1 93  GLY n 
1 94  GLN n 
1 95  TYR n 
1 96  VAL n 
1 97  GLY n 
1 98  GLY n 
1 99  ALA n 
1 100 GLU n 
1 101 ALA n 
1 102 ARG n 
1 103 ILE n 
1 104 ASN n 
1 105 THR n 
1 106 GLN n 
1 107 TRP n 
1 108 LEU n 
1 109 LEU n 
1 110 THR n 
1 111 SER n 
1 112 GLY n 
1 113 THR n 
1 114 THR n 
1 115 GLU n 
1 116 ALA n 
1 117 ASN n 
1 118 ALA n 
1 119 TRP n 
1 120 LYS n 
1 121 SER n 
1 122 THR n 
1 123 LEU n 
1 124 VAL n 
1 125 GLY n 
1 126 HIS n 
1 127 ASP n 
1 128 THR n 
1 129 PHE n 
1 130 THR n 
1 131 LYS n 
1 132 VAL n 
1 133 LYS n 
1 134 PRO n 
1 135 SER n 
1 136 ALA n 
1 137 ALA n 
1 138 SER n 
1 139 ILE n 
1 140 ASP n 
1 141 ALA n 
1 142 ALA n 
1 143 LYS n 
1 144 LYS n 
1 145 ALA n 
1 146 GLY n 
1 147 VAL n 
1 148 ASN n 
1 149 ASN n 
1 150 GLY n 
1 151 ASN n 
1 152 PRO n 
1 153 LEU n 
1 154 ASP n 
1 155 ALA n 
1 156 VAL n 
1 157 GLN n 
1 158 GLN n 
# 
_entity_src_gen.entity_id                          1 
_entity_src_gen.pdbx_src_id                        1 
_entity_src_gen.pdbx_alt_source_flag               sample 
_entity_src_gen.pdbx_seq_type                      'Biological sequence' 
_entity_src_gen.pdbx_beg_seq_num                   1 
_entity_src_gen.pdbx_end_seq_num                   158 
_entity_src_gen.gene_src_common_name               ? 
_entity_src_gen.gene_src_genus                     ? 
_entity_src_gen.pdbx_gene_src_gene                 ? 
_entity_src_gen.gene_src_species                   ? 
_entity_src_gen.gene_src_strain                    ? 
_entity_src_gen.gene_src_tissue                    ? 
_entity_src_gen.gene_src_tissue_fraction           ? 
_entity_src_gen.gene_src_details                   ? 
_entity_src_gen.pdbx_gene_src_fragment             ? 
_entity_src_gen.pdbx_gene_src_scientific_name      'Streptomyces avidinii' 
_entity_src_gen.pdbx_gene_src_ncbi_taxonomy_id     1895 
_entity_src_gen.pdbx_gene_src_variant              ? 
_entity_src_gen.pdbx_gene_src_cell_line            ? 
_entity_src_gen.pdbx_gene_src_atcc                 ? 
_entity_src_gen.pdbx_gene_src_organ                ? 
_entity_src_gen.pdbx_gene_src_organelle            ? 
_entity_src_gen.pdbx_gene_src_cell                 ? 
_entity_src_gen.pdbx_gene_src_cellular_location    ? 
_entity_src_gen.host_org_common_name               ? 
_entity_src_gen.pdbx_host_org_scientific_name      'Escherichia coli' 
_entity_src_gen.pdbx_host_org_ncbi_taxonomy_id     562 
_entity_src_gen.host_org_genus                     ? 
_entity_src_gen.pdbx_host_org_gene                 ? 
_entity_src_gen.pdbx_host_org_organ                ? 
_entity_src_gen.host_org_species                   ? 
_entity_src_gen.pdbx_host_org_tissue               ? 
_entity_src_gen.pdbx_host_org_tissue_fraction      ? 
_entity_src_gen.pdbx_host_org_strain               ? 
_entity_src_gen.pdbx_host_org_variant              ? 
_entity_src_gen.pdbx_host_org_cell_line            ? 
_entity_src_gen.pdbx_host_org_atcc                 ? 
_entity_src_gen.pdbx_host_org_culture_collection   ? 
_entity_src_gen.pdbx_host_org_cell                 ? 
_entity_src_gen.pdbx_host_org_organelle            ? 
_entity_src_gen.pdbx_host_org_cellular_location    ? 
_entity_src_gen.pdbx_host_org_vector_type          ? 
_entity_src_gen.pdbx_host_org_vector               ? 
_entity_src_gen.host_org_details                   ? 
_entity_src_gen.expression_system_id               ? 
_entity_src_gen.plasmid_name                       ? 
_entity_src_gen.plasmid_details                    ? 
_entity_src_gen.pdbx_description                   ? 
# 
loop_
_chem_comp.id 
_chem_comp.type 
_chem_comp.mon_nstd_flag 
_chem_comp.name 
_chem_comp.pdbx_synonyms 
_chem_comp.formula 
_chem_comp.formula_weight 
ALA 'L-peptide linking' y ALANINE ? 'C3 H7 N O2'      89.093  
ARG 'L-peptide linking' y ARGININE ? 'C6 H15 N4 O2 1'  175.209 
ASN 'L-peptide linking' y ASPARAGINE ? 'C4 H8 N2 O3'     132.118 
ASP 'L-peptide linking' y 'ASPARTIC ACID' ? 'C4 H7 N O4'      133.103 
GLN 'L-peptide linking' y GLUTAMINE ? 'C5 H10 N2 O3'    146.144 
GLU 'L-peptide linking' y 'GLUTAMIC ACID' ? 'C5 H9 N O4'      147.129 
GLY 'peptide linking'   y GLYCINE ? 'C2 H5 N O2'      75.067  
HIS 'L-peptide linking' y HISTIDINE ? 'C6 H10 N3 O2 1'  156.162 
HOH non-polymer         . WATER ? 'H2 O'            18.015  
ILE 'L-peptide linking' y ISOLEUCINE ? 'C6 H13 N O2'     131.173 
LEU 'L-peptide linking' y LEUCINE ? 'C6 H13 N O2'     131.173 
LYS 'L-peptide linking' y LYSINE ? 'C6 H15 N2 O2 1'  147.195 
MET 'L-peptide linking' y METHIONINE ? 'C5 H11 N O2 S'   149.211 
N9O non-polymer         . 
;5-[(3~{a}~{S},4~{S},6~{a}~{R})-2-oxidanylidene-1,3,3~{a},4,6,6~{a}-hexahydrothieno[3,4-d]imidazol-4-yl]-~{N}-[2-[6-(dimethylamino)-1,3-bis(oxidanylidene)benzo[de]isoquinolin-2-yl]ethyl]pentanamide
;
? 'C26 H31 N5 O4 S' 509.620 
PHE 'L-peptide linking' y PHENYLALANINE ? 'C9 H11 N O2'     165.189 
PRO 'L-peptide linking' y PROLINE ? 'C5 H9 N O2'      115.130 
SER 'L-peptide linking' y SERINE ? 'C3 H7 N O3'      105.093 
THR 'L-peptide linking' y THREONINE ? 'C4 H9 N O3'      119.119 
TRP 'L-peptide linking' y TRYPTOPHAN ? 'C11 H12 N2 O2'   204.225 
TYR 'L-peptide linking' y TYROSINE ? 'C9 H11 N O3'     181.189 
VAL 'L-peptide linking' y VALINE ? 'C5 H11 N O2'     117.146 
# 
loop_
_pdbx_poly_seq_scheme.asym_id 
_pdbx_poly_seq_scheme.entity_id 
_pdbx_poly_seq_scheme.seq_id 
_pdbx_poly_seq_scheme.mon_id 
_pdbx_poly_seq_scheme.ndb_seq_num 
_pdbx_poly_seq_scheme.pdb_seq_num 
_pdbx_poly_seq_scheme.auth_seq_num 
_pdbx_poly_seq_scheme.pdb_mon_id 
_pdbx_poly_seq_scheme.auth_mon_id 
_pdbx_poly_seq_scheme.pdb_strand_id 
_pdbx_poly_seq_scheme.pdb_ins_code 
_pdbx_poly_seq_scheme.hetero 
A 1 1   ALA 1   2   ?   ?   ?   A . n 
A 1 2   SER 2   3   ?   ?   ?   A . n 
A 1 3   MET 3   4   ?   ?   ?   A . n 
A 1 4   THR 4   5   ?   ?   ?   A . n 
A 1 5   GLY 5   6   ?   ?   ?   A . n 
A 1 6   GLY 6   7   ?   ?   ?   A . n 
A 1 7   GLN 7   8   ?   ?   ?   A . n 
A 1 8   GLN 8   9   ?   ?   ?   A . n 
A 1 9   MET 9   10  10  MET MET A . n 
A 1 10  GLY 10  11  11  GLY GLY A . n 
A 1 11  ARG 11  12  12  ARG ARG A . n 
A 1 12  ASP 12  13  13  ASP ASP A . n 
A 1 13  GLU 13  14  14  GLU GLU A . n 
A 1 14  ALA 14  15  15  ALA ALA A . n 
A 1 15  GLY 15  16  16  GLY GLY A . n 
A 1 16  ILE 16  17  17  ILE ILE A . n 
A 1 17  THR 17  18  18  THR THR A . n 
A 1 18  GLY 18  19  19  GLY GLY A . n 
A 1 19  THR 19  20  20  THR THR A . n 
A 1 20  TRP 20  21  21  TRP TRP A . n 
A 1 21  TYR 21  22  22  TYR TYR A . n 
A 1 22  ASN 22  23  23  ASN ASN A . n 
A 1 23  GLN 23  24  24  GLN GLN A . n 
A 1 24  LEU 24  25  25  LEU LEU A . n 
A 1 25  GLY 25  26  26  GLY GLY A . n 
A 1 26  SER 26  27  27  SER SER A . n 
A 1 27  THR 27  28  28  THR THR A . n 
A 1 28  PHE 28  29  29  PHE PHE A . n 
A 1 29  ILE 29  30  30  ILE ILE A . n 
A 1 30  VAL 30  31  31  VAL VAL A . n 
A 1 31  THR 31  32  32  THR THR A . n 
A 1 32  ALA 32  33  33  ALA ALA A . n 
A 1 33  GLY 33  34  34  GLY GLY A . n 
A 1 34  ALA 34  35  35  ALA ALA A . n 
A 1 35  ASP 35  36  36  ASP ASP A . n 
A 1 36  GLY 36  37  37  GLY GLY A . n 
A 1 37  ALA 37  38  38  ALA ALA A . n 
A 1 38  LEU 38  39  39  LEU LEU A . n 
A 1 39  THR 39  40  40  THR THR A . n 
A 1 40  GLY 40  41  41  GLY GLY A . n 
A 1 41  THR 41  42  42  THR THR A . n 
A 1 42  TYR 42  43  43  TYR TYR A . n 
A 1 43  GLU 43  44  44  GLU GLU A . n 
A 1 44  SER 44  45  45  SER SER A . n 
A 1 45  ALA 45  46  46  ALA ALA A . n 
A 1 46  VAL 46  47  47  VAL VAL A . n 
A 1 47  GLY 47  48  48  GLY GLY A . n 
A 1 48  ASN 48  49  49  ASN ASN A . n 
A 1 49  ALA 49  50  50  ALA ALA A . n 
A 1 50  GLU 50  51  51  GLU GLU A . n 
A 1 51  SER 51  52  52  SER SER A . n 
A 1 52  ARG 52  53  53  ARG ARG A . n 
A 1 53  TYR 53  54  54  TYR TYR A . n 
A 1 54  VAL 54  55  55  VAL VAL A . n 
A 1 55  LEU 55  56  56  LEU LEU A . n 
A 1 56  THR 56  57  57  THR THR A . n 
A 1 57  GLY 57  58  58  GLY GLY A . n 
A 1 58  ARG 58  59  59  ARG ARG A . n 
A 1 59  TYR 59  60  60  TYR TYR A . n 
A 1 60  ASP 60  61  61  ASP ASP A . n 
A 1 61  SER 61  62  62  SER SER A . n 
A 1 62  ALA 62  63  63  ALA ALA A . n 
A 1 63  PRO 63  64  64  PRO PRO A . n 
A 1 64  ALA 64  65  65  ALA ALA A . n 
A 1 65  THR 65  66  66  THR THR A . n 
A 1 66  ASP 66  67  67  ASP ASP A . n 
A 1 67  GLY 67  68  68  GLY GLY A . n 
A 1 68  SER 68  69  69  SER SER A . n 
A 1 69  GLY 69  70  70  GLY GLY A . n 
A 1 70  THR 70  71  71  THR THR A . n 
A 1 71  ALA 71  72  72  ALA ALA A . n 
A 1 72  LEU 72  73  73  LEU LEU A . n 
A 1 73  GLY 73  74  74  GLY GLY A . n 
A 1 74  TRP 74  75  75  TRP TRP A . n 
A 1 75  THR 75  76  76  THR THR A . n 
A 1 76  VAL 76  77  77  VAL VAL A . n 
A 1 77  ALA 77  78  78  ALA ALA A . n 
A 1 78  TRP 78  79  79  TRP TRP A . n 
A 1 79  LYS 79  80  80  LYS LYS A . n 
A 1 80  ASN 80  81  81  ASN ASN A . n 
A 1 81  ASN 81  82  82  ASN ASN A . n 
A 1 82  TYR 82  83  83  TYR TYR A . n 
A 1 83  ARG 83  84  84  ARG ARG A . n 
A 1 84  ASN 84  85  85  ASN ASN A . n 
A 1 85  ALA 85  86  86  ALA ALA A . n 
A 1 86  HIS 86  87  87  HIS HIS A . n 
A 1 87  SER 87  88  88  SER SER A . n 
A 1 88  ALA 88  89  89  ALA ALA A . n 
A 1 89  THR 89  90  90  THR THR A . n 
A 1 90  THR 90  91  91  THR THR A . n 
A 1 91  TRP 91  92  92  TRP TRP A . n 
A 1 92  SER 92  93  93  SER SER A . n 
A 1 93  GLY 93  94  94  GLY GLY A . n 
A 1 94  GLN 94  95  95  GLN GLN A . n 
A 1 95  TYR 95  96  96  TYR TYR A . n 
A 1 96  VAL 96  97  97  VAL VAL A . n 
A 1 97  GLY 97  98  98  GLY GLY A . n 
A 1 98  GLY 98  99  99  GLY GLY A . n 
A 1 99  ALA 99  100 100 ALA ALA A . n 
A 1 100 GLU 100 101 101 GLU GLU A . n 
A 1 101 ALA 101 102 102 ALA ALA A . n 
A 1 102 ARG 102 103 103 ARG ARG A . n 
A 1 103 ILE 103 104 104 ILE ILE A . n 
A 1 104 ASN 104 105 105 ASN ASN A . n 
A 1 105 THR 105 106 106 THR THR A . n 
A 1 106 GLN 106 107 107 GLN GLN A . n 
A 1 107 TRP 107 108 108 TRP TRP A . n 
A 1 108 LEU 108 109 109 LEU LEU A . n 
A 1 109 LEU 109 110 110 LEU LEU A . n 
A 1 110 THR 110 111 111 THR THR A . n 
A 1 111 SER 111 112 112 SER SER A . n 
A 1 112 GLY 112 113 113 GLY GLY A . n 
A 1 113 THR 113 114 114 THR THR A . n 
A 1 114 THR 114 115 115 THR THR A . n 
A 1 115 GLU 115 116 116 GLU GLU A . n 
A 1 116 ALA 116 117 117 ALA ALA A . n 
A 1 117 ASN 117 118 118 ASN ASN A . n 
A 1 118 ALA 118 119 119 ALA ALA A . n 
A 1 119 TRP 119 120 120 TRP TRP A . n 
A 1 120 LYS 120 121 121 LYS LYS A . n 
A 1 121 SER 121 122 122 SER SER A . n 
A 1 122 THR 122 123 123 THR THR A . n 
A 1 123 LEU 123 124 124 LEU LEU A . n 
A 1 124 VAL 124 125 125 VAL VAL A . n 
A 1 125 GLY 125 126 126 GLY GLY A . n 
A 1 126 HIS 126 127 127 HIS HIS A . n 
A 1 127 ASP 127 128 128 ASP ASP A . n 
A 1 128 THR 128 129 129 THR THR A . n 
A 1 129 PHE 129 130 130 PHE PHE A . n 
A 1 130 THR 130 131 131 THR THR A . n 
A 1 131 LYS 131 132 132 LYS LYS A . n 
A 1 132 VAL 132 133 133 VAL VAL A . n 
A 1 133 LYS 133 134 134 LYS LYS A . n 
A 1 134 PRO 134 135 ?   ?   ?   A . n 
A 1 135 SER 135 136 ?   ?   ?   A . n 
A 1 136 ALA 136 137 ?   ?   ?   A . n 
A 1 137 ALA 137 138 ?   ?   ?   A . n 
A 1 138 SER 138 139 ?   ?   ?   A . n 
A 1 139 ILE 139 140 ?   ?   ?   A . n 
A 1 140 ASP 140 141 ?   ?   ?   A . n 
A 1 141 ALA 141 142 ?   ?   ?   A . n 
A 1 142 ALA 142 143 ?   ?   ?   A . n 
A 1 143 LYS 143 144 ?   ?   ?   A . n 
A 1 144 LYS 144 145 ?   ?   ?   A . n 
A 1 145 ALA 145 146 ?   ?   ?   A . n 
A 1 146 GLY 146 147 ?   ?   ?   A . n 
A 1 147 VAL 147 148 ?   ?   ?   A . n 
A 1 148 ASN 148 149 ?   ?   ?   A . n 
A 1 149 ASN 149 150 ?   ?   ?   A . n 
A 1 150 GLY 150 151 ?   ?   ?   A . n 
A 1 151 ASN 151 152 ?   ?   ?   A . n 
A 1 152 PRO 152 153 ?   ?   ?   A . n 
A 1 153 LEU 153 154 ?   ?   ?   A . n 
A 1 154 ASP 154 155 ?   ?   ?   A . n 
A 1 155 ALA 155 156 ?   ?   ?   A . n 
A 1 156 VAL 156 157 ?   ?   ?   A . n 
A 1 157 GLN 157 158 ?   ?   ?   A . n 
A 1 158 GLN 158 159 ?   ?   ?   A . n 
# 
loop_
_pdbx_nonpoly_scheme.asym_id 
_pdbx_nonpoly_scheme.entity_id 
_pdbx_nonpoly_scheme.mon_id 
_pdbx_nonpoly_scheme.ndb_seq_num 
_pdbx_nonpoly_scheme.pdb_seq_num 
_pdbx_nonpoly_scheme.auth_seq_num 
_pdbx_nonpoly_scheme.pdb_mon_id 
_pdbx_nonpoly_scheme.auth_mon_id 
_pdbx_nonpoly_scheme.pdb_strand_id 
_pdbx_nonpoly_scheme.pdb_ins_code 
B 2 N9O 1  201 201 N9O XXX A . 
C 3 HOH 1  301 16  HOH HOH A . 
C 3 HOH 2  302 17  HOH HOH A . 
C 3 HOH 3  303 37  HOH HOH A . 
C 3 HOH 4  304 43  HOH HOH A . 
C 3 HOH 5  305 6   HOH HOH A . 
C 3 HOH 6  306 49  HOH HOH A . 
C 3 HOH 7  307 33  HOH HOH A . 
C 3 HOH 8  308 2   HOH HOH A . 
C 3 HOH 9  309 29  HOH HOH A . 
C 3 HOH 10 310 47  HOH HOH A . 
C 3 HOH 11 311 35  HOH HOH A . 
C 3 HOH 12 312 23  HOH HOH A . 
C 3 HOH 13 313 18  HOH HOH A . 
C 3 HOH 14 314 51  HOH HOH A . 
C 3 HOH 15 315 27  HOH HOH A . 
C 3 HOH 16 316 22  HOH HOH A . 
C 3 HOH 17 317 11  HOH HOH A . 
C 3 HOH 18 318 24  HOH HOH A . 
C 3 HOH 19 319 21  HOH HOH A . 
C 3 HOH 20 320 19  HOH HOH A . 
C 3 HOH 21 321 42  HOH HOH A . 
C 3 HOH 22 322 32  HOH HOH A . 
C 3 HOH 23 323 13  HOH HOH A . 
C 3 HOH 24 324 7   HOH HOH A . 
C 3 HOH 25 325 14  HOH HOH A . 
C 3 HOH 26 326 30  HOH HOH A . 
C 3 HOH 27 327 28  HOH HOH A . 
C 3 HOH 28 328 3   HOH HOH A . 
C 3 HOH 29 329 26  HOH HOH A . 
C 3 HOH 30 330 44  HOH HOH A . 
C 3 HOH 31 331 36  HOH HOH A . 
C 3 HOH 32 332 9   HOH HOH A . 
C 3 HOH 33 333 50  HOH HOH A . 
C 3 HOH 34 334 12  HOH HOH A . 
C 3 HOH 35 335 34  HOH HOH A . 
C 3 HOH 36 336 4   HOH HOH A . 
C 3 HOH 37 337 5   HOH HOH A . 
C 3 HOH 38 338 15  HOH HOH A . 
C 3 HOH 39 339 20  HOH HOH A . 
C 3 HOH 40 340 10  HOH HOH A . 
C 3 HOH 41 341 25  HOH HOH A . 
C 3 HOH 42 342 39  HOH HOH A . 
C 3 HOH 43 343 8   HOH HOH A . 
C 3 HOH 44 344 40  HOH HOH A . 
C 3 HOH 45 345 31  HOH HOH A . 
C 3 HOH 46 346 45  HOH HOH A . 
C 3 HOH 47 347 41  HOH HOH A . 
C 3 HOH 48 348 38  HOH HOH A . 
# 
loop_
_software.citation_id 
_software.classification 
_software.compiler_name 
_software.compiler_version 
_software.contact_author 
_software.contact_author_email 
_software.date 
_software.description 
_software.dependencies 
_software.hardware 
_software.language 
_software.location 
_software.mods 
_software.name 
_software.os 
_software.os_version 
_software.type 
_software.version 
_software.pdbx_ordinal 
? 'data scaling'    ? ? ? ? ? ? ? ? ? ? ? Aimless     ? ? ? .        1 
? refinement        ? ? ? ? ? ? ? ? ? ? ? REFMAC      ? ? ? 5.8.0352 2 
? 'data extraction' ? ? ? ? ? ? ? ? ? ? ? PDB_EXTRACT ? ? ? 3.27     3 
? 'data reduction'  ? ? ? ? ? ? ? ? ? ? ? XDS         ? ? ? .        4 
? phasing           ? ? ? ? ? ? ? ? ? ? ? PHASER      ? ? ? .        5 
# 
_cell.angle_alpha                  90.000 
_cell.angle_alpha_esd              ? 
_cell.angle_beta                   90.000 
_cell.angle_beta_esd               ? 
_cell.angle_gamma                  90.000 
_cell.angle_gamma_esd              ? 
_cell.entry_id                     8AQJ 
_cell.details                      ? 
_cell.formula_units_Z              ? 
_cell.length_a                     57.345 
_cell.length_a_esd                 ? 
_cell.length_b                     57.345 
_cell.length_b_esd                 ? 
_cell.length_c                     174.447 
_cell.length_c_esd                 ? 
_cell.volume                       ? 
_cell.volume_esd                   ? 
_cell.Z_PDB                        16 
_cell.reciprocal_angle_alpha       ? 
_cell.reciprocal_angle_beta        ? 
_cell.reciprocal_angle_gamma       ? 
_cell.reciprocal_angle_alpha_esd   ? 
_cell.reciprocal_angle_beta_esd    ? 
_cell.reciprocal_angle_gamma_esd   ? 
_cell.reciprocal_length_a          ? 
_cell.reciprocal_length_b          ? 
_cell.reciprocal_length_c          ? 
_cell.reciprocal_length_a_esd      ? 
_cell.reciprocal_length_b_esd      ? 
_cell.reciprocal_length_c_esd      ? 
_cell.pdbx_unique_axis             ? 
_cell.pdbx_esd_method              ? 
# 
_symmetry.entry_id                         8AQJ 
_symmetry.cell_setting                     ? 
_symmetry.Int_Tables_number                98 
_symmetry.space_group_name_Hall            ? 
_symmetry.space_group_name_H-M             'I 41 2 2' 
_symmetry.pdbx_full_space_group_name_H-M   ? 
# 
_exptl.absorpt_coefficient_mu     ? 
_exptl.absorpt_correction_T_max   ? 
_exptl.absorpt_correction_T_min   ? 
_exptl.absorpt_correction_type    ? 
_exptl.absorpt_process_details    ? 
_exptl.entry_id                   8AQJ 
_exptl.crystals_number            1 
_exptl.details                    ? 
_exptl.method                     'X-RAY DIFFRACTION' 
_exptl.method_details             ? 
# 
_exptl_crystal.colour                       ? 
_exptl_crystal.density_diffrn               ? 
_exptl_crystal.density_Matthews             2.18 
_exptl_crystal.density_method               ? 
_exptl_crystal.density_percent_sol          43.60 
_exptl_crystal.description                  ? 
_exptl_crystal.F_000                        ? 
_exptl_crystal.id                           1 
_exptl_crystal.preparation                  ? 
_exptl_crystal.size_max                     ? 
_exptl_crystal.size_mid                     ? 
_exptl_crystal.size_min                     ? 
_exptl_crystal.size_rad                     ? 
_exptl_crystal.colour_lustre                ? 
_exptl_crystal.colour_modifier              ? 
_exptl_crystal.colour_primary               ? 
_exptl_crystal.density_meas                 ? 
_exptl_crystal.density_meas_esd             ? 
_exptl_crystal.density_meas_gt              ? 
_exptl_crystal.density_meas_lt              ? 
_exptl_crystal.density_meas_temp            ? 
_exptl_crystal.density_meas_temp_esd        ? 
_exptl_crystal.density_meas_temp_gt         ? 
_exptl_crystal.density_meas_temp_lt         ? 
_exptl_crystal.pdbx_crystal_image_url       ? 
_exptl_crystal.pdbx_crystal_image_format    ? 
_exptl_crystal.pdbx_mosaicity               ? 
_exptl_crystal.pdbx_mosaicity_esd           ? 
_exptl_crystal.pdbx_mosaic_method           ? 
_exptl_crystal.pdbx_mosaic_block_size       ? 
_exptl_crystal.pdbx_mosaic_block_size_esd   ? 
# 
_exptl_crystal_grow.apparatus       ? 
_exptl_crystal_grow.atmosphere      ? 
_exptl_crystal_grow.crystal_id      1 
_exptl_crystal_grow.details         ? 
_exptl_crystal_grow.method          'VAPOR DIFFUSION, SITTING DROP' 
_exptl_crystal_grow.method_ref      ? 
_exptl_crystal_grow.pH              4.0 
_exptl_crystal_grow.pressure        ? 
_exptl_crystal_grow.pressure_esd    ? 
_exptl_crystal_grow.seeding         ? 
_exptl_crystal_grow.seeding_ref     ? 
_exptl_crystal_grow.temp            293 
_exptl_crystal_grow.temp_details    ? 
_exptl_crystal_grow.temp_esd        ? 
_exptl_crystal_grow.time            ? 
_exptl_crystal_grow.pdbx_details    
;25 % w/v PEG 3350
0.1 M sodium acetate pH 4.0
;
_exptl_crystal_grow.pdbx_pH_range   ? 
# 
_diffrn.ambient_environment              ? 
_diffrn.ambient_temp                     100 
_diffrn.ambient_temp_details             ? 
_diffrn.ambient_temp_esd                 ? 
_diffrn.crystal_id                       1 
_diffrn.crystal_support                  ? 
_diffrn.crystal_treatment                ? 
_diffrn.details                          ? 
_diffrn.id                               1 
_diffrn.ambient_pressure                 ? 
_diffrn.ambient_pressure_esd             ? 
_diffrn.ambient_pressure_gt              ? 
_diffrn.ambient_pressure_lt              ? 
_diffrn.ambient_temp_gt                  ? 
_diffrn.ambient_temp_lt                  ? 
_diffrn.pdbx_serial_crystal_experiment   N 
# 
_diffrn_detector.details                      ? 
_diffrn_detector.detector                     PIXEL 
_diffrn_detector.diffrn_id                    1 
_diffrn_detector.type                         'DECTRIS EIGER X 16M' 
_diffrn_detector.area_resol_mean              ? 
_diffrn_detector.dtime                        ? 
_diffrn_detector.pdbx_frames_total            ? 
_diffrn_detector.pdbx_collection_time_total   ? 
_diffrn_detector.pdbx_collection_date         2022-07-02 
_diffrn_detector.pdbx_frequency               ? 
# 
_diffrn_radiation.collimation                      ? 
_diffrn_radiation.diffrn_id                        1 
_diffrn_radiation.filter_edge                      ? 
_diffrn_radiation.inhomogeneity                    ? 
_diffrn_radiation.monochromator                    ? 
_diffrn_radiation.polarisn_norm                    ? 
_diffrn_radiation.polarisn_ratio                   ? 
_diffrn_radiation.probe                            ? 
_diffrn_radiation.type                             ? 
_diffrn_radiation.xray_symbol                      ? 
_diffrn_radiation.wavelength_id                    1 
_diffrn_radiation.pdbx_monochromatic_or_laue_m_l   M 
_diffrn_radiation.pdbx_wavelength_list             ? 
_diffrn_radiation.pdbx_wavelength                  ? 
_diffrn_radiation.pdbx_diffrn_protocol             'SINGLE WAVELENGTH' 
_diffrn_radiation.pdbx_analyzer                    ? 
_diffrn_radiation.pdbx_scattering_type             x-ray 
# 
_diffrn_radiation_wavelength.id           1 
_diffrn_radiation_wavelength.wavelength   1.0000413700316724 
_diffrn_radiation_wavelength.wt           1.0 
# 
_diffrn_source.current                     ? 
_diffrn_source.details                     ? 
_diffrn_source.diffrn_id                   1 
_diffrn_source.power                       ? 
_diffrn_source.size                        ? 
_diffrn_source.source                      SYNCHROTRON 
_diffrn_source.target                      ? 
_diffrn_source.type                        'SLS BEAMLINE X06SA' 
_diffrn_source.voltage                     ? 
_diffrn_source.take-off_angle              ? 
_diffrn_source.pdbx_wavelength_list        1.0000413700316724 
_diffrn_source.pdbx_wavelength             ? 
_diffrn_source.pdbx_synchrotron_beamline   X06SA 
_diffrn_source.pdbx_synchrotron_site       SLS 
# 
_reflns.B_iso_Wilson_estimate                          ? 
_reflns.entry_id                                       8AQJ 
_reflns.data_reduction_details                         ? 
_reflns.data_reduction_method                          ? 
_reflns.d_resolution_high                              1.85 
_reflns.d_resolution_low                               43.61 
_reflns.details                                        ? 
_reflns.limit_h_max                                    ? 
_reflns.limit_h_min                                    ? 
_reflns.limit_k_max                                    ? 
_reflns.limit_k_min                                    ? 
_reflns.limit_l_max                                    ? 
_reflns.limit_l_min                                    ? 
_reflns.number_all                                     ? 
_reflns.number_obs                                     12929 
_reflns.observed_criterion                             ? 
_reflns.observed_criterion_F_max                       ? 
_reflns.observed_criterion_F_min                       ? 
_reflns.observed_criterion_I_max                       ? 
_reflns.observed_criterion_I_min                       ? 
_reflns.observed_criterion_sigma_F                     ? 
_reflns.observed_criterion_sigma_I                     ? 
_reflns.percent_possible_obs                           100 
_reflns.R_free_details                                 ? 
_reflns.Rmerge_F_all                                   ? 
_reflns.Rmerge_F_obs                                   ? 
_reflns.Friedel_coverage                               ? 
_reflns.number_gt                                      ? 
_reflns.threshold_expression                           ? 
_reflns.pdbx_redundancy                                20 
_reflns.pdbx_Rmerge_I_obs                              ? 
_reflns.pdbx_Rmerge_I_all                              ? 
_reflns.pdbx_Rsym_value                                ? 
_reflns.pdbx_netI_over_av_sigmaI                       ? 
_reflns.pdbx_netI_over_sigmaI                          23.1 
_reflns.pdbx_res_netI_over_av_sigmaI_2                 ? 
_reflns.pdbx_res_netI_over_sigmaI_2                    ? 
_reflns.pdbx_chi_squared                               ? 
_reflns.pdbx_scaling_rejects                           ? 
_reflns.pdbx_d_res_high_opt                            ? 
_reflns.pdbx_d_res_low_opt                             ? 
_reflns.pdbx_d_res_opt_method                          ? 
_reflns.phase_calculation_details                      ? 
_reflns.pdbx_Rrim_I_all                                ? 
_reflns.pdbx_Rpim_I_all                                ? 
_reflns.pdbx_d_opt                                     ? 
_reflns.pdbx_number_measured_all                       ? 
_reflns.pdbx_diffrn_id                                 1 
_reflns.pdbx_ordinal                                   1 
_reflns.pdbx_CC_half                                   0.999 
_reflns.pdbx_CC_star                                   ? 
_reflns.pdbx_R_split                                   ? 
_reflns.pdbx_aniso_diffraction_limit_axis_1_ortho[1]   ? 
_reflns.pdbx_aniso_diffraction_limit_axis_1_ortho[2]   ? 
_reflns.pdbx_aniso_diffraction_limit_axis_1_ortho[3]   ? 
_reflns.pdbx_aniso_diffraction_limit_axis_2_ortho[1]   ? 
_reflns.pdbx_aniso_diffraction_limit_axis_2_ortho[2]   ? 
_reflns.pdbx_aniso_diffraction_limit_axis_2_ortho[3]   ? 
_reflns.pdbx_aniso_diffraction_limit_axis_3_ortho[1]   ? 
_reflns.pdbx_aniso_diffraction_limit_axis_3_ortho[2]   ? 
_reflns.pdbx_aniso_diffraction_limit_axis_3_ortho[3]   ? 
_reflns.pdbx_aniso_diffraction_limit_1                 ? 
_reflns.pdbx_aniso_diffraction_limit_2                 ? 
_reflns.pdbx_aniso_diffraction_limit_3                 ? 
_reflns.pdbx_aniso_B_tensor_eigenvector_1_ortho[1]     ? 
_reflns.pdbx_aniso_B_tensor_eigenvector_1_ortho[2]     ? 
_reflns.pdbx_aniso_B_tensor_eigenvector_1_ortho[3]     ? 
_reflns.pdbx_aniso_B_tensor_eigenvector_2_ortho[1]     ? 
_reflns.pdbx_aniso_B_tensor_eigenvector_2_ortho[2]     ? 
_reflns.pdbx_aniso_B_tensor_eigenvector_2_ortho[3]     ? 
_reflns.pdbx_aniso_B_tensor_eigenvector_3_ortho[1]     ? 
_reflns.pdbx_aniso_B_tensor_eigenvector_3_ortho[2]     ? 
_reflns.pdbx_aniso_B_tensor_eigenvector_3_ortho[3]     ? 
_reflns.pdbx_aniso_B_tensor_eigenvalue_1               ? 
_reflns.pdbx_aniso_B_tensor_eigenvalue_2               ? 
_reflns.pdbx_aniso_B_tensor_eigenvalue_3               ? 
_reflns.pdbx_orthogonalization_convention              ? 
_reflns.pdbx_percent_possible_ellipsoidal              ? 
_reflns.pdbx_percent_possible_spherical                ? 
_reflns.pdbx_percent_possible_ellipsoidal_anomalous    ? 
_reflns.pdbx_percent_possible_spherical_anomalous      ? 
_reflns.pdbx_redundancy_anomalous                      ? 
_reflns.pdbx_CC_half_anomalous                         ? 
_reflns.pdbx_absDiff_over_sigma_anomalous              ? 
_reflns.pdbx_percent_possible_anomalous                ? 
_reflns.pdbx_observed_signal_threshold                 ? 
_reflns.pdbx_signal_type                               ? 
_reflns.pdbx_signal_details                            ? 
_reflns.pdbx_signal_software_id                        ? 
_reflns.pdbx_CC_split_method                           ? 
# 
_reflns_shell.d_res_high                                    1.85 
_reflns_shell.d_res_low                                     1.89 
_reflns_shell.meanI_over_sigI_all                           ? 
_reflns_shell.meanI_over_sigI_obs                           ? 
_reflns_shell.number_measured_all                           ? 
_reflns_shell.number_measured_obs                           ? 
_reflns_shell.number_possible                               ? 
_reflns_shell.number_unique_all                             ? 
_reflns_shell.number_unique_obs                             750 
_reflns_shell.percent_possible_all                          ? 
_reflns_shell.percent_possible_obs                          ? 
_reflns_shell.Rmerge_F_all                                  ? 
_reflns_shell.Rmerge_F_obs                                  ? 
_reflns_shell.Rmerge_I_all                                  ? 
_reflns_shell.Rmerge_I_obs                                  ? 
_reflns_shell.meanI_over_sigI_gt                            ? 
_reflns_shell.meanI_over_uI_all                             ? 
_reflns_shell.meanI_over_uI_gt                              ? 
_reflns_shell.number_measured_gt                            ? 
_reflns_shell.number_unique_gt                              ? 
_reflns_shell.percent_possible_gt                           ? 
_reflns_shell.Rmerge_F_gt                                   ? 
_reflns_shell.Rmerge_I_gt                                   ? 
_reflns_shell.pdbx_redundancy                               ? 
_reflns_shell.pdbx_Rsym_value                               ? 
_reflns_shell.pdbx_chi_squared                              ? 
_reflns_shell.pdbx_netI_over_sigmaI_all                     ? 
_reflns_shell.pdbx_netI_over_sigmaI_obs                     ? 
_reflns_shell.pdbx_Rrim_I_all                               ? 
_reflns_shell.pdbx_Rpim_I_all                               ? 
_reflns_shell.pdbx_rejects                                  ? 
_reflns_shell.pdbx_ordinal                                  1 
_reflns_shell.pdbx_diffrn_id                                1 
_reflns_shell.pdbx_CC_half                                  0.993 
_reflns_shell.pdbx_CC_star                                  ? 
_reflns_shell.pdbx_R_split                                  ? 
_reflns_shell.pdbx_percent_possible_ellipsoidal             ? 
_reflns_shell.pdbx_percent_possible_spherical               ? 
_reflns_shell.pdbx_percent_possible_ellipsoidal_anomalous   ? 
_reflns_shell.pdbx_percent_possible_spherical_anomalous     ? 
_reflns_shell.pdbx_redundancy_anomalous                     ? 
_reflns_shell.pdbx_CC_half_anomalous                        ? 
_reflns_shell.pdbx_absDiff_over_sigma_anomalous             ? 
_reflns_shell.pdbx_percent_possible_anomalous               ? 
# 
_refine.aniso_B[1][1]                            -1.4100 
_refine.aniso_B[1][2]                            -0.0000 
_refine.aniso_B[1][3]                            0.0000 
_refine.aniso_B[2][2]                            -1.4100 
_refine.aniso_B[2][3]                            0.0000 
_refine.aniso_B[3][3]                            2.8200 
_refine.B_iso_max                                109.130 
_refine.B_iso_mean                               28.7080 
_refine.B_iso_min                                14.740 
_refine.correlation_coeff_Fo_to_Fc               0.9490 
_refine.correlation_coeff_Fo_to_Fc_free          0.9270 
_refine.details                                  
'HYDROGENS HAVE BEEN ADDED IN THE RIDING POSITIONS U VALUES      : REFINED INDIVIDUALLY' 
_refine.diff_density_max                         ? 
_refine.diff_density_max_esd                     ? 
_refine.diff_density_min                         ? 
_refine.diff_density_min_esd                     ? 
_refine.diff_density_rms                         ? 
_refine.diff_density_rms_esd                     ? 
_refine.entry_id                                 8AQJ 
_refine.pdbx_refine_id                           'X-RAY DIFFRACTION' 
_refine.ls_abs_structure_details                 ? 
_refine.ls_abs_structure_Flack                   ? 
_refine.ls_abs_structure_Flack_esd               ? 
_refine.ls_abs_structure_Rogers                  ? 
_refine.ls_abs_structure_Rogers_esd              ? 
_refine.ls_d_res_high                            1.8500 
_refine.ls_d_res_low                             43.61 
_refine.ls_extinction_coef                       ? 
_refine.ls_extinction_coef_esd                   ? 
_refine.ls_extinction_expression                 ? 
_refine.ls_extinction_method                     ? 
_refine.ls_goodness_of_fit_all                   ? 
_refine.ls_goodness_of_fit_all_esd               ? 
_refine.ls_goodness_of_fit_obs                   ? 
_refine.ls_goodness_of_fit_obs_esd               ? 
_refine.ls_hydrogen_treatment                    ? 
_refine.ls_matrix_type                           ? 
_refine.ls_number_constraints                    ? 
_refine.ls_number_parameters                     ? 
_refine.ls_number_reflns_all                     ? 
_refine.ls_number_reflns_obs                     12239 
_refine.ls_number_reflns_R_free                  655 
_refine.ls_number_reflns_R_work                  ? 
_refine.ls_number_restraints                     ? 
_refine.ls_percent_reflns_obs                    99.8700 
_refine.ls_percent_reflns_R_free                 5.1000 
_refine.ls_R_factor_all                          ? 
_refine.ls_R_factor_obs                          0.1998 
_refine.ls_R_factor_R_free                       0.2341 
_refine.ls_R_factor_R_free_error                 ? 
_refine.ls_R_factor_R_free_error_details         ? 
_refine.ls_R_factor_R_work                       0.1979 
_refine.ls_R_Fsqd_factor_obs                     ? 
_refine.ls_R_I_factor_obs                        ? 
_refine.ls_redundancy_reflns_all                 ? 
_refine.ls_redundancy_reflns_obs                 ? 
_refine.ls_restrained_S_all                      ? 
_refine.ls_restrained_S_obs                      ? 
_refine.ls_shift_over_esd_max                    ? 
_refine.ls_shift_over_esd_mean                   ? 
_refine.ls_structure_factor_coef                 ? 
_refine.ls_weighting_details                     ? 
_refine.ls_weighting_scheme                      ? 
_refine.ls_wR_factor_all                         ? 
_refine.ls_wR_factor_obs                         ? 
_refine.ls_wR_factor_R_free                      ? 
_refine.ls_wR_factor_R_work                      ? 
_refine.occupancy_max                            ? 
_refine.occupancy_min                            ? 
_refine.solvent_model_details                    MASK 
_refine.solvent_model_param_bsol                 ? 
_refine.solvent_model_param_ksol                 ? 
_refine.pdbx_R_complete                          ? 
_refine.ls_R_factor_gt                           ? 
_refine.ls_goodness_of_fit_gt                    ? 
_refine.ls_goodness_of_fit_ref                   ? 
_refine.ls_shift_over_su_max                     ? 
_refine.ls_shift_over_su_max_lt                  ? 
_refine.ls_shift_over_su_mean                    ? 
_refine.ls_shift_over_su_mean_lt                 ? 
_refine.pdbx_ls_sigma_I                          ? 
_refine.pdbx_ls_sigma_F                          0.000 
_refine.pdbx_ls_sigma_Fsqd                       ? 
_refine.pdbx_data_cutoff_high_absF               ? 
_refine.pdbx_data_cutoff_high_rms_absF           ? 
_refine.pdbx_data_cutoff_low_absF                ? 
_refine.pdbx_isotropic_thermal_model             ? 
_refine.pdbx_ls_cross_valid_method               THROUGHOUT 
_refine.pdbx_method_to_determine_struct          'MOLECULAR REPLACEMENT' 
_refine.pdbx_starting_model                      3pk2 
_refine.pdbx_stereochemistry_target_values       'MAXIMUM LIKELIHOOD' 
_refine.pdbx_R_Free_selection_details            RANDOM 
_refine.pdbx_stereochem_target_val_spec_case     ? 
_refine.pdbx_overall_ESU_R                       0.1330 
_refine.pdbx_overall_ESU_R_Free                  0.1280 
_refine.pdbx_solvent_vdw_probe_radii             1.2000 
_refine.pdbx_solvent_ion_probe_radii             0.8000 
_refine.pdbx_solvent_shrinkage_radii             0.8000 
_refine.pdbx_real_space_R                        ? 
_refine.pdbx_density_correlation                 ? 
_refine.pdbx_pd_number_of_powder_patterns        ? 
_refine.pdbx_pd_number_of_points                 ? 
_refine.pdbx_pd_meas_number_of_points            ? 
_refine.pdbx_pd_proc_ls_prof_R_factor            ? 
_refine.pdbx_pd_proc_ls_prof_wR_factor           ? 
_refine.pdbx_pd_Marquardt_correlation_coeff      ? 
_refine.pdbx_pd_Fsqrd_R_factor                   ? 
_refine.pdbx_pd_ls_matrix_band_width             ? 
_refine.pdbx_overall_phase_error                 ? 
_refine.pdbx_overall_SU_R_free_Cruickshank_DPI   ? 
_refine.pdbx_overall_SU_R_free_Blow_DPI          ? 
_refine.pdbx_overall_SU_R_Blow_DPI               ? 
_refine.pdbx_TLS_residual_ADP_flag               ? 
_refine.pdbx_diffrn_id                           1 
_refine.overall_SU_B                             2.8760 
_refine.overall_SU_ML                            0.0850 
_refine.overall_SU_R_Cruickshank_DPI             ? 
_refine.overall_SU_R_free                        ? 
_refine.overall_FOM_free_R_set                   ? 
_refine.overall_FOM_work_R_set                   ? 
_refine.pdbx_average_fsc_overall                 ? 
_refine.pdbx_average_fsc_work                    ? 
_refine.pdbx_average_fsc_free                    ? 
# 
_refine_hist.pdbx_refine_id                   'X-RAY DIFFRACTION' 
_refine_hist.cycle_id                         final 
_refine_hist.details                          ? 
_refine_hist.d_res_high                       1.8500 
_refine_hist.d_res_low                        43.61 
_refine_hist.number_atoms_solvent             48 
_refine_hist.number_atoms_total               1020 
_refine_hist.number_reflns_all                ? 
_refine_hist.number_reflns_obs                ? 
_refine_hist.number_reflns_R_free             ? 
_refine_hist.number_reflns_R_work             ? 
_refine_hist.R_factor_all                     ? 
_refine_hist.R_factor_obs                     ? 
_refine_hist.R_factor_R_free                  ? 
_refine_hist.R_factor_R_work                  ? 
_refine_hist.pdbx_number_residues_total       125 
_refine_hist.pdbx_B_iso_mean_ligand           35.16 
_refine_hist.pdbx_B_iso_mean_solvent          38.01 
_refine_hist.pdbx_number_atoms_protein        936 
_refine_hist.pdbx_number_atoms_nucleic_acid   0 
_refine_hist.pdbx_number_atoms_ligand         36 
_refine_hist.pdbx_number_atoms_lipid          ? 
_refine_hist.pdbx_number_atoms_carb           ? 
_refine_hist.pdbx_pseudo_atom_details         ? 
# 
loop_
_refine_ls_restr.pdbx_refine_id 
_refine_ls_restr.criterion 
_refine_ls_restr.dev_ideal 
_refine_ls_restr.dev_ideal_target 
_refine_ls_restr.number 
_refine_ls_restr.rejects 
_refine_ls_restr.type 
_refine_ls_restr.weight 
_refine_ls_restr.pdbx_restraint_function 
'X-RAY DIFFRACTION' ? 0.010  0.011  1010 ? r_bond_refined_d       ? ? 
'X-RAY DIFFRACTION' ? 0.001  0.016  852  ? r_bond_other_d         ? ? 
'X-RAY DIFFRACTION' ? 1.751  1.641  1384 ? r_angle_refined_deg    ? ? 
'X-RAY DIFFRACTION' ? 0.612  1.611  1975 ? r_angle_other_deg      ? ? 
'X-RAY DIFFRACTION' ? 7.524  5.000  126  ? r_dihedral_angle_1_deg ? ? 
'X-RAY DIFFRACTION' ? 4.303  5.000  5    ? r_dihedral_angle_2_deg ? ? 
'X-RAY DIFFRACTION' ? 14.422 10.000 136  ? r_dihedral_angle_3_deg ? ? 
'X-RAY DIFFRACTION' ? 0.080  0.200  149  ? r_chiral_restr         ? ? 
'X-RAY DIFFRACTION' ? 0.011  0.020  1290 ? r_gen_planes_refined   ? ? 
'X-RAY DIFFRACTION' ? 0.001  0.020  222  ? r_gen_planes_other     ? ? 
# 
_refine_ls_shell.pdbx_refine_id                   'X-RAY DIFFRACTION' 
_refine_ls_shell.d_res_high                       1.8500 
_refine_ls_shell.d_res_low                        1.8980 
_refine_ls_shell.number_reflns_all                895 
_refine_ls_shell.number_reflns_obs                ? 
_refine_ls_shell.number_reflns_R_free             46 
_refine_ls_shell.number_reflns_R_work             849 
_refine_ls_shell.percent_reflns_obs               100.0000 
_refine_ls_shell.percent_reflns_R_free            ? 
_refine_ls_shell.R_factor_all                     ? 
_refine_ls_shell.R_factor_obs                     ? 
_refine_ls_shell.R_factor_R_free                  0.2370 
_refine_ls_shell.R_factor_R_free_error            0.0000 
_refine_ls_shell.R_factor_R_work                  0.2230 
_refine_ls_shell.redundancy_reflns_all            ? 
_refine_ls_shell.redundancy_reflns_obs            ? 
_refine_ls_shell.wR_factor_all                    ? 
_refine_ls_shell.wR_factor_obs                    ? 
_refine_ls_shell.wR_factor_R_free                 ? 
_refine_ls_shell.wR_factor_R_work                 ? 
_refine_ls_shell.pdbx_R_complete                  ? 
_refine_ls_shell.pdbx_total_number_of_bins_used   20 
_refine_ls_shell.pdbx_phase_error                 ? 
_refine_ls_shell.pdbx_fsc_work                    ? 
_refine_ls_shell.pdbx_fsc_free                    ? 
# 
_struct.entry_id                     8AQJ 
_struct.title                        'Hydrophobic probe bound to Streptavidin - 2' 
_struct.pdbx_model_details           ? 
_struct.pdbx_formula_weight          ? 
_struct.pdbx_formula_weight_method   ? 
_struct.pdbx_model_type_details      ? 
_struct.pdbx_CASP_flag               N 
# 
_struct_keywords.entry_id        8AQJ 
_struct_keywords.text            'Artificial Metalloenzyme, UNKNOWN FUNCTION' 
_struct_keywords.pdbx_keywords   'UNKNOWN FUNCTION' 
# 
loop_
_struct_asym.id 
_struct_asym.pdbx_blank_PDB_chainid_flag 
_struct_asym.pdbx_modified 
_struct_asym.entity_id 
_struct_asym.details 
A N N 1 ? 
B N N 2 ? 
C N N 3 ? 
# 
_struct_ref.id                         1 
_struct_ref.db_name                    UNP 
_struct_ref.db_code                    SAV_STRAV 
_struct_ref.pdbx_db_accession          P22629 
_struct_ref.pdbx_db_isoform            ? 
_struct_ref.entity_id                  1 
_struct_ref.pdbx_seq_one_letter_code   
;EAGITGTWYNQLGSTFIVTAGADGALTGTYESAVGNAESRYVLTGRYDSAPATDGSGTALGWTVAWKNNYRNAHSATTWS
GQYVGGAEARINTQWLLTSGTTEANAWKSTLVGHDTFTKVKPSAASIDAAKKAGVNNGNPLDAVQQ
;
_struct_ref.pdbx_align_begin           38 
# 
_struct_ref_seq.align_id                      1 
_struct_ref_seq.ref_id                        1 
_struct_ref_seq.pdbx_PDB_id_code              8AQJ 
_struct_ref_seq.pdbx_strand_id                A 
_struct_ref_seq.seq_align_beg                 13 
_struct_ref_seq.pdbx_seq_align_beg_ins_code   ? 
_struct_ref_seq.seq_align_end                 158 
_struct_ref_seq.pdbx_seq_align_end_ins_code   ? 
_struct_ref_seq.pdbx_db_accession             P22629 
_struct_ref_seq.db_align_beg                  38 
_struct_ref_seq.pdbx_db_align_beg_ins_code    ? 
_struct_ref_seq.db_align_end                  183 
_struct_ref_seq.pdbx_db_align_end_ins_code    ? 
_struct_ref_seq.pdbx_auth_seq_align_beg       14 
_struct_ref_seq.pdbx_auth_seq_align_end       159 
# 
loop_
_struct_ref_seq_dif.align_id 
_struct_ref_seq_dif.pdbx_pdb_id_code 
_struct_ref_seq_dif.mon_id 
_struct_ref_seq_dif.pdbx_pdb_strand_id 
_struct_ref_seq_dif.seq_num 
_struct_ref_seq_dif.pdbx_pdb_ins_code 
_struct_ref_seq_dif.pdbx_seq_db_name 
_struct_ref_seq_dif.pdbx_seq_db_accession_code 
_struct_ref_seq_dif.db_mon_id 
_struct_ref_seq_dif.pdbx_seq_db_seq_num 
_struct_ref_seq_dif.details 
_struct_ref_seq_dif.pdbx_auth_seq_num 
_struct_ref_seq_dif.pdbx_ordinal 
1 8AQJ ALA A 1  ? UNP P22629 ? ? 'expression tag' 2  1  
1 8AQJ SER A 2  ? UNP P22629 ? ? 'expression tag' 3  2  
1 8AQJ MET A 3  ? UNP P22629 ? ? 'expression tag' 4  3  
1 8AQJ THR A 4  ? UNP P22629 ? ? 'expression tag' 5  4  
1 8AQJ GLY A 5  ? UNP P22629 ? ? 'expression tag' 6  5  
1 8AQJ GLY A 6  ? UNP P22629 ? ? 'expression tag' 7  6  
1 8AQJ GLN A 7  ? UNP P22629 ? ? 'expression tag' 8  7  
1 8AQJ GLN A 8  ? UNP P22629 ? ? 'expression tag' 9  8  
1 8AQJ MET A 9  ? UNP P22629 ? ? 'expression tag' 10 9  
1 8AQJ GLY A 10 ? UNP P22629 ? ? 'expression tag' 11 10 
1 8AQJ ARG A 11 ? UNP P22629 ? ? 'expression tag' 12 11 
1 8AQJ ASP A 12 ? UNP P22629 ? ? 'expression tag' 13 12 
# 
_pdbx_struct_assembly.id                   1 
_pdbx_struct_assembly.details              author_and_software_defined_assembly 
_pdbx_struct_assembly.method_details       PISA 
_pdbx_struct_assembly.oligomeric_details   tetrameric 
_pdbx_struct_assembly.oligomeric_count     4 
# 
loop_
_pdbx_struct_assembly_prop.biol_id 
_pdbx_struct_assembly_prop.type 
_pdbx_struct_assembly_prop.value 
_pdbx_struct_assembly_prop.details 
1 'ABSA (A^2)' 9140  ? 
1 MORE         -55   ? 
1 'SSA (A^2)'  19420 ? 
# 
_pdbx_struct_assembly_gen.assembly_id       1 
_pdbx_struct_assembly_gen.oper_expression   1,2,3,4 
_pdbx_struct_assembly_gen.asym_id_list      A,B,C 
# 
_pdbx_struct_assembly_auth_evidence.id                     1 
_pdbx_struct_assembly_auth_evidence.assembly_id            1 
_pdbx_struct_assembly_auth_evidence.experimental_support   'mass spectrometry' 
_pdbx_struct_assembly_auth_evidence.details                ? 
# 
loop_
_pdbx_struct_oper_list.id 
_pdbx_struct_oper_list.type 
_pdbx_struct_oper_list.name 
_pdbx_struct_oper_list.symmetry_operation 
_pdbx_struct_oper_list.matrix[1][1] 
_pdbx_struct_oper_list.matrix[1][2] 
_pdbx_struct_oper_list.matrix[1][3] 
_pdbx_struct_oper_list.vector[1] 
_pdbx_struct_oper_list.matrix[2][1] 
_pdbx_struct_oper_list.matrix[2][2] 
_pdbx_struct_oper_list.matrix[2][3] 
_pdbx_struct_oper_list.vector[2] 
_pdbx_struct_oper_list.matrix[3][1] 
_pdbx_struct_oper_list.matrix[3][2] 
_pdbx_struct_oper_list.matrix[3][3] 
_pdbx_struct_oper_list.vector[3] 
1 'identity operation'         1_555  x,y,z        1.0000000000  0.0000000000  0.0000000000  0.0000000000   0.0000000000  1.0000000000  0.0000000000  0.0000000000   0.0000000000  0.0000000000  1.0000000000  0.0000000000   
2 'crystal symmetry operation' 8_665  -y+1,-x+1,-z 0.4109814354  -0.2844432260 -0.8661329637 -12.1486164971 -0.2844432260 -0.9426583888 0.1746058794  -21.4981763247 -0.8661329637 0.1746058794  -0.4683230466 -12.7306801350 
3 'crystal symmetry operation' 10_665 -x+1,-y+1,z  -0.7354927827 -0.3851796188 0.5573930641  1.7297682266   -0.3851796188 -0.4390953100 -0.8116846494 -25.5686003479 0.5573930641  -0.8116846494 0.1745880927  -18.4897168254 
4 'crystal symmetry operation' 15_555 y,x,-z       -0.6754886528 0.6696228448  0.3087398996  11.8496545329  0.6696228448  0.3817536988  0.6370787699  -1.1161548376  0.3087398996  0.6370787699  -0.7062650460 -10.0341568504 
# 
loop_
_struct_conf.conf_type_id 
_struct_conf.id 
_struct_conf.pdbx_PDB_helix_id 
_struct_conf.beg_label_comp_id 
_struct_conf.beg_label_asym_id 
_struct_conf.beg_label_seq_id 
_struct_conf.pdbx_beg_PDB_ins_code 
_struct_conf.end_label_comp_id 
_struct_conf.end_label_asym_id 
_struct_conf.end_label_seq_id 
_struct_conf.pdbx_end_PDB_ins_code 
_struct_conf.beg_auth_comp_id 
_struct_conf.beg_auth_asym_id 
_struct_conf.beg_auth_seq_id 
_struct_conf.end_auth_comp_id 
_struct_conf.end_auth_asym_id 
_struct_conf.end_auth_seq_id 
_struct_conf.pdbx_PDB_helix_class 
_struct_conf.details 
_struct_conf.pdbx_PDB_helix_length 
HELX_P HELX_P1 AA1 MET A 9   ? THR A 17  ? MET A 10  THR A 18  1 ? 9 
HELX_P HELX_P2 AA2 ASN A 117 ? LYS A 120 ? ASN A 118 LYS A 121 5 ? 4 
# 
_struct_conf_type.id          HELX_P 
_struct_conf_type.criteria    ? 
_struct_conf_type.reference   ? 
# 
_struct_sheet.id               AA1 
_struct_sheet.type             ? 
_struct_sheet.number_strands   9 
_struct_sheet.details          ? 
# 
loop_
_struct_sheet_order.sheet_id 
_struct_sheet_order.range_id_1 
_struct_sheet_order.range_id_2 
_struct_sheet_order.offset 
_struct_sheet_order.sense 
AA1 1 2 ? anti-parallel 
AA1 2 3 ? anti-parallel 
AA1 3 4 ? anti-parallel 
AA1 4 5 ? anti-parallel 
AA1 5 6 ? anti-parallel 
AA1 6 7 ? anti-parallel 
AA1 7 8 ? anti-parallel 
AA1 8 9 ? anti-parallel 
# 
loop_
_struct_sheet_range.sheet_id 
_struct_sheet_range.id 
_struct_sheet_range.beg_label_comp_id 
_struct_sheet_range.beg_label_asym_id 
_struct_sheet_range.beg_label_seq_id 
_struct_sheet_range.pdbx_beg_PDB_ins_code 
_struct_sheet_range.end_label_comp_id 
_struct_sheet_range.end_label_asym_id 
_struct_sheet_range.end_label_seq_id 
_struct_sheet_range.pdbx_end_PDB_ins_code 
_struct_sheet_range.beg_auth_comp_id 
_struct_sheet_range.beg_auth_asym_id 
_struct_sheet_range.beg_auth_seq_id 
_struct_sheet_range.end_auth_comp_id 
_struct_sheet_range.end_auth_asym_id 
_struct_sheet_range.end_auth_seq_id 
AA1 1 GLY A 18  ? ASN A 22  ? GLY A 19  ASN A 23  
AA1 2 THR A 27  ? ALA A 32  ? THR A 28  ALA A 33  
AA1 3 ALA A 37  ? GLU A 43  ? ALA A 38  GLU A 44  
AA1 4 TYR A 53  ? TYR A 59  ? TYR A 54  TYR A 60  
AA1 5 THR A 70  ? LYS A 79  ? THR A 71  LYS A 80  
AA1 6 ASN A 84  ? VAL A 96  ? ASN A 85  VAL A 97  
AA1 7 ARG A 102 ? SER A 111 ? ARG A 103 SER A 112 
AA1 8 THR A 122 ? THR A 130 ? THR A 123 THR A 131 
AA1 9 GLY A 18  ? ASN A 22  ? GLY A 19  ASN A 23  
# 
loop_
_pdbx_struct_sheet_hbond.sheet_id 
_pdbx_struct_sheet_hbond.range_id_1 
_pdbx_struct_sheet_hbond.range_id_2 
_pdbx_struct_sheet_hbond.range_1_label_atom_id 
_pdbx_struct_sheet_hbond.range_1_label_comp_id 
_pdbx_struct_sheet_hbond.range_1_label_asym_id 
_pdbx_struct_sheet_hbond.range_1_label_seq_id 
_pdbx_struct_sheet_hbond.range_1_PDB_ins_code 
_pdbx_struct_sheet_hbond.range_1_auth_atom_id 
_pdbx_struct_sheet_hbond.range_1_auth_comp_id 
_pdbx_struct_sheet_hbond.range_1_auth_asym_id 
_pdbx_struct_sheet_hbond.range_1_auth_seq_id 
_pdbx_struct_sheet_hbond.range_2_label_atom_id 
_pdbx_struct_sheet_hbond.range_2_label_comp_id 
_pdbx_struct_sheet_hbond.range_2_label_asym_id 
_pdbx_struct_sheet_hbond.range_2_label_seq_id 
_pdbx_struct_sheet_hbond.range_2_PDB_ins_code 
_pdbx_struct_sheet_hbond.range_2_auth_atom_id 
_pdbx_struct_sheet_hbond.range_2_auth_comp_id 
_pdbx_struct_sheet_hbond.range_2_auth_asym_id 
_pdbx_struct_sheet_hbond.range_2_auth_seq_id 
AA1 1 2 N TRP A 20  ? N TRP A 21  O PHE A 28  ? O PHE A 29  
AA1 2 3 N ILE A 29  ? N ILE A 30  O THR A 41  ? O THR A 42  
AA1 3 4 N LEU A 38  ? N LEU A 39  O GLY A 57  ? O GLY A 58  
AA1 4 5 N THR A 56  ? N THR A 57  O THR A 75  ? O THR A 76  
AA1 5 6 N TRP A 78  ? N TRP A 79  O ALA A 85  ? O ALA A 86  
AA1 6 7 N VAL A 96  ? N VAL A 97  O ARG A 102 ? O ARG A 103 
AA1 7 8 N ILE A 103 ? N ILE A 104 O PHE A 129 ? O PHE A 130 
AA1 8 9 O THR A 130 ? O THR A 131 N TYR A 21  ? N TYR A 22  
# 
loop_
_pdbx_validate_torsion.id 
_pdbx_validate_torsion.PDB_model_num 
_pdbx_validate_torsion.auth_comp_id 
_pdbx_validate_torsion.auth_asym_id 
_pdbx_validate_torsion.auth_seq_id 
_pdbx_validate_torsion.PDB_ins_code 
_pdbx_validate_torsion.label_alt_id 
_pdbx_validate_torsion.phi 
_pdbx_validate_torsion.psi 
1 1 SER A 52  ? ? 64.34   -158.02 
2 1 ASP A 61  ? ? -66.06  95.32   
3 1 GLU A 101 ? ? -116.40 68.60   
4 1 LYS A 121 ? ? -106.74 43.62   
# 
_pdbx_struct_special_symmetry.id              1 
_pdbx_struct_special_symmetry.PDB_model_num   1 
_pdbx_struct_special_symmetry.auth_asym_id    A 
_pdbx_struct_special_symmetry.auth_comp_id    HOH 
_pdbx_struct_special_symmetry.auth_seq_id     317 
_pdbx_struct_special_symmetry.PDB_ins_code    ? 
_pdbx_struct_special_symmetry.label_asym_id   C 
_pdbx_struct_special_symmetry.label_comp_id   HOH 
_pdbx_struct_special_symmetry.label_seq_id    . 
# 
_pdbx_entry_details.entry_id                 8AQJ 
_pdbx_entry_details.has_ligand_of_interest   Y 
_pdbx_entry_details.compound_details         ? 
_pdbx_entry_details.source_details           ? 
_pdbx_entry_details.nonpolymer_details       ? 
_pdbx_entry_details.sequence_details         ? 
# 
loop_
_pdbx_unobs_or_zero_occ_residues.id 
_pdbx_unobs_or_zero_occ_residues.PDB_model_num 
_pdbx_unobs_or_zero_occ_residues.polymer_flag 
_pdbx_unobs_or_zero_occ_residues.occupancy_flag 
_pdbx_unobs_or_zero_occ_residues.auth_asym_id 
_pdbx_unobs_or_zero_occ_residues.auth_comp_id 
_pdbx_unobs_or_zero_occ_residues.auth_seq_id 
_pdbx_unobs_or_zero_occ_residues.PDB_ins_code 
_pdbx_unobs_or_zero_occ_residues.label_asym_id 
_pdbx_unobs_or_zero_occ_residues.label_comp_id 
_pdbx_unobs_or_zero_occ_residues.label_seq_id 
1  1 Y 1 A ALA 2   ? A ALA 1   
2  1 Y 1 A SER 3   ? A SER 2   
3  1 Y 1 A MET 4   ? A MET 3   
4  1 Y 1 A THR 5   ? A THR 4   
5  1 Y 1 A GLY 6   ? A GLY 5   
6  1 Y 1 A GLY 7   ? A GLY 6   
7  1 Y 1 A GLN 8   ? A GLN 7   
8  1 Y 1 A GLN 9   ? A GLN 8   
9  1 Y 1 A PRO 135 ? A PRO 134 
10 1 Y 1 A SER 136 ? A SER 135 
11 1 Y 1 A ALA 137 ? A ALA 136 
12 1 Y 1 A ALA 138 ? A ALA 137 
13 1 Y 1 A SER 139 ? A SER 138 
14 1 Y 1 A ILE 140 ? A ILE 139 
15 1 Y 1 A ASP 141 ? A ASP 140 
16 1 Y 1 A ALA 142 ? A ALA 141 
17 1 Y 1 A ALA 143 ? A ALA 142 
18 1 Y 1 A LYS 144 ? A LYS 143 
19 1 Y 1 A LYS 145 ? A LYS 144 
20 1 Y 1 A ALA 146 ? A ALA 145 
21 1 Y 1 A GLY 147 ? A GLY 146 
22 1 Y 1 A VAL 148 ? A VAL 147 
23 1 Y 1 A ASN 149 ? A ASN 148 
24 1 Y 1 A ASN 150 ? A ASN 149 
25 1 Y 1 A GLY 151 ? A GLY 150 
26 1 Y 1 A ASN 152 ? A ASN 151 
27 1 Y 1 A PRO 153 ? A PRO 152 
28 1 Y 1 A LEU 154 ? A LEU 153 
29 1 Y 1 A ASP 155 ? A ASP 154 
30 1 Y 1 A ALA 156 ? A ALA 155 
31 1 Y 1 A VAL 157 ? A VAL 156 
32 1 Y 1 A GLN 158 ? A GLN 157 
33 1 Y 1 A GLN 159 ? A GLN 158 
# 
loop_
_chem_comp_atom.comp_id 
_chem_comp_atom.atom_id 
_chem_comp_atom.type_symbol 
_chem_comp_atom.pdbx_aromatic_flag 
_chem_comp_atom.pdbx_stereo_config 
_chem_comp_atom.pdbx_ordinal 
ALA N    N N N 1   
ALA CA   C N S 2   
ALA C    C N N 3   
ALA O    O N N 4   
ALA CB   C N N 5   
ALA OXT  O N N 6   
ALA H    H N N 7   
ALA H2   H N N 8   
ALA HA   H N N 9   
ALA HB1  H N N 10  
ALA HB2  H N N 11  
ALA HB3  H N N 12  
ALA HXT  H N N 13  
ARG N    N N N 14  
ARG CA   C N S 15  
ARG C    C N N 16  
ARG O    O N N 17  
ARG CB   C N N 18  
ARG CG   C N N 19  
ARG CD   C N N 20  
ARG NE   N N N 21  
ARG CZ   C N N 22  
ARG NH1  N N N 23  
ARG NH2  N N N 24  
ARG OXT  O N N 25  
ARG H    H N N 26  
ARG H2   H N N 27  
ARG HA   H N N 28  
ARG HB2  H N N 29  
ARG HB3  H N N 30  
ARG HG2  H N N 31  
ARG HG3  H N N 32  
ARG HD2  H N N 33  
ARG HD3  H N N 34  
ARG HE   H N N 35  
ARG HH11 H N N 36  
ARG HH12 H N N 37  
ARG HH21 H N N 38  
ARG HH22 H N N 39  
ARG HXT  H N N 40  
ASN N    N N N 41  
ASN CA   C N S 42  
ASN C    C N N 43  
ASN O    O N N 44  
ASN CB   C N N 45  
ASN CG   C N N 46  
ASN OD1  O N N 47  
ASN ND2  N N N 48  
ASN OXT  O N N 49  
ASN H    H N N 50  
ASN H2   H N N 51  
ASN HA   H N N 52  
ASN HB2  H N N 53  
ASN HB3  H N N 54  
ASN HD21 H N N 55  
ASN HD22 H N N 56  
ASN HXT  H N N 57  
ASP N    N N N 58  
ASP CA   C N S 59  
ASP C    C N N 60  
ASP O    O N N 61  
ASP CB   C N N 62  
ASP CG   C N N 63  
ASP OD1  O N N 64  
ASP OD2  O N N 65  
ASP OXT  O N N 66  
ASP H    H N N 67  
ASP H2   H N N 68  
ASP HA   H N N 69  
ASP HB2  H N N 70  
ASP HB3  H N N 71  
ASP HD2  H N N 72  
ASP HXT  H N N 73  
GLN N    N N N 74  
GLN CA   C N S 75  
GLN C    C N N 76  
GLN O    O N N 77  
GLN CB   C N N 78  
GLN CG   C N N 79  
GLN CD   C N N 80  
GLN OE1  O N N 81  
GLN NE2  N N N 82  
GLN OXT  O N N 83  
GLN H    H N N 84  
GLN H2   H N N 85  
GLN HA   H N N 86  
GLN HB2  H N N 87  
GLN HB3  H N N 88  
GLN HG2  H N N 89  
GLN HG3  H N N 90  
GLN HE21 H N N 91  
GLN HE22 H N N 92  
GLN HXT  H N N 93  
GLU N    N N N 94  
GLU CA   C N S 95  
GLU C    C N N 96  
GLU O    O N N 97  
GLU CB   C N N 98  
GLU CG   C N N 99  
GLU CD   C N N 100 
GLU OE1  O N N 101 
GLU OE2  O N N 102 
GLU OXT  O N N 103 
GLU H    H N N 104 
GLU H2   H N N 105 
GLU HA   H N N 106 
GLU HB2  H N N 107 
GLU HB3  H N N 108 
GLU HG2  H N N 109 
GLU HG3  H N N 110 
GLU HE2  H N N 111 
GLU HXT  H N N 112 
GLY N    N N N 113 
GLY CA   C N N 114 
GLY C    C N N 115 
GLY O    O N N 116 
GLY OXT  O N N 117 
GLY H    H N N 118 
GLY H2   H N N 119 
GLY HA2  H N N 120 
GLY HA3  H N N 121 
GLY HXT  H N N 122 
HIS N    N N N 123 
HIS CA   C N S 124 
HIS C    C N N 125 
HIS O    O N N 126 
HIS CB   C N N 127 
HIS CG   C Y N 128 
HIS ND1  N Y N 129 
HIS CD2  C Y N 130 
HIS CE1  C Y N 131 
HIS NE2  N Y N 132 
HIS OXT  O N N 133 
HIS H    H N N 134 
HIS H2   H N N 135 
HIS HA   H N N 136 
HIS HB2  H N N 137 
HIS HB3  H N N 138 
HIS HD1  H N N 139 
HIS HD2  H N N 140 
HIS HE1  H N N 141 
HIS HE2  H N N 142 
HIS HXT  H N N 143 
HOH O    O N N 144 
HOH H1   H N N 145 
HOH H2   H N N 146 
ILE N    N N N 147 
ILE CA   C N S 148 
ILE C    C N N 149 
ILE O    O N N 150 
ILE CB   C N S 151 
ILE CG1  C N N 152 
ILE CG2  C N N 153 
ILE CD1  C N N 154 
ILE OXT  O N N 155 
ILE H    H N N 156 
ILE H2   H N N 157 
ILE HA   H N N 158 
ILE HB   H N N 159 
ILE HG12 H N N 160 
ILE HG13 H N N 161 
ILE HG21 H N N 162 
ILE HG22 H N N 163 
ILE HG23 H N N 164 
ILE HD11 H N N 165 
ILE HD12 H N N 166 
ILE HD13 H N N 167 
ILE HXT  H N N 168 
LEU N    N N N 169 
LEU CA   C N S 170 
LEU C    C N N 171 
LEU O    O N N 172 
LEU CB   C N N 173 
LEU CG   C N N 174 
LEU CD1  C N N 175 
LEU CD2  C N N 176 
LEU OXT  O N N 177 
LEU H    H N N 178 
LEU H2   H N N 179 
LEU HA   H N N 180 
LEU HB2  H N N 181 
LEU HB3  H N N 182 
LEU HG   H N N 183 
LEU HD11 H N N 184 
LEU HD12 H N N 185 
LEU HD13 H N N 186 
LEU HD21 H N N 187 
LEU HD22 H N N 188 
LEU HD23 H N N 189 
LEU HXT  H N N 190 
LYS N    N N N 191 
LYS CA   C N S 192 
LYS C    C N N 193 
LYS O    O N N 194 
LYS CB   C N N 195 
LYS CG   C N N 196 
LYS CD   C N N 197 
LYS CE   C N N 198 
LYS NZ   N N N 199 
LYS OXT  O N N 200 
LYS H    H N N 201 
LYS H2   H N N 202 
LYS HA   H N N 203 
LYS HB2  H N N 204 
LYS HB3  H N N 205 
LYS HG2  H N N 206 
LYS HG3  H N N 207 
LYS HD2  H N N 208 
LYS HD3  H N N 209 
LYS HE2  H N N 210 
LYS HE3  H N N 211 
LYS HZ1  H N N 212 
LYS HZ2  H N N 213 
LYS HZ3  H N N 214 
LYS HXT  H N N 215 
MET N    N N N 216 
MET CA   C N S 217 
MET C    C N N 218 
MET O    O N N 219 
MET CB   C N N 220 
MET CG   C N N 221 
MET SD   S N N 222 
MET CE   C N N 223 
MET OXT  O N N 224 
MET H    H N N 225 
MET H2   H N N 226 
MET HA   H N N 227 
MET HB2  H N N 228 
MET HB3  H N N 229 
MET HG2  H N N 230 
MET HG3  H N N 231 
MET HE1  H N N 232 
MET HE2  H N N 233 
MET HE3  H N N 234 
MET HXT  H N N 235 
N9O N1   N N N 236 
N9O C7   C N N 237 
N9O C8   C N N 238 
N9O N2   N N N 239 
N9O C9   C N N 240 
N9O O1   O N N 241 
N9O C1   C N S 242 
N9O C5   C N N 243 
N9O C6   C N N 244 
N9O N3   N N N 245 
N9O C4   C N S 246 
N9O C3   C N N 247 
N9O O3   O N N 248 
N9O C2   C N R 249 
N9O N4   N N N 250 
N9O N    N N N 251 
N9O S    S N N 252 
N9O C    C N N 253 
N9O O    O N N 254 
N9O C10  C N N 255 
N9O C11  C N N 256 
N9O C20  C N N 257 
N9O C19  C Y N 258 
N9O C18  C Y N 259 
N9O C13  C Y N 260 
N9O C12  C N N 261 
N9O O2   O N N 262 
N9O C21  C Y N 263 
N9O C22  C Y N 264 
N9O C23  C Y N 265 
N9O C25  C N N 266 
N9O C24  C N N 267 
N9O C17  C Y N 268 
N9O C16  C Y N 269 
N9O C15  C Y N 270 
N9O C14  C Y N 271 
N9O H1   H N N 272 
N9O H2   H N N 273 
N9O H3   H N N 274 
N9O H4   H N N 275 
N9O H5   H N N 276 
N9O H6   H N N 277 
N9O H7   H N N 278 
N9O H8   H N N 279 
N9O H9   H N N 280 
N9O H10  H N N 281 
N9O H11  H N N 282 
N9O H12  H N N 283 
N9O H13  H N N 284 
N9O H14  H N N 285 
N9O H15  H N N 286 
N9O H16  H N N 287 
N9O H17  H N N 288 
N9O H18  H N N 289 
N9O H19  H N N 290 
N9O H20  H N N 291 
N9O H21  H N N 292 
N9O H22  H N N 293 
N9O H23  H N N 294 
N9O H24  H N N 295 
N9O H25  H N N 296 
N9O H26  H N N 297 
N9O H27  H N N 298 
N9O H28  H N N 299 
N9O H29  H N N 300 
N9O H30  H N N 301 
N9O H31  H N N 302 
PHE N    N N N 303 
PHE CA   C N S 304 
PHE C    C N N 305 
PHE O    O N N 306 
PHE CB   C N N 307 
PHE CG   C Y N 308 
PHE CD1  C Y N 309 
PHE CD2  C Y N 310 
PHE CE1  C Y N 311 
PHE CE2  C Y N 312 
PHE CZ   C Y N 313 
PHE OXT  O N N 314 
PHE H    H N N 315 
PHE H2   H N N 316 
PHE HA   H N N 317 
PHE HB2  H N N 318 
PHE HB3  H N N 319 
PHE HD1  H N N 320 
PHE HD2  H N N 321 
PHE HE1  H N N 322 
PHE HE2  H N N 323 
PHE HZ   H N N 324 
PHE HXT  H N N 325 
PRO N    N N N 326 
PRO CA   C N S 327 
PRO C    C N N 328 
PRO O    O N N 329 
PRO CB   C N N 330 
PRO CG   C N N 331 
PRO CD   C N N 332 
PRO OXT  O N N 333 
PRO H    H N N 334 
PRO HA   H N N 335 
PRO HB2  H N N 336 
PRO HB3  H N N 337 
PRO HG2  H N N 338 
PRO HG3  H N N 339 
PRO HD2  H N N 340 
PRO HD3  H N N 341 
PRO HXT  H N N 342 
SER N    N N N 343 
SER CA   C N S 344 
SER C    C N N 345 
SER O    O N N 346 
SER CB   C N N 347 
SER OG   O N N 348 
SER OXT  O N N 349 
SER H    H N N 350 
SER H2   H N N 351 
SER HA   H N N 352 
SER HB2  H N N 353 
SER HB3  H N N 354 
SER HG   H N N 355 
SER HXT  H N N 356 
THR N    N N N 357 
THR CA   C N S 358 
THR C    C N N 359 
THR O    O N N 360 
THR CB   C N R 361 
THR OG1  O N N 362 
THR CG2  C N N 363 
THR OXT  O N N 364 
THR H    H N N 365 
THR H2   H N N 366 
THR HA   H N N 367 
THR HB   H N N 368 
THR HG1  H N N 369 
THR HG21 H N N 370 
THR HG22 H N N 371 
THR HG23 H N N 372 
THR HXT  H N N 373 
TRP N    N N N 374 
TRP CA   C N S 375 
TRP C    C N N 376 
TRP O    O N N 377 
TRP CB   C N N 378 
TRP CG   C Y N 379 
TRP CD1  C Y N 380 
TRP CD2  C Y N 381 
TRP NE1  N Y N 382 
TRP CE2  C Y N 383 
TRP CE3  C Y N 384 
TRP CZ2  C Y N 385 
TRP CZ3  C Y N 386 
TRP CH2  C Y N 387 
TRP OXT  O N N 388 
TRP H    H N N 389 
TRP H2   H N N 390 
TRP HA   H N N 391 
TRP HB2  H N N 392 
TRP HB3  H N N 393 
TRP HD1  H N N 394 
TRP HE1  H N N 395 
TRP HE3  H N N 396 
TRP HZ2  H N N 397 
TRP HZ3  H N N 398 
TRP HH2  H N N 399 
TRP HXT  H N N 400 
TYR N    N N N 401 
TYR CA   C N S 402 
TYR C    C N N 403 
TYR O    O N N 404 
TYR CB   C N N 405 
TYR CG   C Y N 406 
TYR CD1  C Y N 407 
TYR CD2  C Y N 408 
TYR CE1  C Y N 409 
TYR CE2  C Y N 410 
TYR CZ   C Y N 411 
TYR OH   O N N 412 
TYR OXT  O N N 413 
TYR H    H N N 414 
TYR H2   H N N 415 
TYR HA   H N N 416 
TYR HB2  H N N 417 
TYR HB3  H N N 418 
TYR HD1  H N N 419 
TYR HD2  H N N 420 
TYR HE1  H N N 421 
TYR HE2  H N N 422 
TYR HH   H N N 423 
TYR HXT  H N N 424 
VAL N    N N N 425 
VAL CA   C N S 426 
VAL C    C N N 427 
VAL O    O N N 428 
VAL CB   C N N 429 
VAL CG1  C N N 430 
VAL CG2  C N N 431 
VAL OXT  O N N 432 
VAL H    H N N 433 
VAL H2   H N N 434 
VAL HA   H N N 435 
VAL HB   H N N 436 
VAL HG11 H N N 437 
VAL HG12 H N N 438 
VAL HG13 H N N 439 
VAL HG21 H N N 440 
VAL HG22 H N N 441 
VAL HG23 H N N 442 
VAL HXT  H N N 443 
# 
loop_
_chem_comp_bond.comp_id 
_chem_comp_bond.atom_id_1 
_chem_comp_bond.atom_id_2 
_chem_comp_bond.value_order 
_chem_comp_bond.pdbx_aromatic_flag 
_chem_comp_bond.pdbx_stereo_config 
_chem_comp_bond.pdbx_ordinal 
ALA N   CA   sing N N 1   
ALA N   H    sing N N 2   
ALA N   H2   sing N N 3   
ALA CA  C    sing N N 4   
ALA CA  CB   sing N N 5   
ALA CA  HA   sing N N 6   
ALA C   O    doub N N 7   
ALA C   OXT  sing N N 8   
ALA CB  HB1  sing N N 9   
ALA CB  HB2  sing N N 10  
ALA CB  HB3  sing N N 11  
ALA OXT HXT  sing N N 12  
ARG N   CA   sing N N 13  
ARG N   H    sing N N 14  
ARG N   H2   sing N N 15  
ARG CA  C    sing N N 16  
ARG CA  CB   sing N N 17  
ARG CA  HA   sing N N 18  
ARG C   O    doub N N 19  
ARG C   OXT  sing N N 20  
ARG CB  CG   sing N N 21  
ARG CB  HB2  sing N N 22  
ARG CB  HB3  sing N N 23  
ARG CG  CD   sing N N 24  
ARG CG  HG2  sing N N 25  
ARG CG  HG3  sing N N 26  
ARG CD  NE   sing N N 27  
ARG CD  HD2  sing N N 28  
ARG CD  HD3  sing N N 29  
ARG NE  CZ   sing N N 30  
ARG NE  HE   sing N N 31  
ARG CZ  NH1  sing N N 32  
ARG CZ  NH2  doub N N 33  
ARG NH1 HH11 sing N N 34  
ARG NH1 HH12 sing N N 35  
ARG NH2 HH21 sing N N 36  
ARG NH2 HH22 sing N N 37  
ARG OXT HXT  sing N N 38  
ASN N   CA   sing N N 39  
ASN N   H    sing N N 40  
ASN N   H2   sing N N 41  
ASN CA  C    sing N N 42  
ASN CA  CB   sing N N 43  
ASN CA  HA   sing N N 44  
ASN C   O    doub N N 45  
ASN C   OXT  sing N N 46  
ASN CB  CG   sing N N 47  
ASN CB  HB2  sing N N 48  
ASN CB  HB3  sing N N 49  
ASN CG  OD1  doub N N 50  
ASN CG  ND2  sing N N 51  
ASN ND2 HD21 sing N N 52  
ASN ND2 HD22 sing N N 53  
ASN OXT HXT  sing N N 54  
ASP N   CA   sing N N 55  
ASP N   H    sing N N 56  
ASP N   H2   sing N N 57  
ASP CA  C    sing N N 58  
ASP CA  CB   sing N N 59  
ASP CA  HA   sing N N 60  
ASP C   O    doub N N 61  
ASP C   OXT  sing N N 62  
ASP CB  CG   sing N N 63  
ASP CB  HB2  sing N N 64  
ASP CB  HB3  sing N N 65  
ASP CG  OD1  doub N N 66  
ASP CG  OD2  sing N N 67  
ASP OD2 HD2  sing N N 68  
ASP OXT HXT  sing N N 69  
GLN N   CA   sing N N 70  
GLN N   H    sing N N 71  
GLN N   H2   sing N N 72  
GLN CA  C    sing N N 73  
GLN CA  CB   sing N N 74  
GLN CA  HA   sing N N 75  
GLN C   O    doub N N 76  
GLN C   OXT  sing N N 77  
GLN CB  CG   sing N N 78  
GLN CB  HB2  sing N N 79  
GLN CB  HB3  sing N N 80  
GLN CG  CD   sing N N 81  
GLN CG  HG2  sing N N 82  
GLN CG  HG3  sing N N 83  
GLN CD  OE1  doub N N 84  
GLN CD  NE2  sing N N 85  
GLN NE2 HE21 sing N N 86  
GLN NE2 HE22 sing N N 87  
GLN OXT HXT  sing N N 88  
GLU N   CA   sing N N 89  
GLU N   H    sing N N 90  
GLU N   H2   sing N N 91  
GLU CA  C    sing N N 92  
GLU CA  CB   sing N N 93  
GLU CA  HA   sing N N 94  
GLU C   O    doub N N 95  
GLU C   OXT  sing N N 96  
GLU CB  CG   sing N N 97  
GLU CB  HB2  sing N N 98  
GLU CB  HB3  sing N N 99  
GLU CG  CD   sing N N 100 
GLU CG  HG2  sing N N 101 
GLU CG  HG3  sing N N 102 
GLU CD  OE1  doub N N 103 
GLU CD  OE2  sing N N 104 
GLU OE2 HE2  sing N N 105 
GLU OXT HXT  sing N N 106 
GLY N   CA   sing N N 107 
GLY N   H    sing N N 108 
GLY N   H2   sing N N 109 
GLY CA  C    sing N N 110 
GLY CA  HA2  sing N N 111 
GLY CA  HA3  sing N N 112 
GLY C   O    doub N N 113 
GLY C   OXT  sing N N 114 
GLY OXT HXT  sing N N 115 
HIS N   CA   sing N N 116 
HIS N   H    sing N N 117 
HIS N   H2   sing N N 118 
HIS CA  C    sing N N 119 
HIS CA  CB   sing N N 120 
HIS CA  HA   sing N N 121 
HIS C   O    doub N N 122 
HIS C   OXT  sing N N 123 
HIS CB  CG   sing N N 124 
HIS CB  HB2  sing N N 125 
HIS CB  HB3  sing N N 126 
HIS CG  ND1  sing Y N 127 
HIS CG  CD2  doub Y N 128 
HIS ND1 CE1  doub Y N 129 
HIS ND1 HD1  sing N N 130 
HIS CD2 NE2  sing Y N 131 
HIS CD2 HD2  sing N N 132 
HIS CE1 NE2  sing Y N 133 
HIS CE1 HE1  sing N N 134 
HIS NE2 HE2  sing N N 135 
HIS OXT HXT  sing N N 136 
HOH O   H1   sing N N 137 
HOH O   H2   sing N N 138 
ILE N   CA   sing N N 139 
ILE N   H    sing N N 140 
ILE N   H2   sing N N 141 
ILE CA  C    sing N N 142 
ILE CA  CB   sing N N 143 
ILE CA  HA   sing N N 144 
ILE C   O    doub N N 145 
ILE C   OXT  sing N N 146 
ILE CB  CG1  sing N N 147 
ILE CB  CG2  sing N N 148 
ILE CB  HB   sing N N 149 
ILE CG1 CD1  sing N N 150 
ILE CG1 HG12 sing N N 151 
ILE CG1 HG13 sing N N 152 
ILE CG2 HG21 sing N N 153 
ILE CG2 HG22 sing N N 154 
ILE CG2 HG23 sing N N 155 
ILE CD1 HD11 sing N N 156 
ILE CD1 HD12 sing N N 157 
ILE CD1 HD13 sing N N 158 
ILE OXT HXT  sing N N 159 
LEU N   CA   sing N N 160 
LEU N   H    sing N N 161 
LEU N   H2   sing N N 162 
LEU CA  C    sing N N 163 
LEU CA  CB   sing N N 164 
LEU CA  HA   sing N N 165 
LEU C   O    doub N N 166 
LEU C   OXT  sing N N 167 
LEU CB  CG   sing N N 168 
LEU CB  HB2  sing N N 169 
LEU CB  HB3  sing N N 170 
LEU CG  CD1  sing N N 171 
LEU CG  CD2  sing N N 172 
LEU CG  HG   sing N N 173 
LEU CD1 HD11 sing N N 174 
LEU CD1 HD12 sing N N 175 
LEU CD1 HD13 sing N N 176 
LEU CD2 HD21 sing N N 177 
LEU CD2 HD22 sing N N 178 
LEU CD2 HD23 sing N N 179 
LEU OXT HXT  sing N N 180 
LYS N   CA   sing N N 181 
LYS N   H    sing N N 182 
LYS N   H2   sing N N 183 
LYS CA  C    sing N N 184 
LYS CA  CB   sing N N 185 
LYS CA  HA   sing N N 186 
LYS C   O    doub N N 187 
LYS C   OXT  sing N N 188 
LYS CB  CG   sing N N 189 
LYS CB  HB2  sing N N 190 
LYS CB  HB3  sing N N 191 
LYS CG  CD   sing N N 192 
LYS CG  HG2  sing N N 193 
LYS CG  HG3  sing N N 194 
LYS CD  CE   sing N N 195 
LYS CD  HD2  sing N N 196 
LYS CD  HD3  sing N N 197 
LYS CE  NZ   sing N N 198 
LYS CE  HE2  sing N N 199 
LYS CE  HE3  sing N N 200 
LYS NZ  HZ1  sing N N 201 
LYS NZ  HZ2  sing N N 202 
LYS NZ  HZ3  sing N N 203 
LYS OXT HXT  sing N N 204 
MET N   CA   sing N N 205 
MET N   H    sing N N 206 
MET N   H2   sing N N 207 
MET CA  C    sing N N 208 
MET CA  CB   sing N N 209 
MET CA  HA   sing N N 210 
MET C   O    doub N N 211 
MET C   OXT  sing N N 212 
MET CB  CG   sing N N 213 
MET CB  HB2  sing N N 214 
MET CB  HB3  sing N N 215 
MET CG  SD   sing N N 216 
MET CG  HG2  sing N N 217 
MET CG  HG3  sing N N 218 
MET SD  CE   sing N N 219 
MET CE  HE1  sing N N 220 
MET CE  HE2  sing N N 221 
MET CE  HE3  sing N N 222 
MET OXT HXT  sing N N 223 
N9O C22 C21  doub Y N 224 
N9O C22 C23  sing Y N 225 
N9O C21 C19  sing Y N 226 
N9O O1  C20  doub N N 227 
N9O C24 N4   sing N N 228 
N9O C23 N4   sing N N 229 
N9O C23 C17  doub Y N 230 
N9O N4  C25  sing N N 231 
N9O C19 C20  sing N N 232 
N9O C19 C18  doub Y N 233 
N9O C20 N3   sing N N 234 
N9O C17 C18  sing Y N 235 
N9O C17 C16  sing Y N 236 
N9O C18 C13  sing Y N 237 
N9O N3  C11  sing N N 238 
N9O N3  C12  sing N N 239 
N9O C11 C10  sing N N 240 
N9O O3  C9   doub N N 241 
N9O C10 N2   sing N N 242 
N9O C9  N2   sing N N 243 
N9O C9  C8   sing N N 244 
N9O C16 C15  doub Y N 245 
N9O C13 C12  sing N N 246 
N9O C13 C14  doub Y N 247 
N9O C12 O2   doub N N 248 
N9O C8  C7   sing N N 249 
N9O C7  C6   sing N N 250 
N9O C15 C14  sing Y N 251 
N9O C6  C5   sing N N 252 
N9O C5  C4   sing N N 253 
N9O C4  C1   sing N N 254 
N9O C4  S    sing N N 255 
N9O N   C1   sing N N 256 
N9O N   C    sing N N 257 
N9O C1  C2   sing N N 258 
N9O S   C3   sing N N 259 
N9O C   O    doub N N 260 
N9O C   N1   sing N N 261 
N9O C2  C3   sing N N 262 
N9O C2  N1   sing N N 263 
N9O N1  H1   sing N N 264 
N9O C7  H2   sing N N 265 
N9O C7  H3   sing N N 266 
N9O C8  H4   sing N N 267 
N9O C8  H5   sing N N 268 
N9O N2  H6   sing N N 269 
N9O C1  H7   sing N N 270 
N9O C5  H8   sing N N 271 
N9O C5  H9   sing N N 272 
N9O C6  H10  sing N N 273 
N9O C6  H11  sing N N 274 
N9O C4  H12  sing N N 275 
N9O C3  H13  sing N N 276 
N9O C3  H14  sing N N 277 
N9O C2  H15  sing N N 278 
N9O N   H16  sing N N 279 
N9O C10 H17  sing N N 280 
N9O C10 H18  sing N N 281 
N9O C11 H19  sing N N 282 
N9O C11 H20  sing N N 283 
N9O C21 H21  sing N N 284 
N9O C22 H22  sing N N 285 
N9O C25 H23  sing N N 286 
N9O C25 H24  sing N N 287 
N9O C25 H25  sing N N 288 
N9O C24 H26  sing N N 289 
N9O C24 H27  sing N N 290 
N9O C24 H28  sing N N 291 
N9O C16 H29  sing N N 292 
N9O C15 H30  sing N N 293 
N9O C14 H31  sing N N 294 
PHE N   CA   sing N N 295 
PHE N   H    sing N N 296 
PHE N   H2   sing N N 297 
PHE CA  C    sing N N 298 
PHE CA  CB   sing N N 299 
PHE CA  HA   sing N N 300 
PHE C   O    doub N N 301 
PHE C   OXT  sing N N 302 
PHE CB  CG   sing N N 303 
PHE CB  HB2  sing N N 304 
PHE CB  HB3  sing N N 305 
PHE CG  CD1  doub Y N 306 
PHE CG  CD2  sing Y N 307 
PHE CD1 CE1  sing Y N 308 
PHE CD1 HD1  sing N N 309 
PHE CD2 CE2  doub Y N 310 
PHE CD2 HD2  sing N N 311 
PHE CE1 CZ   doub Y N 312 
PHE CE1 HE1  sing N N 313 
PHE CE2 CZ   sing Y N 314 
PHE CE2 HE2  sing N N 315 
PHE CZ  HZ   sing N N 316 
PHE OXT HXT  sing N N 317 
PRO N   CA   sing N N 318 
PRO N   CD   sing N N 319 
PRO N   H    sing N N 320 
PRO CA  C    sing N N 321 
PRO CA  CB   sing N N 322 
PRO CA  HA   sing N N 323 
PRO C   O    doub N N 324 
PRO C   OXT  sing N N 325 
PRO CB  CG   sing N N 326 
PRO CB  HB2  sing N N 327 
PRO CB  HB3  sing N N 328 
PRO CG  CD   sing N N 329 
PRO CG  HG2  sing N N 330 
PRO CG  HG3  sing N N 331 
PRO CD  HD2  sing N N 332 
PRO CD  HD3  sing N N 333 
PRO OXT HXT  sing N N 334 
SER N   CA   sing N N 335 
SER N   H    sing N N 336 
SER N   H2   sing N N 337 
SER CA  C    sing N N 338 
SER CA  CB   sing N N 339 
SER CA  HA   sing N N 340 
SER C   O    doub N N 341 
SER C   OXT  sing N N 342 
SER CB  OG   sing N N 343 
SER CB  HB2  sing N N 344 
SER CB  HB3  sing N N 345 
SER OG  HG   sing N N 346 
SER OXT HXT  sing N N 347 
THR N   CA   sing N N 348 
THR N   H    sing N N 349 
THR N   H2   sing N N 350 
THR CA  C    sing N N 351 
THR CA  CB   sing N N 352 
THR CA  HA   sing N N 353 
THR C   O    doub N N 354 
THR C   OXT  sing N N 355 
THR CB  OG1  sing N N 356 
THR CB  CG2  sing N N 357 
THR CB  HB   sing N N 358 
THR OG1 HG1  sing N N 359 
THR CG2 HG21 sing N N 360 
THR CG2 HG22 sing N N 361 
THR CG2 HG23 sing N N 362 
THR OXT HXT  sing N N 363 
TRP N   CA   sing N N 364 
TRP N   H    sing N N 365 
TRP N   H2   sing N N 366 
TRP CA  C    sing N N 367 
TRP CA  CB   sing N N 368 
TRP CA  HA   sing N N 369 
TRP C   O    doub N N 370 
TRP C   OXT  sing N N 371 
TRP CB  CG   sing N N 372 
TRP CB  HB2  sing N N 373 
TRP CB  HB3  sing N N 374 
TRP CG  CD1  doub Y N 375 
TRP CG  CD2  sing Y N 376 
TRP CD1 NE1  sing Y N 377 
TRP CD1 HD1  sing N N 378 
TRP CD2 CE2  doub Y N 379 
TRP CD2 CE3  sing Y N 380 
TRP NE1 CE2  sing Y N 381 
TRP NE1 HE1  sing N N 382 
TRP CE2 CZ2  sing Y N 383 
TRP CE3 CZ3  doub Y N 384 
TRP CE3 HE3  sing N N 385 
TRP CZ2 CH2  doub Y N 386 
TRP CZ2 HZ2  sing N N 387 
TRP CZ3 CH2  sing Y N 388 
TRP CZ3 HZ3  sing N N 389 
TRP CH2 HH2  sing N N 390 
TRP OXT HXT  sing N N 391 
TYR N   CA   sing N N 392 
TYR N   H    sing N N 393 
TYR N   H2   sing N N 394 
TYR CA  C    sing N N 395 
TYR CA  CB   sing N N 396 
TYR CA  HA   sing N N 397 
TYR C   O    doub N N 398 
TYR C   OXT  sing N N 399 
TYR CB  CG   sing N N 400 
TYR CB  HB2  sing N N 401 
TYR CB  HB3  sing N N 402 
TYR CG  CD1  doub Y N 403 
TYR CG  CD2  sing Y N 404 
TYR CD1 CE1  sing Y N 405 
TYR CD1 HD1  sing N N 406 
TYR CD2 CE2  doub Y N 407 
TYR CD2 HD2  sing N N 408 
TYR CE1 CZ   doub Y N 409 
TYR CE1 HE1  sing N N 410 
TYR CE2 CZ   sing Y N 411 
TYR CE2 HE2  sing N N 412 
TYR CZ  OH   sing N N 413 
TYR OH  HH   sing N N 414 
TYR OXT HXT  sing N N 415 
VAL N   CA   sing N N 416 
VAL N   H    sing N N 417 
VAL N   H2   sing N N 418 
VAL CA  C    sing N N 419 
VAL CA  CB   sing N N 420 
VAL CA  HA   sing N N 421 
VAL C   O    doub N N 422 
VAL C   OXT  sing N N 423 
VAL CB  CG1  sing N N 424 
VAL CB  CG2  sing N N 425 
VAL CB  HB   sing N N 426 
VAL CG1 HG11 sing N N 427 
VAL CG1 HG12 sing N N 428 
VAL CG1 HG13 sing N N 429 
VAL CG2 HG21 sing N N 430 
VAL CG2 HG22 sing N N 431 
VAL CG2 HG23 sing N N 432 
VAL OXT HXT  sing N N 433 
# 
_pdbx_audit_support.funding_organization   'Not funded' 
_pdbx_audit_support.country                ? 
_pdbx_audit_support.grant_number           ? 
_pdbx_audit_support.ordinal                1 
# 
_pdbx_entity_instance_feature.ordinal        1 
_pdbx_entity_instance_feature.comp_id        N9O 
_pdbx_entity_instance_feature.asym_id        ? 
_pdbx_entity_instance_feature.seq_num        ? 
_pdbx_entity_instance_feature.auth_comp_id   N9O 
_pdbx_entity_instance_feature.auth_asym_id   ? 
_pdbx_entity_instance_feature.auth_seq_num   ? 
_pdbx_entity_instance_feature.feature_type   'SUBJECT OF INVESTIGATION' 
_pdbx_entity_instance_feature.details        ? 
# 
_pdbx_initial_refinement_model.id               1 
_pdbx_initial_refinement_model.entity_id_list   ? 
_pdbx_initial_refinement_model.type             'experimental model' 
_pdbx_initial_refinement_model.source_name      PDB 
_pdbx_initial_refinement_model.accession_code   3PK2 
_pdbx_initial_refinement_model.details          ? 
# 
_atom_sites.entry_id                    8AQJ 
_atom_sites.Cartn_transf_matrix[1][1]   ? 
_atom_sites.Cartn_transf_matrix[1][2]   ? 
_atom_sites.Cartn_transf_matrix[1][3]   ? 
_atom_sites.Cartn_transf_matrix[2][1]   ? 
_atom_sites.Cartn_transf_matrix[2][2]   ? 
_atom_sites.Cartn_transf_matrix[2][3]   ? 
_atom_sites.Cartn_transf_matrix[3][1]   ? 
_atom_sites.Cartn_transf_matrix[3][2]   ? 
_atom_sites.Cartn_transf_matrix[3][3]   ? 
_atom_sites.Cartn_transf_vector[1]      ? 
_atom_sites.Cartn_transf_vector[2]      ? 
_atom_sites.Cartn_transf_vector[3]      ? 
_atom_sites.fract_transf_matrix[1][1]   0.00538998 
_atom_sites.fract_transf_matrix[1][2]   -0.01233687 
_atom_sites.fract_transf_matrix[1][3]   -0.01108303 
_atom_sites.fract_transf_matrix[2][1]   -0.01532370 
_atom_sites.fract_transf_matrix[2][2]   -0.00816115 
_atom_sites.fract_transf_matrix[2][3]   0.00163210 
_atom_sites.fract_transf_matrix[3][1]   -0.00208454 
_atom_sites.fract_transf_matrix[3][2]   0.00303554 
_atom_sites.fract_transf_matrix[3][3]   -0.00439272 
_atom_sites.fract_transf_vector[1]      0.235150 
_atom_sites.fract_transf_vector[2]      0.423998 
_atom_sites.fract_transf_vector[3]      -0.007994 
_atom_sites.solution_primary            ? 
_atom_sites.solution_secondary          ? 
_atom_sites.solution_hydrogens          ? 
_atom_sites.special_details             ? 
# 
loop_
_atom_type.symbol 
C 
N 
O 
S 
# 
loop_
_atom_site.group_PDB 
_atom_site.id 
_atom_site.type_symbol 
_atom_site.label_atom_id 
_atom_site.label_alt_id 
_atom_site.label_comp_id 
_atom_site.label_asym_id 
_atom_site.label_entity_id 
_atom_site.label_seq_id 
_atom_site.pdbx_PDB_ins_code 
_atom_site.Cartn_x 
_atom_site.Cartn_y 
_atom_site.Cartn_z 
_atom_site.occupancy 
_atom_site.B_iso_or_equiv 
_atom_site.pdbx_formal_charge 
_atom_site.auth_seq_id 
_atom_site.auth_comp_id 
_atom_site.auth_asym_id 
_atom_site.auth_atom_id 
_atom_site.pdbx_PDB_model_num 
ATOM   1    N N   . MET A 1 9   ? -6.844  15.686  -8.497  1.00 57.71  ? 10  MET A N   1 
ATOM   2    C CA  . MET A 1 9   ? -5.503  16.338  -8.495  1.00 62.96  ? 10  MET A CA  1 
ATOM   3    C C   . MET A 1 9   ? -5.130  16.733  -7.056  1.00 67.52  ? 10  MET A C   1 
ATOM   4    O O   . MET A 1 9   ? -4.588  15.910  -6.311  1.00 61.50  ? 10  MET A O   1 
ATOM   5    C CB  . MET A 1 9   ? -5.449  17.520  -9.477  1.00 65.59  ? 10  MET A CB  1 
ATOM   6    C CG  . MET A 1 9   ? -6.798  17.956  -10.100 1.00 70.63  ? 10  MET A CG  1 
ATOM   7    S SD  . MET A 1 9   ? -7.458  19.567  -9.543  1.00 79.53  ? 10  MET A SD  1 
ATOM   8    C CE  . MET A 1 9   ? -8.079  19.192  -7.906  1.00 65.58  ? 10  MET A CE  1 
ATOM   9    N N   . GLY A 1 10  ? -5.431  17.976  -6.655  1.00 64.69  ? 11  GLY A N   1 
ATOM   10   C CA  . GLY A 1 10  ? -5.595  18.314  -5.248  1.00 66.77  ? 11  GLY A CA  1 
ATOM   11   C C   . GLY A 1 10  ? -6.758  17.536  -4.635  1.00 62.48  ? 11  GLY A C   1 
ATOM   12   O O   . GLY A 1 10  ? -6.788  17.306  -3.430  1.00 55.17  ? 11  GLY A O   1 
ATOM   13   N N   . ARG A 1 11  ? -7.697  17.132  -5.503  1.00 60.34  ? 12  ARG A N   1 
ATOM   14   C CA  . ARG A 1 11  ? -8.813  16.255  -5.181  1.00 61.29  ? 12  ARG A CA  1 
ATOM   15   C C   . ARG A 1 11  ? -8.271  14.897  -4.734  1.00 55.82  ? 12  ARG A C   1 
ATOM   16   O O   . ARG A 1 11  ? -8.671  14.342  -3.703  1.00 48.36  ? 12  ARG A O   1 
ATOM   17   C CB  . ARG A 1 11  ? -9.703  16.104  -6.424  1.00 69.03  ? 12  ARG A CB  1 
ATOM   18   C CG  . ARG A 1 11  ? -11.106 15.583  -6.158  1.00 80.29  ? 12  ARG A CG  1 
ATOM   19   C CD  . ARG A 1 11  ? -12.162 16.689  -6.127  1.00 96.68  ? 12  ARG A CD  1 
ATOM   20   N NE  . ARG A 1 11  ? -13.474 16.195  -5.700  1.00 105.04 ? 12  ARG A NE  1 
ATOM   21   C CZ  . ARG A 1 11  ? -14.536 16.046  -6.493  1.00 107.35 ? 12  ARG A CZ  1 
ATOM   22   N NH1 . ARG A 1 11  ? -14.470 16.356  -7.779  1.00 101.59 ? 12  ARG A NH1 1 
ATOM   23   N NH2 . ARG A 1 11  ? -15.668 15.577  -5.994  1.00 109.13 ? 12  ARG A NH2 1 
ATOM   24   N N   . ASP A 1 12  ? -7.337  14.369  -5.530  1.00 49.85  ? 13  ASP A N   1 
ATOM   25   C CA  . ASP A 1 12  ? -6.775  13.059  -5.262  1.00 46.78  ? 13  ASP A CA  1 
ATOM   26   C C   . ASP A 1 12  ? -5.949  13.085  -3.999  1.00 42.40  ? 13  ASP A C   1 
ATOM   27   O O   . ASP A 1 12  ? -6.006  12.155  -3.207  1.00 40.08  ? 13  ASP A O   1 
ATOM   28   C CB  . ASP A 1 12  ? -5.794  12.618  -6.337  1.00 56.96  ? 13  ASP A CB  1 
ATOM   29   C CG  . ASP A 1 12  ? -6.518  12.157  -7.571  1.00 59.87  ? 13  ASP A CG  1 
ATOM   30   O OD1 . ASP A 1 12  ? -7.572  11.475  -7.399  1.00 47.49  ? 13  ASP A OD1 1 
ATOM   31   O OD2 . ASP A 1 12  ? -6.020  12.489  -8.662  1.00 61.00  ? 13  ASP A OD2 1 
ATOM   32   N N   . GLU A 1 13  ? -5.132  14.130  -3.908  1.00 40.36  ? 14  GLU A N   1 
ATOM   33   C CA  . GLU A 1 13  ? -4.316  14.384  -2.743  1.00 39.92  ? 14  GLU A CA  1 
ATOM   34   C C   . GLU A 1 13  ? -5.165  14.313  -1.466  1.00 41.11  ? 14  GLU A C   1 
ATOM   35   O O   . GLU A 1 13  ? -4.857  13.564  -0.528  1.00 34.48  ? 14  GLU A O   1 
ATOM   36   C CB  . GLU A 1 13  ? -3.652  15.734  -2.982  1.00 39.92  ? 14  GLU A CB  1 
ATOM   37   C CG  . GLU A 1 13  ? -2.525  16.003  -2.030  1.00 43.22  ? 14  GLU A CG  1 
ATOM   38   C CD  . GLU A 1 13  ? -1.784  17.297  -2.271  1.00 41.69  ? 14  GLU A CD  1 
ATOM   39   O OE1 . GLU A 1 13  ? -0.906  17.570  -1.464  1.00 44.57  ? 14  GLU A OE1 1 
ATOM   40   O OE2 . GLU A 1 13  ? -2.089  18.009  -3.254  1.00 40.30  ? 14  GLU A OE2 1 
ATOM   41   N N   . ALA A 1 14  ? -6.256  15.089  -1.446  1.00 39.75  ? 15  ALA A N   1 
ATOM   42   C CA  . ALA A 1 14  ? -7.186  15.140  -0.323  1.00 40.10  ? 15  ALA A CA  1 
ATOM   43   C C   . ALA A 1 14  ? -7.883  13.791  -0.144  1.00 39.33  ? 15  ALA A C   1 
ATOM   44   O O   . ALA A 1 14  ? -8.059  13.348  0.984   1.00 40.23  ? 15  ALA A O   1 
ATOM   45   C CB  . ALA A 1 14  ? -8.188  16.261  -0.535  1.00 41.60  ? 15  ALA A CB  1 
ATOM   46   N N   . GLY A 1 15  ? -8.228  13.111  -1.254  1.00 31.30  ? 16  GLY A N   1 
ATOM   47   C CA  . GLY A 1 15  ? -8.913  11.837  -1.174  1.00 29.44  ? 16  GLY A CA  1 
ATOM   48   C C   . GLY A 1 15  ? -8.038  10.754  -0.534  1.00 26.20  ? 16  GLY A C   1 
ATOM   49   O O   . GLY A 1 15  ? -8.538  9.888   0.172   1.00 25.77  ? 16  GLY A O   1 
ATOM   50   N N   . ILE A 1 16  ? -6.751  10.740  -0.904  1.00 26.72  ? 17  ILE A N   1 
ATOM   51   C CA  . ILE A 1 16  ? -5.872  9.617   -0.609  1.00 24.45  ? 17  ILE A CA  1 
ATOM   52   C C   . ILE A 1 16  ? -5.301  9.768   0.788   1.00 23.56  ? 17  ILE A C   1 
ATOM   53   O O   . ILE A 1 16  ? -5.140  8.776   1.489   1.00 23.23  ? 17  ILE A O   1 
ATOM   54   C CB  . ILE A 1 16  ? -4.780  9.521   -1.694  1.00 24.96  ? 17  ILE A CB  1 
ATOM   55   C CG1 . ILE A 1 16  ? -5.392  9.096   -3.033  1.00 26.51  ? 17  ILE A CG1 1 
ATOM   56   C CG2 . ILE A 1 16  ? -3.667  8.572   -1.290  1.00 24.78  ? 17  ILE A CG2 1 
ATOM   57   C CD1 . ILE A 1 16  ? -4.475  9.302   -4.222  1.00 28.69  ? 17  ILE A CD1 1 
ATOM   58   N N   . THR A 1 17  ? -4.969  11.002  1.166   1.00 25.58  ? 18  THR A N   1 
ATOM   59   C CA  . THR A 1 17  ? -4.256  11.244  2.408   1.00 29.11  ? 18  THR A CA  1 
ATOM   60   C C   . THR A 1 17  ? -5.106  10.787  3.587   1.00 25.32  ? 18  THR A C   1 
ATOM   61   O O   . THR A 1 17  ? -6.292  11.073  3.630   1.00 24.65  ? 18  THR A O   1 
ATOM   62   C CB  . THR A 1 17  ? -3.923  12.731  2.551   1.00 29.61  ? 18  THR A CB  1 
ATOM   63   O OG1 . THR A 1 17  ? -3.028  13.052  1.479   1.00 27.56  ? 18  THR A OG1 1 
ATOM   64   C CG2 . THR A 1 17  ? -3.324  13.034  3.915   1.00 27.39  ? 18  THR A CG2 1 
ATOM   65   N N   . GLY A 1 18  ? -4.516  10.064  4.554   1.00 24.40  ? 19  GLY A N   1 
ATOM   66   C CA  . GLY A 1 18  ? -5.315  9.627   5.679   1.00 23.87  ? 19  GLY A CA  1 
ATOM   67   C C   . GLY A 1 18  ? -5.023  8.183   6.070   1.00 26.55  ? 19  GLY A C   1 
ATOM   68   O O   . GLY A 1 18  ? -4.005  7.628   5.650   1.00 25.72  ? 19  GLY A O   1 
ATOM   69   N N   . THR A 1 19  ? -5.958  7.591   6.808   1.00 23.24  ? 20  THR A N   1 
ATOM   70   C CA  . THR A 1 19  ? -5.803  6.247   7.338   1.00 24.09  ? 20  THR A CA  1 
ATOM   71   C C   . THR A 1 19  ? -6.760  5.332   6.587   1.00 26.23  ? 20  THR A C   1 
ATOM   72   O O   . THR A 1 19  ? -7.919  5.693   6.350   1.00 29.30  ? 20  THR A O   1 
ATOM   73   C CB  . THR A 1 19  ? -6.083  6.211   8.839   1.00 23.62  ? 20  THR A CB  1 
ATOM   74   O OG1 . THR A 1 19  ? -5.282  7.221   9.445   1.00 25.60  ? 20  THR A OG1 1 
ATOM   75   C CG2 . THR A 1 19  ? -5.768  4.868   9.455   1.00 23.49  ? 20  THR A CG2 1 
ATOM   76   N N   . TRP A 1 20  ? -6.230  4.195   6.135   1.00 23.38  ? 21  TRP A N   1 
ATOM   77   C CA  . TRP A 1 20  ? -7.012  3.163   5.485   1.00 21.81  ? 21  TRP A CA  1 
ATOM   78   C C   . TRP A 1 20  ? -6.843  1.841   6.217   1.00 22.14  ? 21  TRP A C   1 
ATOM   79   O O   . TRP A 1 20  ? -5.810  1.631   6.839   1.00 21.62  ? 21  TRP A O   1 
ATOM   80   C CB  . TRP A 1 20  ? -6.526  3.023   4.068   1.00 23.45  ? 21  TRP A CB  1 
ATOM   81   C CG  . TRP A 1 20  ? -6.661  4.267   3.254   1.00 20.98  ? 21  TRP A CG  1 
ATOM   82   C CD1 . TRP A 1 20  ? -5.839  5.345   3.208   1.00 21.03  ? 21  TRP A CD1 1 
ATOM   83   C CD2 . TRP A 1 20  ? -7.750  4.553   2.384   1.00 22.35  ? 21  TRP A CD2 1 
ATOM   84   N NE1 . TRP A 1 20  ? -6.309  6.269   2.302   1.00 21.39  ? 21  TRP A NE1 1 
ATOM   85   C CE2 . TRP A 1 20  ? -7.479  5.795   1.781   1.00 20.69  ? 21  TRP A CE2 1 
ATOM   86   C CE3 . TRP A 1 20  ? -8.890  3.841   2.019   1.00 22.66  ? 21  TRP A CE3 1 
ATOM   87   C CZ2 . TRP A 1 20  ? -8.351  6.366   0.857   1.00 23.04  ? 21  TRP A CZ2 1 
ATOM   88   C CZ3 . TRP A 1 20  ? -9.732  4.390   1.077   1.00 23.17  ? 21  TRP A CZ3 1 
ATOM   89   C CH2 . TRP A 1 20  ? -9.475  5.647   0.538   1.00 22.62  ? 21  TRP A CH2 1 
ATOM   90   N N   . TYR A 1 21  ? -7.832  0.962   6.049   1.00 23.15  ? 22  TYR A N   1 
ATOM   91   C CA  . TYR A 1 21  ? -7.891  -0.335  6.700   1.00 23.63  ? 22  TYR A CA  1 
ATOM   92   C C   . TYR A 1 21  ? -8.256  -1.382  5.654   1.00 24.99  ? 22  TYR A C   1 
ATOM   93   O O   . TYR A 1 21  ? -9.074  -1.116  4.749   1.00 23.49  ? 22  TYR A O   1 
ATOM   94   C CB  . TYR A 1 21  ? -8.938  -0.311  7.827   1.00 25.16  ? 22  TYR A CB  1 
ATOM   95   C CG  . TYR A 1 21  ? -8.785  0.801   8.834   1.00 24.95  ? 22  TYR A CG  1 
ATOM   96   C CD1 . TYR A 1 21  ? -9.405  2.027   8.642   1.00 25.93  ? 22  TYR A CD1 1 
ATOM   97   C CD2 . TYR A 1 21  ? -8.042  0.634   9.990   1.00 25.17  ? 22  TYR A CD2 1 
ATOM   98   C CE1 . TYR A 1 21  ? -9.267  3.063   9.542   1.00 26.04  ? 22  TYR A CE1 1 
ATOM   99   C CE2 . TYR A 1 21  ? -7.905  1.665   10.908  1.00 27.92  ? 22  TYR A CE2 1 
ATOM   100  C CZ  . TYR A 1 21  ? -8.563  2.873   10.714  1.00 25.85  ? 22  TYR A CZ  1 
ATOM   101  O OH  . TYR A 1 21  ? -8.402  3.956   11.574  1.00 24.18  ? 22  TYR A OH  1 
ATOM   102  N N   . ASN A 1 22  ? -7.612  -2.547  5.718   1.00 23.10  ? 23  ASN A N   1 
ATOM   103  C CA  . ASN A 1 22  ? -7.942  -3.599  4.766   1.00 25.92  ? 23  ASN A CA  1 
ATOM   104  C C   . ASN A 1 22  ? -8.768  -4.674  5.467   1.00 28.60  ? 23  ASN A C   1 
ATOM   105  O O   . ASN A 1 22  ? -8.994  -4.583  6.672   1.00 30.00  ? 23  ASN A O   1 
ATOM   106  C CB  . ASN A 1 22  ? -6.723  -4.129  3.996   1.00 24.16  ? 23  ASN A CB  1 
ATOM   107  C CG  . ASN A 1 22  ? -5.824  -5.048  4.798   1.00 26.42  ? 23  ASN A CG  1 
ATOM   108  O OD1 . ASN A 1 22  ? -6.180  -5.456  5.901   1.00 26.48  ? 23  ASN A OD1 1 
ATOM   109  N ND2 . ASN A 1 22  ? -4.641  -5.314  4.261   1.00 25.24  ? 23  ASN A ND2 1 
ATOM   110  N N   . GLN A 1 23  ? -9.207  -5.663  4.672   1.00 28.64  ? 24  GLN A N   1 
ATOM   111  C CA  . GLN A 1 23  ? -10.071 -6.749  5.097   1.00 30.10  ? 24  GLN A CA  1 
ATOM   112  C C   . GLN A 1 23  ? -9.413  -7.604  6.190   1.00 34.27  ? 24  GLN A C   1 
ATOM   113  O O   . GLN A 1 23  ? -10.100 -8.377  6.845   1.00 31.19  ? 24  GLN A O   1 
ATOM   114  C CB  . GLN A 1 23  ? -10.412 -7.608  3.878   1.00 30.21  ? 24  GLN A CB  1 
ATOM   115  C CG  . GLN A 1 23  ? -9.261  -8.466  3.314   1.00 30.31  ? 24  GLN A CG  1 
ATOM   116  C CD  . GLN A 1 23  ? -8.161  -7.777  2.523   1.00 31.32  ? 24  GLN A CD  1 
ATOM   117  O OE1 . GLN A 1 23  ? -8.256  -6.623  2.081   1.00 26.66  ? 24  GLN A OE1 1 
ATOM   118  N NE2 . GLN A 1 23  ? -7.084  -8.527  2.283   1.00 31.80  ? 24  GLN A NE2 1 
ATOM   119  N N   . LEU A 1 24  ? -8.087  -7.520  6.339   1.00 29.28  ? 25  LEU A N   1 
ATOM   120  C CA  . LEU A 1 24  ? -7.393  -8.336  7.338   1.00 33.33  ? 25  LEU A CA  1 
ATOM   121  C C   . LEU A 1 24  ? -7.314  -7.584  8.671   1.00 35.11  ? 25  LEU A C   1 
ATOM   122  O O   . LEU A 1 24  ? -6.858  -8.144  9.673   1.00 36.06  ? 25  LEU A O   1 
ATOM   123  C CB  . LEU A 1 24  ? -5.988  -8.684  6.818   1.00 31.55  ? 25  LEU A CB  1 
ATOM   124  C CG  . LEU A 1 24  ? -5.899  -9.648  5.631   1.00 35.82  ? 25  LEU A CG  1 
ATOM   125  C CD1 . LEU A 1 24  ? -4.506  -9.642  5.016   1.00 35.78  ? 25  LEU A CD1 1 
ATOM   126  C CD2 . LEU A 1 24  ? -6.287  -11.065 6.029   1.00 36.25  ? 25  LEU A CD2 1 
ATOM   127  N N   . GLY A 1 25  ? -7.656  -6.289  8.659   1.00 36.27  ? 26  GLY A N   1 
ATOM   128  C CA  . GLY A 1 25  ? -7.485  -5.423  9.824   1.00 38.40  ? 26  GLY A CA  1 
ATOM   129  C C   . GLY A 1 25  ? -6.144  -4.671  9.850   1.00 36.61  ? 26  GLY A C   1 
ATOM   130  O O   . GLY A 1 25  ? -5.833  -4.032  10.857  1.00 36.16  ? 26  GLY A O   1 
ATOM   131  N N   . SER A 1 26  ? -5.376  -4.695  8.748   1.00 26.29  ? 27  SER A N   1 
ATOM   132  C CA  . SER A 1 26  ? -4.157  -3.906  8.665   1.00 25.14  ? 27  SER A CA  1 
ATOM   133  C C   . SER A 1 26  ? -4.500  -2.427  8.486   1.00 24.99  ? 27  SER A C   1 
ATOM   134  O O   . SER A 1 26  ? -5.574  -2.083  7.958   1.00 28.90  ? 27  SER A O   1 
ATOM   135  C CB  . SER A 1 26  ? -3.250  -4.390  7.535   1.00 28.36  ? 27  SER A CB  1 
ATOM   136  O OG  . SER A 1 26  ? -2.851  -5.764  7.707   1.00 24.30  ? 27  SER A OG  1 
ATOM   137  N N   . THR A 1 27  ? -3.547  -1.578  8.887   1.00 25.18  ? 28  THR A N   1 
ATOM   138  C CA  . THR A 1 27  ? -3.677  -0.125  8.888   1.00 29.59  ? 28  THR A CA  1 
ATOM   139  C C   . THR A 1 27  ? -2.578  0.523   8.060   1.00 26.67  ? 28  THR A C   1 
ATOM   140  O O   . THR A 1 27  ? -1.398  0.301   8.271   1.00 25.21  ? 28  THR A O   1 
ATOM   141  C CB  . THR A 1 27  ? -3.585  0.484   10.295  1.00 33.89  ? 28  THR A CB  1 
ATOM   142  O OG1 . THR A 1 27  ? -4.458  -0.284  11.100  1.00 30.27  ? 28  THR A OG1 1 
ATOM   143  C CG2 . THR A 1 27  ? -3.987  1.942   10.320  1.00 38.74  ? 28  THR A CG2 1 
ATOM   144  N N   . PHE A 1 28  ? -3.003  1.355   7.108   1.00 23.77  ? 29  PHE A N   1 
ATOM   145  C CA  . PHE A 1 28  ? -2.129  2.046   6.167   1.00 31.76  ? 29  PHE A CA  1 
ATOM   146  C C   . PHE A 1 28  ? -2.373  3.539   6.426   1.00 32.45  ? 29  PHE A C   1 
ATOM   147  O O   . PHE A 1 28  ? -3.514  3.984   6.313   1.00 26.91  ? 29  PHE A O   1 
ATOM   148  C CB  . PHE A 1 28  ? -2.542  1.569   4.754   1.00 29.59  ? 29  PHE A CB  1 
ATOM   149  C CG  . PHE A 1 28  ? -2.127  2.334   3.537   1.00 28.54  ? 29  PHE A CG  1 
ATOM   150  C CD1 . PHE A 1 28  ? -0.800  2.624   3.286   1.00 32.39  ? 29  PHE A CD1 1 
ATOM   151  C CD2 . PHE A 1 28  ? -3.056  2.586   2.537   1.00 27.81  ? 29  PHE A CD2 1 
ATOM   152  C CE1 . PHE A 1 28  ? -0.413  3.251   2.106   1.00 35.21  ? 29  PHE A CE1 1 
ATOM   153  C CE2 . PHE A 1 28  ? -2.700  3.263   1.392   1.00 28.48  ? 29  PHE A CE2 1 
ATOM   154  C CZ  . PHE A 1 28  ? -1.365  3.578   1.156   1.00 33.70  ? 29  PHE A CZ  1 
ATOM   155  N N   . ILE A 1 29  ? -1.346  4.277   6.843   1.00 30.11  ? 30  ILE A N   1 
ATOM   156  C CA  . ILE A 1 29  ? -1.452  5.713   7.036   1.00 29.19  ? 30  ILE A CA  1 
ATOM   157  C C   . ILE A 1 29  ? -0.592  6.411   6.005   1.00 24.05  ? 30  ILE A C   1 
ATOM   158  O O   . ILE A 1 29  ? 0.580   6.140   5.896   1.00 23.94  ? 30  ILE A O   1 
ATOM   159  C CB  . ILE A 1 29  ? -1.037  6.066   8.475   1.00 35.54  ? 30  ILE A CB  1 
ATOM   160  C CG1 . ILE A 1 29  ? -1.824  5.220   9.480   1.00 33.78  ? 30  ILE A CG1 1 
ATOM   161  C CG2 . ILE A 1 29  ? -1.194  7.557   8.720   1.00 36.69  ? 30  ILE A CG2 1 
ATOM   162  C CD1 . ILE A 1 29  ? -1.256  5.245   10.880  1.00 33.69  ? 30  ILE A CD1 1 
ATOM   163  N N   . VAL A 1 30  ? -1.172  7.308   5.196   1.00 25.59  ? 31  VAL A N   1 
ATOM   164  C CA  . VAL A 1 30  ? -0.428  7.835   4.087   1.00 24.90  ? 31  VAL A CA  1 
ATOM   165  C C   . VAL A 1 30  ? -0.684  9.333   3.856   1.00 24.44  ? 31  VAL A C   1 
ATOM   166  O O   . VAL A 1 30  ? -1.767  9.830   4.096   1.00 24.09  ? 31  VAL A O   1 
ATOM   167  C CB  . VAL A 1 30  ? -0.759  7.034   2.814   1.00 28.94  ? 31  VAL A CB  1 
ATOM   168  C CG1 . VAL A 1 30  ? -2.225  7.180   2.421   1.00 26.30  ? 31  VAL A CG1 1 
ATOM   169  C CG2 . VAL A 1 30  ? 0.171   7.443   1.673   1.00 26.57  ? 31  VAL A CG2 1 
ATOM   170  N N   . THR A 1 31  ? 0.357   10.029  3.392   1.00 24.66  ? 32  THR A N   1 
ATOM   171  C CA  . THR A 1 31  ? 0.242   11.395  2.931   1.00 24.51  ? 32  THR A CA  1 
ATOM   172  C C   . THR A 1 31  ? 0.510   11.382  1.446   1.00 25.56  ? 32  THR A C   1 
ATOM   173  O O   . THR A 1 31  ? 1.579   10.945  1.012   1.00 25.88  ? 32  THR A O   1 
ATOM   174  C CB  . THR A 1 31  ? 1.243   12.322  3.635   1.00 27.01  ? 32  THR A CB  1 
ATOM   175  O OG1 . THR A 1 31  ? 0.998   12.208  5.036   1.00 28.85  ? 32  THR A OG1 1 
ATOM   176  C CG2 . THR A 1 31  ? 1.162   13.759  3.145   1.00 29.19  ? 32  THR A CG2 1 
ATOM   177  N N   . ALA A 1 32  ? -0.417  11.930  0.676   1.00 23.59  ? 33  ALA A N   1 
ATOM   178  C CA  . ALA A 1 32  ? -0.136  12.129  -0.732  1.00 25.45  ? 33  ALA A CA  1 
ATOM   179  C C   . ALA A 1 32  ? 0.359   13.546  -0.923  1.00 29.68  ? 33  ALA A C   1 
ATOM   180  O O   . ALA A 1 32  ? -0.372  14.481  -0.546  1.00 29.61  ? 33  ALA A O   1 
ATOM   181  C CB  . ALA A 1 32  ? -1.362  11.958  -1.559  1.00 27.63  ? 33  ALA A CB  1 
ATOM   182  N N   . GLY A 1 33  ? 1.513   13.660  -1.598  1.00 26.96  ? 34  GLY A N   1 
ATOM   183  C CA  . GLY A 1 33  ? 2.197   14.918  -1.818  1.00 28.75  ? 34  GLY A CA  1 
ATOM   184  C C   . GLY A 1 33  ? 1.683   15.521  -3.115  1.00 27.40  ? 34  GLY A C   1 
ATOM   185  O O   . GLY A 1 33  ? 1.077   14.832  -3.914  1.00 29.58  ? 34  GLY A O   1 
ATOM   186  N N   . ALA A 1 34  ? 1.872   16.817  -3.298  1.00 33.46  ? 35  ALA A N   1 
ATOM   187  C CA  . ALA A 1 34  ? 1.369   17.481  -4.490  1.00 34.87  ? 35  ALA A CA  1 
ATOM   188  C C   . ALA A 1 34  ? 2.177   17.053  -5.719  1.00 35.19  ? 35  ALA A C   1 
ATOM   189  O O   . ALA A 1 34  ? 1.727   17.235  -6.837  1.00 40.69  ? 35  ALA A O   1 
ATOM   190  C CB  . ALA A 1 34  ? 1.405   18.976  -4.264  1.00 37.62  ? 35  ALA A CB  1 
ATOM   191  N N   . ASP A 1 35  ? 3.368   16.493  -5.481  1.00 37.49  ? 36  ASP A N   1 
ATOM   192  C CA  . ASP A 1 35  ? 4.309   16.059  -6.500  1.00 41.93  ? 36  ASP A CA  1 
ATOM   193  C C   . ASP A 1 35  ? 4.082   14.607  -6.960  1.00 36.30  ? 36  ASP A C   1 
ATOM   194  O O   . ASP A 1 35  ? 4.832   14.130  -7.794  1.00 35.30  ? 36  ASP A O   1 
ATOM   195  C CB  . ASP A 1 35  ? 5.726   16.128  -5.914  1.00 50.68  ? 36  ASP A CB  1 
ATOM   196  C CG  . ASP A 1 35  ? 5.901   15.338  -4.609  1.00 54.04  ? 36  ASP A CG  1 
ATOM   197  O OD1 . ASP A 1 35  ? 4.889   14.962  -4.026  1.00 35.61  ? 36  ASP A OD1 1 
ATOM   198  O OD2 . ASP A 1 35  ? 7.061   15.097  -4.180  1.00 60.18  ? 36  ASP A OD2 1 
ATOM   199  N N   . GLY A 1 36  ? 3.140   13.872  -6.357  1.00 29.78  ? 37  GLY A N   1 
ATOM   200  C CA  . GLY A 1 36  ? 2.827   12.506  -6.758  1.00 25.17  ? 37  GLY A CA  1 
ATOM   201  C C   . GLY A 1 36  ? 3.412   11.494  -5.776  1.00 22.48  ? 37  GLY A C   1 
ATOM   202  O O   . GLY A 1 36  ? 3.316   10.293  -6.010  1.00 23.45  ? 37  GLY A O   1 
ATOM   203  N N   . ALA A 1 37  ? 3.982   11.986  -4.689  1.00 21.67  ? 38  ALA A N   1 
ATOM   204  C CA  . ALA A 1 37  ? 4.579   11.093  -3.692  1.00 22.30  ? 38  ALA A CA  1 
ATOM   205  C C   . ALA A 1 37  ? 3.538   10.507  -2.755  1.00 22.30  ? 38  ALA A C   1 
ATOM   206  O O   . ALA A 1 37  ? 2.533   11.140  -2.448  1.00 22.50  ? 38  ALA A O   1 
ATOM   207  C CB  . ALA A 1 37  ? 5.612   11.836  -2.913  1.00 24.80  ? 38  ALA A CB  1 
ATOM   208  N N   . LEU A 1 38  ? 3.824   9.293   -2.233  1.00 22.38  ? 39  LEU A N   1 
ATOM   209  C CA  . LEU A 1 38  ? 3.083   8.725   -1.131  1.00 20.13  ? 39  LEU A CA  1 
ATOM   210  C C   . LEU A 1 38  ? 4.132   8.402   -0.090  1.00 21.04  ? 39  LEU A C   1 
ATOM   211  O O   . LEU A 1 38  ? 5.194   7.915   -0.447  1.00 20.42  ? 39  LEU A O   1 
ATOM   212  C CB  . LEU A 1 38  ? 2.367   7.416   -1.500  1.00 21.13  ? 39  LEU A CB  1 
ATOM   213  C CG  . LEU A 1 38  ? 1.309   7.496   -2.608  1.00 19.99  ? 39  LEU A CG  1 
ATOM   214  C CD1 . LEU A 1 38  ? 0.776   6.114   -2.904  1.00 20.82  ? 39  LEU A CD1 1 
ATOM   215  C CD2 . LEU A 1 38  ? 0.190   8.357   -2.119  1.00 19.43  ? 39  LEU A CD2 1 
ATOM   216  N N   A THR A 1 39  ? 3.822   8.732   1.161   0.50 20.35  ? 40  THR A N   1 
ATOM   217  N N   B THR A 1 39  ? 3.858   8.734   1.163   0.50 22.26  ? 40  THR A N   1 
ATOM   218  C CA  A THR A 1 39  ? 4.738   8.542   2.280   0.50 20.92  ? 40  THR A CA  1 
ATOM   219  C CA  B THR A 1 39  ? 4.784   8.416   2.244   0.50 23.88  ? 40  THR A CA  1 
ATOM   220  C C   A THR A 1 39  ? 3.912   8.173   3.501   0.50 21.25  ? 40  THR A C   1 
ATOM   221  C C   B THR A 1 39  ? 3.933   8.149   3.473   0.50 22.88  ? 40  THR A C   1 
ATOM   222  O O   A THR A 1 39  ? 2.914   8.819   3.777   0.50 21.71  ? 40  THR A O   1 
ATOM   223  O O   B THR A 1 39  ? 2.918   8.790   3.684   0.50 23.49  ? 40  THR A O   1 
ATOM   224  C CB  A THR A 1 39  ? 5.530   9.835   2.589   0.50 20.86  ? 40  THR A CB  1 
ATOM   225  C CB  B THR A 1 39  ? 5.841   9.533   2.411   0.50 27.37  ? 40  THR A CB  1 
ATOM   226  O OG1 A THR A 1 39  ? 4.638   10.825  3.095   0.50 24.67  ? 40  THR A OG1 1 
ATOM   227  O OG1 B THR A 1 39  ? 6.655   9.323   3.566   0.50 30.03  ? 40  THR A OG1 1 
ATOM   228  C CG2 A THR A 1 39  ? 6.227   10.453  1.403   0.50 17.16  ? 40  THR A CG2 1 
ATOM   229  C CG2 B THR A 1 39  ? 5.248   10.909  2.576   0.50 28.00  ? 40  THR A CG2 1 
ATOM   230  N N   . GLY A 1 40  ? 4.368   7.225   4.327   1.00 21.72  ? 41  GLY A N   1 
ATOM   231  C CA  . GLY A 1 40  ? 3.577   6.919   5.471   1.00 20.63  ? 41  GLY A CA  1 
ATOM   232  C C   . GLY A 1 40  ? 4.112   5.700   6.222   1.00 20.31  ? 41  GLY A C   1 
ATOM   233  O O   . GLY A 1 40  ? 5.283   5.376   6.118   1.00 19.95  ? 41  GLY A O   1 
ATOM   234  N N   . THR A 1 41  ? 3.186   5.048   6.903   1.00 20.96  ? 42  THR A N   1 
ATOM   235  C CA  . THR A 1 41  ? 3.494   3.810   7.605   1.00 24.59  ? 42  THR A CA  1 
ATOM   236  C C   . THR A 1 41  ? 2.383   2.773   7.427   1.00 23.68  ? 42  THR A C   1 
ATOM   237  O O   . THR A 1 41  ? 1.220   3.087   7.158   1.00 24.84  ? 42  THR A O   1 
ATOM   238  C CB  . THR A 1 41  ? 3.682   4.082   9.090   1.00 22.01  ? 42  THR A CB  1 
ATOM   239  O OG1 . THR A 1 41  ? 2.427   4.481   9.602   1.00 25.26  ? 42  THR A OG1 1 
ATOM   240  C CG2 . THR A 1 41  ? 4.709   5.140   9.396   1.00 25.17  ? 42  THR A CG2 1 
ATOM   241  N N   . TYR A 1 42  ? 2.762   1.511   7.649   1.00 21.09  ? 43  TYR A N   1 
ATOM   242  C CA  . TYR A 1 42  ? 1.905   0.386   7.445   1.00 19.86  ? 43  TYR A CA  1 
ATOM   243  C C   . TYR A 1 42  ? 2.068   -0.478  8.679   1.00 22.50  ? 43  TYR A C   1 
ATOM   244  O O   . TYR A 1 42  ? 3.201   -0.675  9.052   1.00 22.03  ? 43  TYR A O   1 
ATOM   245  C CB  . TYR A 1 42  ? 2.330   -0.377  6.192   1.00 21.53  ? 43  TYR A CB  1 
ATOM   246  C CG  . TYR A 1 42  ? 1.269   -1.307  5.667   1.00 19.81  ? 43  TYR A CG  1 
ATOM   247  C CD1 . TYR A 1 42  ? 1.057   -2.570  6.190   1.00 20.42  ? 43  TYR A CD1 1 
ATOM   248  C CD2 . TYR A 1 42  ? 0.468   -0.914  4.593   1.00 20.38  ? 43  TYR A CD2 1 
ATOM   249  C CE1 . TYR A 1 42  ? 0.043   -3.393  5.744   1.00 19.43  ? 43  TYR A CE1 1 
ATOM   250  C CE2 . TYR A 1 42  ? -0.553  -1.729  4.152   1.00 18.77  ? 43  TYR A CE2 1 
ATOM   251  C CZ  . TYR A 1 42  ? -0.751  -2.976  4.686   1.00 21.17  ? 43  TYR A CZ  1 
ATOM   252  O OH  . TYR A 1 42  ? -1.767  -3.735  4.168   1.00 22.69  ? 43  TYR A OH  1 
ATOM   253  N N   . GLU A 1 43  ? 0.955   -1.012  9.184   1.00 23.71  ? 44  GLU A N   1 
ATOM   254  C CA  . GLU A 1 43  ? 0.956   -1.981  10.268  1.00 27.11  ? 44  GLU A CA  1 
ATOM   255  C C   . GLU A 1 43  ? 0.123   -3.163  9.805   1.00 27.14  ? 44  GLU A C   1 
ATOM   256  O O   . GLU A 1 43  ? -1.060  -3.003  9.554   1.00 25.83  ? 44  GLU A O   1 
ATOM   257  C CB  . GLU A 1 43  ? 0.321   -1.374  11.512  1.00 32.31  ? 44  GLU A CB  1 
ATOM   258  C CG  . GLU A 1 43  ? 0.365   -2.314  12.711  1.00 36.05  ? 44  GLU A CG  1 
ATOM   259  C CD  . GLU A 1 43  ? 0.104   -1.564  14.001  1.00 43.65  ? 44  GLU A CD  1 
ATOM   260  O OE1 . GLU A 1 43  ? 0.560   -2.062  15.054  1.00 56.21  ? 44  GLU A OE1 1 
ATOM   261  O OE2 . GLU A 1 43  ? -0.527  -0.443  13.938  1.00 41.59  ? 44  GLU A OE2 1 
ATOM   262  N N   . SER A 1 44  ? 0.742   -4.336  9.697   1.00 27.67  ? 45  SER A N   1 
ATOM   263  C CA  . SER A 1 44  ? 0.065   -5.519  9.192   1.00 28.40  ? 45  SER A CA  1 
ATOM   264  C C   . SER A 1 44  ? -0.548  -6.277  10.356  1.00 33.92  ? 45  SER A C   1 
ATOM   265  O O   . SER A 1 44  ? 0.165   -6.579  11.318  1.00 31.20  ? 45  SER A O   1 
ATOM   266  C CB  . SER A 1 44  ? 0.966   -6.425  8.420   1.00 25.99  ? 45  SER A CB  1 
ATOM   267  O OG  . SER A 1 44  ? 0.236   -7.574  7.952   1.00 27.58  ? 45  SER A OG  1 
ATOM   268  N N   . ALA A 1 45  ? -1.818  -6.648  10.199  1.00 29.59  ? 46  ALA A N   1 
ATOM   269  C CA  . ALA A 1 45  ? -2.471  -7.492  11.190  1.00 32.94  ? 46  ALA A CA  1 
ATOM   270  C C   . ALA A 1 45  ? -2.008  -8.950  11.113  1.00 32.07  ? 46  ALA A C   1 
ATOM   271  O O   . ALA A 1 45  ? -2.368  -9.728  11.992  1.00 37.59  ? 46  ALA A O   1 
ATOM   272  C CB  . ALA A 1 45  ? -3.970  -7.444  11.012  1.00 33.11  ? 46  ALA A CB  1 
ATOM   273  N N   . VAL A 1 46  ? -1.312  -9.353  10.039  1.00 30.88  ? 47  VAL A N   1 
ATOM   274  C CA  . VAL A 1 46  ? -0.940  -10.743 9.833   1.00 30.75  ? 47  VAL A CA  1 
ATOM   275  C C   . VAL A 1 46  ? 0.522   -10.826 9.415   1.00 32.89  ? 47  VAL A C   1 
ATOM   276  O O   . VAL A 1 46  ? 1.153   -9.827  9.048   1.00 29.81  ? 47  VAL A O   1 
ATOM   277  C CB  . VAL A 1 46  ? -1.823  -11.475 8.797   1.00 32.46  ? 47  VAL A CB  1 
ATOM   278  C CG1 . VAL A 1 46  ? -3.297  -11.480 9.183   1.00 30.12  ? 47  VAL A CG1 1 
ATOM   279  C CG2 . VAL A 1 46  ? -1.608  -10.925 7.377   1.00 33.69  ? 47  VAL A CG2 1 
ATOM   280  N N   . GLY A 1 47  ? 1.049   -12.053 9.544   1.00 30.53  ? 48  GLY A N   1 
ATOM   281  C CA  . GLY A 1 47  ? 2.386   -12.381 9.099   1.00 30.42  ? 48  GLY A CA  1 
ATOM   282  C C   . GLY A 1 47  ? 3.475   -11.913 10.060  1.00 33.39  ? 48  GLY A C   1 
ATOM   283  O O   . GLY A 1 47  ? 3.230   -11.599 11.221  1.00 36.49  ? 48  GLY A O   1 
ATOM   284  N N   . ASN A 1 48  ? 4.696   -11.922 9.549   1.00 32.43  ? 49  ASN A N   1 
ATOM   285  C CA  . ASN A 1 48  ? 5.890   -11.687 10.334  1.00 35.59  ? 49  ASN A CA  1 
ATOM   286  C C   . ASN A 1 48  ? 6.124   -10.177 10.418  1.00 32.35  ? 49  ASN A C   1 
ATOM   287  O O   . ASN A 1 48  ? 7.033   -9.618  9.779   1.00 28.80  ? 49  ASN A O   1 
ATOM   288  C CB  . ASN A 1 48  ? 7.062   -12.498 9.770   1.00 34.51  ? 49  ASN A CB  1 
ATOM   289  C CG  . ASN A 1 48  ? 8.243   -12.506 10.714  1.00 36.44  ? 49  ASN A CG  1 
ATOM   290  O OD1 . ASN A 1 48  ? 8.151   -11.952 11.814  1.00 38.71  ? 49  ASN A OD1 1 
ATOM   291  N ND2 . ASN A 1 48  ? 9.364   -13.038 10.249  1.00 36.00  ? 49  ASN A ND2 1 
ATOM   292  N N   . ALA A 1 49  ? 5.271   -9.537  11.231  1.00 32.02  ? 50  ALA A N   1 
ATOM   293  C CA  . ALA A 1 49  ? 5.165   -8.092  11.231  1.00 36.16  ? 50  ALA A CA  1 
ATOM   294  C C   . ALA A 1 49  ? 4.740   -7.623  12.608  1.00 33.60  ? 50  ALA A C   1 
ATOM   295  O O   . ALA A 1 49  ? 3.840   -8.199  13.212  1.00 38.94  ? 50  ALA A O   1 
ATOM   296  C CB  . ALA A 1 49  ? 4.177   -7.629  10.174  1.00 35.67  ? 50  ALA A CB  1 
ATOM   297  N N   . GLU A 1 50  ? 5.365   -6.538  13.041  1.00 29.07  ? 51  GLU A N   1 
ATOM   298  C CA  . GLU A 1 50  ? 5.039   -5.919  14.298  1.00 31.79  ? 51  GLU A CA  1 
ATOM   299  C C   . GLU A 1 50  ? 5.242   -4.407  14.216  1.00 27.47  ? 51  GLU A C   1 
ATOM   300  O O   . GLU A 1 50  ? 6.292   -3.900  13.896  1.00 32.14  ? 51  GLU A O   1 
ATOM   301  C CB  . GLU A 1 50  ? 5.919   -6.606  15.352  1.00 34.22  ? 51  GLU A CB  1 
ATOM   302  C CG  . GLU A 1 50  ? 6.109   -5.782  16.577  1.00 37.51  ? 51  GLU A CG  1 
ATOM   303  C CD  . GLU A 1 50  ? 6.889   -6.525  17.657  1.00 40.69  ? 51  GLU A CD  1 
ATOM   304  O OE1 . GLU A 1 50  ? 6.973   -5.975  18.770  1.00 47.16  ? 51  GLU A OE1 1 
ATOM   305  O OE2 . GLU A 1 50  ? 7.446   -7.609  17.348  1.00 36.74  ? 51  GLU A OE2 1 
ATOM   306  N N   . SER A 1 51  ? 4.275   -3.702  14.735  1.00 26.06  ? 52  SER A N   1 
ATOM   307  C CA  . SER A 1 51  ? 4.336   -2.276  14.751  1.00 30.36  ? 52  SER A CA  1 
ATOM   308  C C   . SER A 1 51  ? 4.315   -1.825  13.298  1.00 26.57  ? 52  SER A C   1 
ATOM   309  O O   . SER A 1 51  ? 3.833   -2.551  12.422  1.00 25.05  ? 52  SER A O   1 
ATOM   310  C CB  . SER A 1 51  ? 5.487   -1.717  15.545  1.00 36.41  ? 52  SER A CB  1 
ATOM   311  O OG  . SER A 1 51  ? 5.121   -0.441  16.057  1.00 34.80  ? 52  SER A OG  1 
ATOM   312  N N   . ARG A 1 52  ? 4.815   -0.624  13.137  1.00 27.82  ? 53  ARG A N   1 
ATOM   313  C CA  . ARG A 1 52  ? 4.705   0.111   11.901  1.00 31.57  ? 53  ARG A CA  1 
ATOM   314  C C   . ARG A 1 52  ? 6.012   -0.039  11.133  1.00 26.99  ? 53  ARG A C   1 
ATOM   315  O O   . ARG A 1 52  ? 7.091   -0.239  11.692  1.00 22.47  ? 53  ARG A O   1 
ATOM   316  C CB  . ARG A 1 52  ? 4.365   1.567   12.225  1.00 33.69  ? 53  ARG A CB  1 
ATOM   317  C CG  . ARG A 1 52  ? 2.903   1.798   12.598  1.00 42.37  ? 53  ARG A CG  1 
ATOM   318  C CD  . ARG A 1 52  ? 2.627   3.253   12.984  1.00 46.97  ? 53  ARG A CD  1 
ATOM   319  N NE  . ARG A 1 52  ? 3.350   3.617   14.198  1.00 61.13  ? 53  ARG A NE  1 
ATOM   320  C CZ  . ARG A 1 52  ? 2.935   3.357   15.439  1.00 67.44  ? 53  ARG A CZ  1 
ATOM   321  N NH1 . ARG A 1 52  ? 3.740   3.557   16.466  1.00 64.42  ? 53  ARG A NH1 1 
ATOM   322  N NH2 . ARG A 1 52  ? 1.721   2.881   15.647  1.00 73.89  ? 53  ARG A NH2 1 
ATOM   323  N N   . TYR A 1 53  ? 5.869   0.098   9.818   1.00 20.38  ? 54  TYR A N   1 
ATOM   324  C CA  . TYR A 1 53  ? 6.958   -0.055  8.899   1.00 18.90  ? 54  TYR A CA  1 
ATOM   325  C C   . TYR A 1 53  ? 6.823   1.130   7.953   1.00 21.30  ? 54  TYR A C   1 
ATOM   326  O O   . TYR A 1 53  ? 5.688   1.541   7.736   1.00 19.18  ? 54  TYR A O   1 
ATOM   327  C CB  . TYR A 1 53  ? 6.840   -1.357  8.109   1.00 18.91  ? 54  TYR A CB  1 
ATOM   328  C CG  . TYR A 1 53  ? 7.009   -2.594  8.954   1.00 18.75  ? 54  TYR A CG  1 
ATOM   329  C CD1 . TYR A 1 53  ? 5.960   -3.113  9.654   1.00 18.18  ? 54  TYR A CD1 1 
ATOM   330  C CD2 . TYR A 1 53  ? 8.228   -3.213  9.020   1.00 19.36  ? 54  TYR A CD2 1 
ATOM   331  C CE1 . TYR A 1 53  ? 6.150   -4.198  10.492  1.00 20.64  ? 54  TYR A CE1 1 
ATOM   332  C CE2 . TYR A 1 53  ? 8.424   -4.332  9.805   1.00 19.83  ? 54  TYR A CE2 1 
ATOM   333  C CZ  . TYR A 1 53  ? 7.367   -4.823  10.532  1.00 21.63  ? 54  TYR A CZ  1 
ATOM   334  O OH  . TYR A 1 53  ? 7.531   -5.930  11.357  1.00 23.28  ? 54  TYR A OH  1 
ATOM   335  N N   . VAL A 1 54  ? 7.957   1.627   7.469   1.00 19.03  ? 55  VAL A N   1 
ATOM   336  C CA  . VAL A 1 54  ? 7.947   2.758   6.553   1.00 21.01  ? 55  VAL A CA  1 
ATOM   337  C C   . VAL A 1 54  ? 7.312   2.318   5.251   1.00 19.45  ? 55  VAL A C   1 
ATOM   338  O O   . VAL A 1 54  ? 7.518   1.205   4.786   1.00 19.76  ? 55  VAL A O   1 
ATOM   339  C CB  . VAL A 1 54  ? 9.366   3.320   6.362   1.00 23.87  ? 55  VAL A CB  1 
ATOM   340  C CG1 . VAL A 1 54  ? 9.412   4.388   5.278   1.00 26.60  ? 55  VAL A CG1 1 
ATOM   341  C CG2 . VAL A 1 54  ? 9.897   3.891   7.676   1.00 26.43  ? 55  VAL A CG2 1 
ATOM   342  N N   . LEU A 1 55  ? 6.617   3.255   4.589   1.00 22.41  ? 56  LEU A N   1 
ATOM   343  C CA  . LEU A 1 55  ? 6.162   2.978   3.246   1.00 24.53  ? 56  LEU A CA  1 
ATOM   344  C C   . LEU A 1 55  ? 6.389   4.197   2.386   1.00 23.57  ? 56  LEU A C   1 
ATOM   345  O O   . LEU A 1 55  ? 6.382   5.321   2.913   1.00 19.83  ? 56  LEU A O   1 
ATOM   346  C CB  . LEU A 1 55  ? 4.689   2.577   3.253   1.00 24.98  ? 56  LEU A CB  1 
ATOM   347  C CG  . LEU A 1 55  ? 3.599   3.620   3.275   1.00 25.48  ? 56  LEU A CG  1 
ATOM   348  C CD1 . LEU A 1 55  ? 3.320   4.342   1.898   1.00 23.56  ? 56  LEU A CD1 1 
ATOM   349  C CD2 . LEU A 1 55  ? 2.338   2.919   3.730   1.00 29.84  ? 56  LEU A CD2 1 
ATOM   350  N N   . THR A 1 56  ? 6.659   3.922   1.106   1.00 21.95  ? 57  THR A N   1 
ATOM   351  C CA  . THR A 1 56  ? 6.768   4.995   0.142   1.00 22.32  ? 57  THR A CA  1 
ATOM   352  C C   . THR A 1 56  ? 6.119   4.544   -1.153  1.00 18.41  ? 57  THR A C   1 
ATOM   353  O O   . THR A 1 56  ? 6.110   3.367   -1.475  1.00 19.36  ? 57  THR A O   1 
ATOM   354  C CB  . THR A 1 56  ? 8.243   5.412   0.027   1.00 25.02  ? 57  THR A CB  1 
ATOM   355  O OG1 . THR A 1 56  ? 8.333   6.532   -0.841  1.00 26.95  ? 57  THR A OG1 1 
ATOM   356  C CG2 . THR A 1 56  ? 9.135   4.345   -0.564  1.00 22.49  ? 57  THR A CG2 1 
ATOM   357  N N   . GLY A 1 57  ? 5.664   5.502   -1.974  1.00 18.25  ? 58  GLY A N   1 
ATOM   358  C CA  . GLY A 1 57  ? 5.088   5.074   -3.216  1.00 15.36  ? 58  GLY A CA  1 
ATOM   359  C C   . GLY A 1 57  ? 4.753   6.319   -4.019  1.00 14.74  ? 58  GLY A C   1 
ATOM   360  O O   . GLY A 1 57  ? 5.276   7.382   -3.722  1.00 17.88  ? 58  GLY A O   1 
ATOM   361  N N   . ARG A 1 58  ? 4.025   6.106   -5.078  1.00 17.83  ? 59  ARG A N   1 
ATOM   362  C CA  . ARG A 1 58  ? 3.670   7.171   -6.021  1.00 17.66  ? 59  ARG A CA  1 
ATOM   363  C C   . ARG A 1 58  ? 2.205   7.072   -6.427  1.00 19.16  ? 59  ARG A C   1 
ATOM   364  O O   . ARG A 1 58  ? 1.613   6.001   -6.418  1.00 20.35  ? 59  ARG A O   1 
ATOM   365  C CB  . ARG A 1 58  ? 4.487   7.016   -7.310  1.00 19.63  ? 59  ARG A CB  1 
ATOM   366  C CG  . ARG A 1 58  ? 5.999   7.129   -7.182  1.00 19.99  ? 59  ARG A CG  1 
ATOM   367  C CD  . ARG A 1 58  ? 6.585   8.451   -6.749  1.00 20.62  ? 59  ARG A CD  1 
ATOM   368  N NE  . ARG A 1 58  ? 6.329   9.440   -7.801  1.00 22.61  ? 59  ARG A NE  1 
ATOM   369  C CZ  . ARG A 1 58  ? 6.452   10.738  -7.657  1.00 22.70  ? 59  ARG A CZ  1 
ATOM   370  N NH1 . ARG A 1 58  ? 6.837   11.242  -6.499  1.00 23.50  ? 59  ARG A NH1 1 
ATOM   371  N NH2 . ARG A 1 58  ? 6.151   11.522  -8.675  1.00 25.81  ? 59  ARG A NH2 1 
ATOM   372  N N   . TYR A 1 59  ? 1.631   8.171   -6.981  1.00 20.63  ? 60  TYR A N   1 
ATOM   373  C CA  . TYR A 1 59  ? 0.287   8.075   -7.490  1.00 17.96  ? 60  TYR A CA  1 
ATOM   374  C C   . TYR A 1 59  ? 0.197   9.059   -8.654  1.00 19.92  ? 60  TYR A C   1 
ATOM   375  O O   . TYR A 1 59  ? 1.007   9.960   -8.718  1.00 19.86  ? 60  TYR A O   1 
ATOM   376  C CB  . TYR A 1 59  ? -0.772  8.412   -6.435  1.00 18.94  ? 60  TYR A CB  1 
ATOM   377  C CG  . TYR A 1 59  ? -0.850  9.867   -6.046  1.00 20.06  ? 60  TYR A CG  1 
ATOM   378  C CD1 . TYR A 1 59  ? 0.064   10.428  -5.180  1.00 20.43  ? 60  TYR A CD1 1 
ATOM   379  C CD2 . TYR A 1 59  ? -1.799  10.722  -6.628  1.00 25.68  ? 60  TYR A CD2 1 
ATOM   380  C CE1 . TYR A 1 59  ? 0.018   11.762  -4.810  1.00 23.87  ? 60  TYR A CE1 1 
ATOM   381  C CE2 . TYR A 1 59  ? -1.837  12.073  -6.300  1.00 28.18  ? 60  TYR A CE2 1 
ATOM   382  C CZ  . TYR A 1 59  ? -0.906  12.601  -5.418  1.00 29.02  ? 60  TYR A CZ  1 
ATOM   383  O OH  . TYR A 1 59  ? -0.883  13.912  -5.030  1.00 32.36  ? 60  TYR A OH  1 
ATOM   384  N N   . ASP A 1 60  ? -0.752  8.805   -9.526  1.00 20.06  ? 61  ASP A N   1 
ATOM   385  C CA  . ASP A 1 60  ? -1.061  9.704   -10.636 1.00 29.81  ? 61  ASP A CA  1 
ATOM   386  C C   . ASP A 1 60  ? -1.617  11.030  -10.117 1.00 34.84  ? 61  ASP A C   1 
ATOM   387  O O   . ASP A 1 60  ? -2.791  11.102  -9.799  1.00 44.21  ? 61  ASP A O   1 
ATOM   388  C CB  . ASP A 1 60  ? -2.277  9.249   -11.431 1.00 28.88  ? 61  ASP A CB  1 
ATOM   389  C CG  . ASP A 1 60  ? -2.234  9.820   -12.849 1.00 45.05  ? 61  ASP A CG  1 
ATOM   390  O OD1 . ASP A 1 60  ? -3.318  9.896   -13.457 1.00 50.25  ? 61  ASP A OD1 1 
ATOM   391  O OD2 . ASP A 1 60  ? -1.091  10.037  -13.396 1.00 38.55  ? 61  ASP A OD2 1 
ATOM   392  N N   . SER A 1 61  ? -0.786  12.055  -9.951  1.00 45.41  ? 62  SER A N   1 
ATOM   393  C CA  . SER A 1 61  ? -1.300  13.298  -9.404  1.00 56.10  ? 62  SER A CA  1 
ATOM   394  C C   . SER A 1 61  ? -2.365  13.918  -10.318 1.00 56.56  ? 62  SER A C   1 
ATOM   395  O O   . SER A 1 61  ? -3.012  14.865  -9.887  1.00 57.65  ? 62  SER A O   1 
ATOM   396  C CB  . SER A 1 61  ? -0.186  14.283  -9.064  1.00 60.00  ? 62  SER A CB  1 
ATOM   397  O OG  . SER A 1 61  ? 0.923   14.132  -9.943  1.00 64.66  ? 62  SER A OG  1 
ATOM   398  N N   . ALA A 1 62  ? -2.580  13.397  -11.541 1.00 57.36  ? 63  ALA A N   1 
ATOM   399  C CA  . ALA A 1 62  ? -3.602  13.976  -12.402 1.00 60.78  ? 63  ALA A CA  1 
ATOM   400  C C   . ALA A 1 62  ? -4.373  12.887  -13.145 1.00 52.79  ? 63  ALA A C   1 
ATOM   401  O O   . ALA A 1 62  ? -4.340  12.789  -14.374 1.00 52.43  ? 63  ALA A O   1 
ATOM   402  C CB  . ALA A 1 62  ? -3.009  15.019  -13.325 1.00 58.00  ? 63  ALA A CB  1 
ATOM   403  N N   . PRO A 1 63  ? -5.227  12.129  -12.427 1.00 54.16  ? 64  PRO A N   1 
ATOM   404  C CA  . PRO A 1 63  ? -6.097  11.129  -13.048 1.00 52.55  ? 64  PRO A CA  1 
ATOM   405  C C   . PRO A 1 63  ? -7.125  11.800  -13.962 1.00 46.15  ? 64  PRO A C   1 
ATOM   406  O O   . PRO A 1 63  ? -7.206  13.020  -13.991 1.00 40.07  ? 64  PRO A O   1 
ATOM   407  C CB  . PRO A 1 63  ? -6.767  10.459  -11.844 1.00 49.29  ? 64  PRO A CB  1 
ATOM   408  C CG  . PRO A 1 63  ? -6.876  11.582  -10.861 1.00 56.70  ? 64  PRO A CG  1 
ATOM   409  C CD  . PRO A 1 63  ? -5.544  12.301  -10.998 1.00 64.01  ? 64  PRO A CD  1 
ATOM   410  N N   . ALA A 1 64  ? -7.852  10.984  -14.733 1.00 54.29  ? 65  ALA A N   1 
ATOM   411  C CA  . ALA A 1 64  ? -8.895  11.463  -15.625 1.00 57.82  ? 65  ALA A CA  1 
ATOM   412  C C   . ALA A 1 64  ? -10.135 11.802  -14.802 1.00 62.29  ? 65  ALA A C   1 
ATOM   413  O O   . ALA A 1 64  ? -10.243 11.422  -13.636 1.00 61.51  ? 65  ALA A O   1 
ATOM   414  C CB  . ALA A 1 64  ? -9.207  10.412  -16.660 1.00 58.00  ? 65  ALA A CB  1 
ATOM   415  N N   . THR A 1 65  ? -11.078 12.500  -15.434 1.00 69.58  ? 66  THR A N   1 
ATOM   416  C CA  . THR A 1 65  ? -12.303 12.912  -14.772 1.00 73.84  ? 66  THR A CA  1 
ATOM   417  C C   . THR A 1 65  ? -13.492 12.390  -15.577 1.00 79.74  ? 66  THR A C   1 
ATOM   418  O O   . THR A 1 65  ? -14.436 13.127  -15.870 1.00 83.05  ? 66  THR A O   1 
ATOM   419  C CB  . THR A 1 65  ? -12.276 14.431  -14.586 1.00 72.27  ? 66  THR A CB  1 
ATOM   420  O OG1 . THR A 1 65  ? -12.395 14.993  -15.894 1.00 68.62  ? 66  THR A OG1 1 
ATOM   421  C CG2 . THR A 1 65  ? -11.004 14.910  -13.918 1.00 69.57  ? 66  THR A CG2 1 
ATOM   422  N N   . ASP A 1 66  ? -13.404 11.105  -15.944 1.00 79.20  ? 67  ASP A N   1 
ATOM   423  C CA  . ASP A 1 66  ? -14.474 10.375  -16.610 1.00 69.06  ? 67  ASP A CA  1 
ATOM   424  C C   . ASP A 1 66  ? -15.027 9.358   -15.610 1.00 61.78  ? 67  ASP A C   1 
ATOM   425  O O   . ASP A 1 66  ? -15.661 8.378   -15.996 1.00 59.13  ? 67  ASP A O   1 
ATOM   426  C CB  . ASP A 1 66  ? -13.948 9.722   -17.895 1.00 65.85  ? 67  ASP A CB  1 
ATOM   427  C CG  . ASP A 1 66  ? -12.794 8.752   -17.653 1.00 75.26  ? 67  ASP A CG  1 
ATOM   428  O OD1 . ASP A 1 66  ? -12.424 8.564   -16.468 1.00 61.96  ? 67  ASP A OD1 1 
ATOM   429  O OD2 . ASP A 1 66  ? -12.258 8.193   -18.643 1.00 72.70  ? 67  ASP A OD2 1 
ATOM   430  N N   . GLY A 1 67  ? -14.728 9.584   -14.322 1.00 50.58  ? 68  GLY A N   1 
ATOM   431  C CA  . GLY A 1 67  ? -15.054 8.646   -13.263 1.00 50.45  ? 68  GLY A CA  1 
ATOM   432  C C   . GLY A 1 67  ? -14.025 7.522   -13.089 1.00 45.22  ? 68  GLY A C   1 
ATOM   433  O O   . GLY A 1 67  ? -14.286 6.601   -12.320 1.00 45.29  ? 68  GLY A O   1 
ATOM   434  N N   . SER A 1 68  ? -12.864 7.591   -13.767 1.00 38.57  ? 69  SER A N   1 
ATOM   435  C CA  . SER A 1 68  ? -11.848 6.560   -13.616 1.00 35.23  ? 69  SER A CA  1 
ATOM   436  C C   . SER A 1 68  ? -11.215 6.670   -12.234 1.00 31.85  ? 69  SER A C   1 
ATOM   437  O O   . SER A 1 68  ? -11.119 7.759   -11.698 1.00 35.00  ? 69  SER A O   1 
ATOM   438  C CB  . SER A 1 68  ? -10.788 6.652   -14.684 1.00 38.26  ? 69  SER A CB  1 
ATOM   439  O OG  . SER A 1 68  ? -11.269 6.146   -15.923 1.00 45.55  ? 69  SER A OG  1 
ATOM   440  N N   . GLY A 1 69  ? -10.782 5.547   -11.660 1.00 27.32  ? 70  GLY A N   1 
ATOM   441  C CA  . GLY A 1 69  ? -9.942  5.579   -10.476 1.00 26.12  ? 70  GLY A CA  1 
ATOM   442  C C   . GLY A 1 69  ? -8.575  6.202   -10.739 1.00 25.93  ? 70  GLY A C   1 
ATOM   443  O O   . GLY A 1 69  ? -8.225  6.575   -11.862 1.00 26.30  ? 70  GLY A O   1 
ATOM   444  N N   . THR A 1 70  ? -7.799  6.325   -9.665  1.00 22.03  ? 71  THR A N   1 
ATOM   445  C CA  . THR A 1 70  ? -6.509  6.983   -9.671  1.00 21.95  ? 71  THR A CA  1 
ATOM   446  C C   . THR A 1 70  ? -5.443  5.925   -9.403  1.00 22.40  ? 71  THR A C   1 
ATOM   447  O O   . THR A 1 70  ? -5.417  5.388   -8.286  1.00 21.31  ? 71  THR A O   1 
ATOM   448  C CB  . THR A 1 70  ? -6.441  8.107   -8.611  1.00 26.26  ? 71  THR A CB  1 
ATOM   449  O OG1 . THR A 1 70  ? -7.315  9.189   -8.980  1.00 27.24  ? 71  THR A OG1 1 
ATOM   450  C CG2 . THR A 1 70  ? -5.044  8.672   -8.411  1.00 28.37  ? 71  THR A CG2 1 
ATOM   451  N N   . ALA A 1 71  ? -4.539  5.692   -10.368 1.00 20.92  ? 72  ALA A N   1 
ATOM   452  C CA  . ALA A 1 71  ? -3.554  4.625   -10.208 1.00 19.74  ? 72  ALA A CA  1 
ATOM   453  C C   . ALA A 1 71  ? -2.545  4.986   -9.130  1.00 17.51  ? 72  ALA A C   1 
ATOM   454  O O   . ALA A 1 71  ? -2.068  6.109   -9.033  1.00 20.52  ? 72  ALA A O   1 
ATOM   455  C CB  . ALA A 1 71  ? -2.827  4.339   -11.494 1.00 19.68  ? 72  ALA A CB  1 
ATOM   456  N N   . LEU A 1 72  ? -2.063  3.981   -8.397  1.00 18.64  ? 73  LEU A N   1 
ATOM   457  C CA  . LEU A 1 72  ? -1.046  4.273   -7.424  1.00 19.13  ? 73  LEU A CA  1 
ATOM   458  C C   . LEU A 1 72  ? -0.366  2.963   -7.005  1.00 18.14  ? 73  LEU A C   1 
ATOM   459  O O   . LEU A 1 72  ? -0.800  1.884   -7.403  1.00 20.09  ? 73  LEU A O   1 
ATOM   460  C CB  . LEU A 1 72  ? -1.675  5.018   -6.239  1.00 24.21  ? 73  LEU A CB  1 
ATOM   461  C CG  . LEU A 1 72  ? -2.371  4.234   -5.126  1.00 30.59  ? 73  LEU A CG  1 
ATOM   462  C CD1 . LEU A 1 72  ? -3.148  5.156   -4.197  1.00 33.86  ? 73  LEU A CD1 1 
ATOM   463  C CD2 . LEU A 1 72  ? -3.311  3.199   -5.649  1.00 34.78  ? 73  LEU A CD2 1 
ATOM   464  N N   . GLY A 1 73  ? 0.753   3.091   -6.326  1.00 19.41  ? 74  GLY A N   1 
ATOM   465  C CA  . GLY A 1 73  ? 1.398   1.928   -5.726  1.00 17.77  ? 74  GLY A CA  1 
ATOM   466  C C   . GLY A 1 73  ? 2.299   2.318   -4.591  1.00 17.08  ? 74  GLY A C   1 
ATOM   467  O O   . GLY A 1 73  ? 2.681   3.476   -4.447  1.00 18.01  ? 74  GLY A O   1 
ATOM   468  N N   . TRP A 1 74  ? 2.717   1.320   -3.785  1.00 15.45  ? 75  TRP A N   1 
ATOM   469  C CA  . TRP A 1 74  ? 3.648   1.662   -2.737  1.00 16.81  ? 75  TRP A CA  1 
ATOM   470  C C   . TRP A 1 74  ? 4.339   0.364   -2.307  1.00 15.93  ? 75  TRP A C   1 
ATOM   471  O O   . TRP A 1 74  ? 3.874   -0.709  -2.669  1.00 14.88  ? 75  TRP A O   1 
ATOM   472  C CB  . TRP A 1 74  ? 2.962   2.334   -1.537  1.00 18.39  ? 75  TRP A CB  1 
ATOM   473  C CG  . TRP A 1 74  ? 2.026   1.482   -0.729  1.00 16.10  ? 75  TRP A CG  1 
ATOM   474  C CD1 . TRP A 1 74  ? 2.341   0.634   0.318   1.00 18.78  ? 75  TRP A CD1 1 
ATOM   475  C CD2 . TRP A 1 74  ? 0.628   1.309   -0.968  1.00 17.03  ? 75  TRP A CD2 1 
ATOM   476  N NE1 . TRP A 1 74  ? 1.209   0.026   0.779   1.00 19.05  ? 75  TRP A NE1 1 
ATOM   477  C CE2 . TRP A 1 74  ? 0.147   0.382   -0.017  1.00 20.38  ? 75  TRP A CE2 1 
ATOM   478  C CE3 . TRP A 1 74  ? -0.282  1.870   -1.881  1.00 19.28  ? 75  TRP A CE3 1 
ATOM   479  C CZ2 . TRP A 1 74  ? -1.200  0.017   0.072   1.00 20.49  ? 75  TRP A CZ2 1 
ATOM   480  C CZ3 . TRP A 1 74  ? -1.610  1.464   -1.828  1.00 20.07  ? 75  TRP A CZ3 1 
ATOM   481  C CH2 . TRP A 1 74  ? -2.058  0.544   -0.868  1.00 20.63  ? 75  TRP A CH2 1 
ATOM   482  N N   . THR A 1 75  ? 5.435   0.515   -1.581  1.00 18.98  ? 76  THR A N   1 
ATOM   483  C CA  . THR A 1 75  ? 6.248   -0.575  -1.087  1.00 17.40  ? 76  THR A CA  1 
ATOM   484  C C   . THR A 1 75  ? 6.421   -0.450  0.417   1.00 17.99  ? 76  THR A C   1 
ATOM   485  O O   . THR A 1 75  ? 6.593   0.642   0.939   1.00 19.44  ? 76  THR A O   1 
ATOM   486  C CB  . THR A 1 75  ? 7.631   -0.516  -1.739  1.00 21.08  ? 76  THR A CB  1 
ATOM   487  O OG1 . THR A 1 75  ? 7.599   -0.495  -3.169  1.00 20.59  ? 76  THR A OG1 1 
ATOM   488  C CG2 . THR A 1 75  ? 8.521   -1.668  -1.361  1.00 19.13  ? 76  THR A CG2 1 
ATOM   489  N N   . VAL A 1 76  ? 6.520   -1.605  1.069   1.00 17.16  ? 77  VAL A N   1 
ATOM   490  C CA  . VAL A 1 76  ? 6.995   -1.734  2.433   1.00 18.02  ? 77  VAL A CA  1 
ATOM   491  C C   . VAL A 1 76  ? 8.071   -2.794  2.429   1.00 18.54  ? 77  VAL A C   1 
ATOM   492  O O   . VAL A 1 76  ? 7.798   -3.910  1.970   1.00 20.49  ? 77  VAL A O   1 
ATOM   493  C CB  . VAL A 1 76  ? 5.869   -2.192  3.372   1.00 20.72  ? 77  VAL A CB  1 
ATOM   494  C CG1 . VAL A 1 76  ? 6.382   -2.609  4.760   1.00 20.90  ? 77  VAL A CG1 1 
ATOM   495  C CG2 . VAL A 1 76  ? 4.768   -1.170  3.482   1.00 20.31  ? 77  VAL A CG2 1 
ATOM   496  N N   . ALA A 1 77  ? 9.256   -2.465  2.994   1.00 19.80  ? 78  ALA A N   1 
ATOM   497  C CA  . ALA A 1 77  ? 10.218  -3.481  3.412   1.00 20.90  ? 78  ALA A CA  1 
ATOM   498  C C   . ALA A 1 77  ? 9.980   -3.843  4.871   1.00 20.22  ? 78  ALA A C   1 
ATOM   499  O O   . ALA A 1 77  ? 9.855   -2.964  5.739   1.00 20.71  ? 78  ALA A O   1 
ATOM   500  C CB  . ALA A 1 77  ? 11.640  -3.006  3.201   1.00 21.74  ? 78  ALA A CB  1 
ATOM   501  N N   . TRP A 1 78  ? 9.976   -5.159  5.118   1.00 21.66  ? 79  TRP A N   1 
ATOM   502  C CA  . TRP A 1 78  ? 9.453   -5.702  6.355   1.00 20.63  ? 79  TRP A CA  1 
ATOM   503  C C   . TRP A 1 78  ? 10.576  -5.737  7.367   1.00 21.24  ? 79  TRP A C   1 
ATOM   504  O O   . TRP A 1 78  ? 10.809  -6.753  8.028   1.00 21.42  ? 79  TRP A O   1 
ATOM   505  C CB  . TRP A 1 78  ? 8.752   -7.063  6.192   1.00 20.90  ? 79  TRP A CB  1 
ATOM   506  C CG  . TRP A 1 78  ? 7.520   -6.930  5.345   1.00 21.46  ? 79  TRP A CG  1 
ATOM   507  C CD1 . TRP A 1 78  ? 7.366   -7.325  4.040   1.00 22.58  ? 79  TRP A CD1 1 
ATOM   508  C CD2 . TRP A 1 78  ? 6.285   -6.312  5.734   1.00 22.03  ? 79  TRP A CD2 1 
ATOM   509  N NE1 . TRP A 1 78  ? 6.105   -7.014  3.597   1.00 22.95  ? 79  TRP A NE1 1 
ATOM   510  C CE2 . TRP A 1 78  ? 5.436   -6.353  4.603   1.00 22.24  ? 79  TRP A CE2 1 
ATOM   511  C CE3 . TRP A 1 78  ? 5.820   -5.688  6.908   1.00 22.35  ? 79  TRP A CE3 1 
ATOM   512  C CZ2 . TRP A 1 78  ? 4.141   -5.859  4.641   1.00 20.81  ? 79  TRP A CZ2 1 
ATOM   513  C CZ3 . TRP A 1 78  ? 4.539   -5.176  6.927   1.00 22.39  ? 79  TRP A CZ3 1 
ATOM   514  C CH2 . TRP A 1 78  ? 3.709   -5.282  5.807   1.00 21.99  ? 79  TRP A CH2 1 
ATOM   515  N N   . LYS A 1 79  ? 11.217  -4.589  7.497   1.00 20.28  ? 80  LYS A N   1 
ATOM   516  C CA  . LYS A 1 79  ? 12.240  -4.418  8.526   1.00 23.76  ? 80  LYS A CA  1 
ATOM   517  C C   . LYS A 1 79  ? 11.950  -3.143  9.310   1.00 25.07  ? 80  LYS A C   1 
ATOM   518  O O   . LYS A 1 79  ? 11.645  -2.097  8.751   1.00 22.18  ? 80  LYS A O   1 
ATOM   519  C CB  . LYS A 1 79  ? 13.621  -4.369  7.876   1.00 24.50  ? 80  LYS A CB  1 
ATOM   520  C CG  . LYS A 1 79  ? 14.773  -4.037  8.822   1.00 27.34  ? 80  LYS A CG  1 
ATOM   521  C CD  . LYS A 1 79  ? 16.088  -3.830  8.116   1.00 32.85  ? 80  LYS A CD  1 
ATOM   522  C CE  . LYS A 1 79  ? 17.272  -3.717  9.067   1.00 38.93  ? 80  LYS A CE  1 
ATOM   523  N NZ  . LYS A 1 79  ? 17.250  -2.406  9.758   1.00 44.97  ? 80  LYS A NZ  1 
ATOM   524  N N   . ASN A 1 80  ? 11.998  -3.250  10.635  1.00 21.69  ? 81  ASN A N   1 
ATOM   525  C CA  . ASN A 1 80  ? 11.871  -2.088  11.496  1.00 23.03  ? 81  ASN A CA  1 
ATOM   526  C C   . ASN A 1 80  ? 12.683  -2.416  12.755  1.00 24.17  ? 81  ASN A C   1 
ATOM   527  O O   . ASN A 1 80  ? 13.505  -3.311  12.713  1.00 23.31  ? 81  ASN A O   1 
ATOM   528  C CB  . ASN A 1 80  ? 10.399  -1.746  11.774  1.00 24.25  ? 81  ASN A CB  1 
ATOM   529  C CG  . ASN A 1 80  ? 9.623   -2.785  12.573  1.00 24.28  ? 81  ASN A CG  1 
ATOM   530  O OD1 . ASN A 1 80  ? 10.203  -3.730  13.163  1.00 26.24  ? 81  ASN A OD1 1 
ATOM   531  N ND2 . ASN A 1 80  ? 8.319   -2.535  12.717  1.00 21.64  ? 81  ASN A ND2 1 
ATOM   532  N N   . ASN A 1 81  ? 12.481  -1.658  13.825  1.00 28.34  ? 82  ASN A N   1 
ATOM   533  C CA  . ASN A 1 81  ? 13.263  -1.831  15.039  1.00 31.03  ? 82  ASN A CA  1 
ATOM   534  C C   . ASN A 1 81  ? 13.000  -3.156  15.747  1.00 31.77  ? 82  ASN A C   1 
ATOM   535  O O   . ASN A 1 81  ? 13.778  -3.522  16.625  1.00 34.94  ? 82  ASN A O   1 
ATOM   536  C CB  . ASN A 1 81  ? 13.010  -0.665  16.006  1.00 36.33  ? 82  ASN A CB  1 
ATOM   537  C CG  . ASN A 1 81  ? 13.722  0.614   15.613  1.00 38.32  ? 82  ASN A CG  1 
ATOM   538  O OD1 . ASN A 1 81  ? 14.571  0.620   14.737  1.00 41.95  ? 82  ASN A OD1 1 
ATOM   539  N ND2 . ASN A 1 81  ? 13.434  1.697   16.306  1.00 43.98  ? 82  ASN A ND2 1 
ATOM   540  N N   . TYR A 1 82  ? 11.876  -3.823  15.453  1.00 30.45  ? 83  TYR A N   1 
ATOM   541  C CA  . TYR A 1 82  ? 11.424  -4.995  16.187  1.00 30.58  ? 83  TYR A CA  1 
ATOM   542  C C   . TYR A 1 82  ? 11.656  -6.298  15.426  1.00 32.22  ? 83  TYR A C   1 
ATOM   543  O O   . TYR A 1 82  ? 11.844  -7.362  16.036  1.00 24.74  ? 83  TYR A O   1 
ATOM   544  C CB  . TYR A 1 82  ? 9.935   -4.883  16.529  1.00 28.54  ? 83  TYR A CB  1 
ATOM   545  C CG  . TYR A 1 82  ? 9.617   -3.633  17.300  1.00 36.21  ? 83  TYR A CG  1 
ATOM   546  C CD1 . TYR A 1 82  ? 9.939   -3.519  18.646  1.00 39.94  ? 83  TYR A CD1 1 
ATOM   547  C CD2 . TYR A 1 82  ? 9.106   -2.522  16.643  1.00 39.99  ? 83  TYR A CD2 1 
ATOM   548  C CE1 . TYR A 1 82  ? 9.688   -2.348  19.336  1.00 44.98  ? 83  TYR A CE1 1 
ATOM   549  C CE2 . TYR A 1 82  ? 8.881   -1.332  17.312  1.00 46.57  ? 83  TYR A CE2 1 
ATOM   550  C CZ  . TYR A 1 82  ? 9.180   -1.244  18.661  1.00 50.21  ? 83  TYR A CZ  1 
ATOM   551  O OH  . TYR A 1 82  ? 8.916   -0.062  19.305  1.00 56.63  ? 83  TYR A OH  1 
ATOM   552  N N   . ARG A 1 83  ? 11.544  -6.244  14.091  1.00 27.26  ? 84  ARG A N   1 
ATOM   553  C CA  . ARG A 1 83  ? 11.642  -7.459  13.305  1.00 25.95  ? 84  ARG A CA  1 
ATOM   554  C C   . ARG A 1 83  ? 12.304  -7.198  11.958  1.00 27.84  ? 84  ARG A C   1 
ATOM   555  O O   . ARG A 1 83  ? 12.221  -6.083  11.390  1.00 24.34  ? 84  ARG A O   1 
ATOM   556  C CB  . ARG A 1 83  ? 10.256  -8.056  13.062  1.00 29.74  ? 84  ARG A CB  1 
ATOM   557  C CG  . ARG A 1 83  ? 9.511   -8.399  14.340  1.00 35.98  ? 84  ARG A CG  1 
ATOM   558  C CD  . ARG A 1 83  ? 8.372   -9.334  14.081  1.00 35.31  ? 84  ARG A CD  1 
ATOM   559  N NE  . ARG A 1 83  ? 7.454   -9.404  15.209  1.00 42.39  ? 84  ARG A NE  1 
ATOM   560  C CZ  . ARG A 1 83  ? 6.359   -10.158 15.200  1.00 45.95  ? 84  ARG A CZ  1 
ATOM   561  N NH1 . ARG A 1 83  ? 5.538   -10.153 16.237  1.00 44.07  ? 84  ARG A NH1 1 
ATOM   562  N NH2 . ARG A 1 83  ? 6.100   -10.917 14.144  1.00 45.29  ? 84  ARG A NH2 1 
ATOM   563  N N   . ASN A 1 84  ? 12.867  -8.274  11.424  1.00 23.62  ? 85  ASN A N   1 
ATOM   564  C CA  . ASN A 1 84  ? 13.372  -8.265  10.055  1.00 27.05  ? 85  ASN A CA  1 
ATOM   565  C C   . ASN A 1 84  ? 12.898  -9.542  9.364   1.00 27.11  ? 85  ASN A C   1 
ATOM   566  O O   . ASN A 1 84  ? 13.432  -10.610 9.592   1.00 25.02  ? 85  ASN A O   1 
ATOM   567  C CB  . ASN A 1 84  ? 14.898  -8.113  9.998   1.00 28.06  ? 85  ASN A CB  1 
ATOM   568  C CG  . ASN A 1 84  ? 15.442  -7.891  8.595   1.00 28.30  ? 85  ASN A CG  1 
ATOM   569  O OD1 . ASN A 1 84  ? 14.723  -8.022  7.596   1.00 25.31  ? 85  ASN A OD1 1 
ATOM   570  N ND2 . ASN A 1 84  ? 16.692  -7.456  8.510   1.00 28.52  ? 85  ASN A ND2 1 
ATOM   571  N N   . ALA A 1 85  ? 11.867  -9.431  8.514   1.00 23.10  ? 86  ALA A N   1 
ATOM   572  C CA  . ALA A 1 85  ? 11.295  -10.570 7.841   1.00 23.02  ? 86  ALA A CA  1 
ATOM   573  C C   . ALA A 1 85  ? 11.898  -10.820 6.455   1.00 23.29  ? 86  ALA A C   1 
ATOM   574  O O   . ALA A 1 85  ? 11.358  -11.638 5.698   1.00 25.43  ? 86  ALA A O   1 
ATOM   575  C CB  . ALA A 1 85  ? 9.796   -10.431 7.751   1.00 24.24  ? 86  ALA A CB  1 
ATOM   576  N N   . HIS A 1 86  ? 13.019  -10.172 6.137   1.00 21.24  ? 87  HIS A N   1 
ATOM   577  C CA  . HIS A 1 86  ? 13.758  -10.465 4.923   1.00 21.97  ? 87  HIS A CA  1 
ATOM   578  C C   . HIS A 1 86  ? 12.822  -10.477 3.720   1.00 20.76  ? 87  HIS A C   1 
ATOM   579  O O   . HIS A 1 86  ? 12.910  -11.387 2.880   1.00 18.71  ? 87  HIS A O   1 
ATOM   580  C CB  . HIS A 1 86  ? 14.505  -11.803 4.989   1.00 25.20  ? 87  HIS A CB  1 
ATOM   581  C CG  . HIS A 1 86  ? 15.500  -11.795 6.085   1.00 37.08  ? 87  HIS A CG  1 
ATOM   582  N ND1 . HIS A 1 86  ? 16.471  -10.816 6.228   1.00 51.79  ? 87  HIS A ND1 1 
ATOM   583  C CD2 . HIS A 1 86  ? 15.663  -12.652 7.120   1.00 44.07  ? 87  HIS A CD2 1 
ATOM   584  C CE1 . HIS A 1 86  ? 17.205  -11.102 7.310   1.00 53.61  ? 87  HIS A CE1 1 
ATOM   585  N NE2 . HIS A 1 86  ? 16.736  -12.217 7.858   1.00 46.80  ? 87  HIS A NE2 1 
ATOM   586  N N   . SER A 1 87  ? 11.961  -9.466  3.639   1.00 19.35  ? 88  SER A N   1 
ATOM   587  C CA  . SER A 1 87  ? 10.950  -9.468  2.575   1.00 19.25  ? 88  SER A CA  1 
ATOM   588  C C   . SER A 1 87  ? 10.446  -8.067  2.324   1.00 19.41  ? 88  SER A C   1 
ATOM   589  O O   . SER A 1 87  ? 10.740  -7.153  3.093   1.00 21.87  ? 88  SER A O   1 
ATOM   590  C CB  . SER A 1 87  ? 9.814   -10.391 2.900   1.00 20.89  ? 88  SER A CB  1 
ATOM   591  O OG  . SER A 1 87  ? 9.302   -10.183 4.209   1.00 22.73  ? 88  SER A OG  1 
ATOM   592  N N   . ALA A 1 88  ? 9.728   -7.908  1.221   1.00 18.99  ? 89  ALA A N   1 
ATOM   593  C CA  . ALA A 1 88  ? 9.192   -6.602  0.824   1.00 18.43  ? 89  ALA A CA  1 
ATOM   594  C C   . ALA A 1 88  ? 7.933   -6.842  -0.010  1.00 18.58  ? 89  ALA A C   1 
ATOM   595  O O   . ALA A 1 88  ? 7.894   -7.798  -0.800  1.00 18.06  ? 89  ALA A O   1 
ATOM   596  C CB  . ALA A 1 88  ? 10.178  -5.818  -0.013  1.00 18.38  ? 89  ALA A CB  1 
ATOM   597  N N   . THR A 1 89  ? 6.905   -6.006  0.217   1.00 19.17  ? 90  THR A N   1 
ATOM   598  C CA  . THR A 1 89  ? 5.652   -6.097  -0.505  1.00 18.80  ? 90  THR A CA  1 
ATOM   599  C C   . THR A 1 89  ? 5.476   -4.832  -1.317  1.00 17.34  ? 90  THR A C   1 
ATOM   600  O O   . THR A 1 89  ? 5.705   -3.759  -0.776  1.00 18.84  ? 90  THR A O   1 
ATOM   601  C CB  . THR A 1 89  ? 4.484   -6.250  0.473   1.00 18.97  ? 90  THR A CB  1 
ATOM   602  O OG1 . THR A 1 89  ? 4.747   -7.449  1.221   1.00 18.89  ? 90  THR A OG1 1 
ATOM   603  C CG2 . THR A 1 89  ? 3.132   -6.334  -0.198  1.00 20.08  ? 90  THR A CG2 1 
ATOM   604  N N   . THR A 1 90  ? 4.901   -4.971  -2.504  1.00 17.46  ? 91  THR A N   1 
ATOM   605  C CA  . THR A 1 90  ? 4.434   -3.835  -3.289  1.00 16.20  ? 91  THR A CA  1 
ATOM   606  C C   . THR A 1 90  ? 2.958   -4.034  -3.523  1.00 15.31  ? 91  THR A C   1 
ATOM   607  O O   . THR A 1 90  ? 2.524   -5.156  -3.824  1.00 18.92  ? 91  THR A O   1 
ATOM   608  C CB  . THR A 1 90  ? 5.113   -3.640  -4.657  1.00 21.32  ? 91  THR A CB  1 
ATOM   609  O OG1 . THR A 1 90  ? 4.895   -4.677  -5.629  1.00 22.61  ? 91  THR A OG1 1 
ATOM   610  C CG2 . THR A 1 90  ? 6.599   -3.406  -4.508  1.00 22.50  ? 91  THR A CG2 1 
ATOM   611  N N   . TRP A 1 91  ? 2.199   -2.951  -3.365  1.00 16.77  ? 92  TRP A N   1 
ATOM   612  C CA  . TRP A 1 91  ? 0.800   -2.924  -3.669  1.00 16.05  ? 92  TRP A CA  1 
ATOM   613  C C   . TRP A 1 91  ? 0.630   -2.023  -4.881  1.00 15.68  ? 92  TRP A C   1 
ATOM   614  O O   . TRP A 1 91  ? 1.085   -0.894  -4.857  1.00 17.87  ? 92  TRP A O   1 
ATOM   615  C CB  . TRP A 1 91  ? -0.001  -2.305  -2.506  1.00 17.97  ? 92  TRP A CB  1 
ATOM   616  C CG  . TRP A 1 91  ? -0.197  -3.136  -1.294  1.00 16.56  ? 92  TRP A CG  1 
ATOM   617  C CD1 . TRP A 1 91  ? -1.317  -3.800  -0.904  1.00 17.86  ? 92  TRP A CD1 1 
ATOM   618  C CD2 . TRP A 1 91  ? 0.754   -3.278  -0.234  1.00 16.32  ? 92  TRP A CD2 1 
ATOM   619  N NE1 . TRP A 1 91  ? -1.104  -4.399  0.324   1.00 19.11  ? 92  TRP A NE1 1 
ATOM   620  C CE2 . TRP A 1 91  ? 0.148   -4.068  0.757   1.00 17.88  ? 92  TRP A CE2 1 
ATOM   621  C CE3 . TRP A 1 91  ? 2.048   -2.807  -0.057  1.00 18.11  ? 92  TRP A CE3 1 
ATOM   622  C CZ2 . TRP A 1 91  ? 0.784   -4.380  1.968   1.00 18.68  ? 92  TRP A CZ2 1 
ATOM   623  C CZ3 . TRP A 1 91  ? 2.668   -3.091  1.141   1.00 19.17  ? 92  TRP A CZ3 1 
ATOM   624  C CH2 . TRP A 1 91  ? 2.045   -3.875  2.106   1.00 17.62  ? 92  TRP A CH2 1 
ATOM   625  N N   . SER A 1 92  ? -0.140  -2.505  -5.806  1.00 17.52  ? 93  SER A N   1 
ATOM   626  C CA  . SER A 1 92  ? -0.474  -1.809  -7.047  1.00 17.95  ? 93  SER A CA  1 
ATOM   627  C C   . SER A 1 92  ? -1.989  -1.756  -7.164  1.00 17.86  ? 93  SER A C   1 
ATOM   628  O O   . SER A 1 92  ? -2.668  -2.784  -7.049  1.00 19.43  ? 93  SER A O   1 
ATOM   629  C CB  . SER A 1 92  ? 0.153   -2.549  -8.197  1.00 17.37  ? 93  SER A CB  1 
ATOM   630  O OG  . SER A 1 92  ? -0.163  -1.896  -9.452  1.00 20.74  ? 93  SER A OG  1 
ATOM   631  N N   . GLY A 1 93  ? -2.554  -0.578  -7.441  1.00 18.88  ? 94  GLY A N   1 
ATOM   632  C CA  . GLY A 1 93  ? -3.996  -0.503  -7.512  1.00 19.32  ? 94  GLY A CA  1 
ATOM   633  C C   . GLY A 1 93  ? -4.501  0.878   -7.895  1.00 21.55  ? 94  GLY A C   1 
ATOM   634  O O   . GLY A 1 93  ? -3.789  1.663   -8.530  1.00 20.17  ? 94  GLY A O   1 
ATOM   635  N N   . GLN A 1 94  ? -5.746  1.129   -7.480  1.00 21.20  ? 95  GLN A N   1 
ATOM   636  C CA  . GLN A 1 94  ? -6.362  2.398   -7.747  1.00 22.44  ? 95  GLN A CA  1 
ATOM   637  C C   . GLN A 1 94  ? -7.283  2.809   -6.595  1.00 20.38  ? 95  GLN A C   1 
ATOM   638  O O   . GLN A 1 94  ? -7.965  1.992   -5.976  1.00 22.79  ? 95  GLN A O   1 
ATOM   639  C CB  . GLN A 1 94  ? -7.020  2.342   -9.128  1.00 22.07  ? 95  GLN A CB  1 
ATOM   640  C CG  . GLN A 1 94  ? -8.230  1.441   -9.232  1.00 21.72  ? 95  GLN A CG  1 
ATOM   641  C CD  . GLN A 1 94  ? -8.832  1.468   -10.626 1.00 26.98  ? 95  GLN A CD  1 
ATOM   642  O OE1 . GLN A 1 94  ? -9.044  2.551   -11.175 1.00 23.64  ? 95  GLN A OE1 1 
ATOM   643  N NE2 . GLN A 1 94  ? -9.127  0.291   -11.193 1.00 24.72  ? 95  GLN A NE2 1 
ATOM   644  N N   . TYR A 1 95  ? -7.241  4.125   -6.351  1.00 20.31  ? 96  TYR A N   1 
ATOM   645  C CA  . TYR A 1 95  ? -8.101  4.854   -5.445  1.00 20.39  ? 96  TYR A CA  1 
ATOM   646  C C   . TYR A 1 95  ? -9.387  5.230   -6.175  1.00 24.60  ? 96  TYR A C   1 
ATOM   647  O O   . TYR A 1 95  ? -9.318  5.813   -7.281  1.00 22.46  ? 96  TYR A O   1 
ATOM   648  C CB  . TYR A 1 95  ? -7.322  6.072   -4.938  1.00 21.85  ? 96  TYR A CB  1 
ATOM   649  C CG  . TYR A 1 95  ? -8.189  7.155   -4.350  1.00 23.62  ? 96  TYR A CG  1 
ATOM   650  C CD1 . TYR A 1 95  ? -8.734  7.013   -3.092  1.00 25.36  ? 96  TYR A CD1 1 
ATOM   651  C CD2 . TYR A 1 95  ? -8.598  8.240   -5.114  1.00 26.02  ? 96  TYR A CD2 1 
ATOM   652  C CE1 . TYR A 1 95  ? -9.590  7.960   -2.561  1.00 27.34  ? 96  TYR A CE1 1 
ATOM   653  C CE2 . TYR A 1 95  ? -9.473  9.186   -4.607  1.00 27.84  ? 96  TYR A CE2 1 
ATOM   654  C CZ  . TYR A 1 95  ? -9.958  9.046   -3.324  1.00 28.78  ? 96  TYR A CZ  1 
ATOM   655  O OH  . TYR A 1 95  ? -10.753 9.986   -2.751  1.00 33.45  ? 96  TYR A OH  1 
ATOM   656  N N   . VAL A 1 96  ? -10.523 4.912   -5.524  1.00 24.40  ? 97  VAL A N   1 
ATOM   657  C CA  . VAL A 1 96  ? -11.824 5.377   -5.988  1.00 30.85  ? 97  VAL A CA  1 
ATOM   658  C C   . VAL A 1 96  ? -12.456 6.197   -4.869  1.00 30.22  ? 97  VAL A C   1 
ATOM   659  O O   . VAL A 1 96  ? -12.579 5.718   -3.725  1.00 28.47  ? 97  VAL A O   1 
ATOM   660  C CB  . VAL A 1 96  ? -12.720 4.186   -6.373  1.00 34.85  ? 97  VAL A CB  1 
ATOM   661  C CG1 . VAL A 1 96  ? -14.013 4.665   -7.024  1.00 39.87  ? 97  VAL A CG1 1 
ATOM   662  C CG2 . VAL A 1 96  ? -12.000 3.196   -7.287  1.00 38.64  ? 97  VAL A CG2 1 
ATOM   663  N N   . GLY A 1 97  ? -12.854 7.428   -5.198  1.00 27.35  ? 98  GLY A N   1 
ATOM   664  C CA  . GLY A 1 97  ? -13.360 8.369   -4.200  1.00 31.77  ? 98  GLY A CA  1 
ATOM   665  C C   . GLY A 1 97  ? -14.860 8.174   -3.925  1.00 36.03  ? 98  GLY A C   1 
ATOM   666  O O   . GLY A 1 97  ? -15.459 7.223   -4.422  1.00 38.75  ? 98  GLY A O   1 
ATOM   667  N N   . GLY A 1 98  ? -15.455 9.072   -3.120  1.00 40.21  ? 99  GLY A N   1 
ATOM   668  C CA  . GLY A 1 98  ? -16.884 9.062   -2.839  1.00 38.73  ? 99  GLY A CA  1 
ATOM   669  C C   . GLY A 1 98  ? -17.202 8.562   -1.432  1.00 40.27  ? 99  GLY A C   1 
ATOM   670  O O   . GLY A 1 98  ? -16.299 8.409   -0.598  1.00 38.37  ? 99  GLY A O   1 
ATOM   671  N N   . ALA A 1 99  ? -18.495 8.291   -1.194  1.00 40.38  ? 100 ALA A N   1 
ATOM   672  C CA  . ALA A 1 99  ? -19.015 8.032   0.144   1.00 44.68  ? 100 ALA A CA  1 
ATOM   673  C C   . ALA A 1 99  ? -18.434 6.750   0.728   1.00 43.23  ? 100 ALA A C   1 
ATOM   674  O O   . ALA A 1 99  ? -18.243 6.672   1.944   1.00 50.16  ? 100 ALA A O   1 
ATOM   675  C CB  . ALA A 1 99  ? -20.525 7.959   0.117   1.00 46.70  ? 100 ALA A CB  1 
ATOM   676  N N   . GLU A 1 100 ? -18.215 5.746   -0.135  1.00 42.35  ? 101 GLU A N   1 
ATOM   677  C CA  . GLU A 1 100 ? -17.513 4.521   0.230   1.00 43.49  ? 101 GLU A CA  1 
ATOM   678  C C   . GLU A 1 100 ? -16.216 4.419   -0.591  1.00 37.48  ? 101 GLU A C   1 
ATOM   679  O O   . GLU A 1 100 ? -16.042 3.575   -1.462  1.00 36.74  ? 101 GLU A O   1 
ATOM   680  C CB  . GLU A 1 100 ? -18.449 3.327   0.059   1.00 46.94  ? 101 GLU A CB  1 
ATOM   681  C CG  . GLU A 1 100 ? -19.484 3.208   1.166   0.50 49.17  ? 101 GLU A CG  1 
ATOM   682  C CD  . GLU A 1 100 ? -20.603 2.235   0.836   0.50 54.85  ? 101 GLU A CD  1 
ATOM   683  O OE1 . GLU A 1 100 ? -21.494 2.608   0.037   0.50 57.31  ? 101 GLU A OE1 1 
ATOM   684  O OE2 . GLU A 1 100 ? -20.558 1.090   1.333   0.50 55.90  ? 101 GLU A OE2 1 
ATOM   685  N N   . ALA A 1 101 ? -15.292 5.321   -0.280  1.00 33.33  ? 102 ALA A N   1 
ATOM   686  C CA  . ALA A 1 101 ? -14.020 5.417   -0.966  1.00 28.04  ? 102 ALA A CA  1 
ATOM   687  C C   . ALA A 1 101 ? -13.221 4.130   -0.733  1.00 29.52  ? 102 ALA A C   1 
ATOM   688  O O   . ALA A 1 101 ? -13.355 3.490   0.315   1.00 25.99  ? 102 ALA A O   1 
ATOM   689  C CB  . ALA A 1 101 ? -13.332 6.637   -0.443  1.00 27.28  ? 102 ALA A CB  1 
ATOM   690  N N   . ARG A 1 102 ? -12.428 3.726   -1.731  1.00 28.01  ? 103 ARG A N   1 
ATOM   691  C CA  . ARG A 1 102 ? -11.740 2.447   -1.678  1.00 26.31  ? 103 ARG A CA  1 
ATOM   692  C C   . ARG A 1 102 ? -10.400 2.606   -2.384  1.00 24.81  ? 103 ARG A C   1 
ATOM   693  O O   . ARG A 1 102 ? -10.272 3.369   -3.359  1.00 23.25  ? 103 ARG A O   1 
ATOM   694  C CB  . ARG A 1 102 ? -12.590 1.365   -2.354  1.00 31.60  ? 103 ARG A CB  1 
ATOM   695  C CG  . ARG A 1 102 ? -13.633 0.723   -1.453  0.50 33.53  ? 103 ARG A CG  1 
ATOM   696  C CD  . ARG A 1 102 ? -14.507 -0.261  -2.201  0.50 38.99  ? 103 ARG A CD  1 
ATOM   697  N NE  . ARG A 1 102 ? -14.971 -1.318  -1.313  0.50 40.93  ? 103 ARG A NE  1 
ATOM   698  C CZ  . ARG A 1 102 ? -15.684 -1.122  -0.212  0.50 44.82  ? 103 ARG A CZ  1 
ATOM   699  N NH1 . ARG A 1 102 ? -15.993 -2.151  0.556   0.50 44.04  ? 103 ARG A NH1 1 
ATOM   700  N NH2 . ARG A 1 102 ? -16.078 0.098   0.118   0.50 47.57  ? 103 ARG A NH2 1 
ATOM   701  N N   . ILE A 1 103 ? -9.417  1.887   -1.858  1.00 23.35  ? 104 ILE A N   1 
ATOM   702  C CA  . ILE A 1 103 ? -8.228  1.560   -2.629  1.00 23.99  ? 104 ILE A CA  1 
ATOM   703  C C   . ILE A 1 103 ? -8.222  0.058   -2.853  1.00 21.45  ? 104 ILE A C   1 
ATOM   704  O O   . ILE A 1 103 ? -8.053  -0.731  -1.920  1.00 21.98  ? 104 ILE A O   1 
ATOM   705  C CB  . ILE A 1 103 ? -6.944  2.079   -1.958  1.00 21.38  ? 104 ILE A CB  1 
ATOM   706  C CG1 . ILE A 1 103 ? -7.005  3.571   -1.627  1.00 25.06  ? 104 ILE A CG1 1 
ATOM   707  C CG2 . ILE A 1 103 ? -5.714  1.763   -2.807  1.00 21.84  ? 104 ILE A CG2 1 
ATOM   708  C CD1 . ILE A 1 103 ? -5.893  4.037   -0.739  1.00 25.84  ? 104 ILE A CD1 1 
ATOM   709  N N   . ASN A 1 104 ? -8.382  -0.307  -4.114  1.00 21.84  ? 105 ASN A N   1 
ATOM   710  C CA  . ASN A 1 104 ? -8.408  -1.690  -4.553  1.00 24.18  ? 105 ASN A CA  1 
ATOM   711  C C   . ASN A 1 104 ? -7.020  -2.072  -5.060  1.00 21.99  ? 105 ASN A C   1 
ATOM   712  O O   . ASN A 1 104 ? -6.508  -1.430  -5.951  1.00 19.88  ? 105 ASN A O   1 
ATOM   713  C CB  . ASN A 1 104 ? -9.450  -1.913  -5.646  1.00 27.52  ? 105 ASN A CB  1 
ATOM   714  C CG  . ASN A 1 104 ? -10.854 -1.662  -5.143  1.00 31.20  ? 105 ASN A CG  1 
ATOM   715  O OD1 . ASN A 1 104 ? -11.168 -2.003  -4.005  1.00 34.94  ? 105 ASN A OD1 1 
ATOM   716  N ND2 . ASN A 1 104 ? -11.654 -0.984  -5.957  1.00 29.10  ? 105 ASN A ND2 1 
ATOM   717  N N   . THR A 1 105 ? -6.387  -3.046  -4.411  1.00 20.68  ? 106 THR A N   1 
ATOM   718  C CA  . THR A 1 105 ? -5.024  -3.399  -4.763  1.00 22.08  ? 106 THR A CA  1 
ATOM   719  C C   . THR A 1 105 ? -4.816  -4.892  -5.019  1.00 20.43  ? 106 THR A C   1 
ATOM   720  O O   . THR A 1 105 ? -5.587  -5.741  -4.573  1.00 20.11  ? 106 THR A O   1 
ATOM   721  C CB  . THR A 1 105 ? -4.008  -2.993  -3.700  1.00 22.02  ? 106 THR A CB  1 
ATOM   722  O OG1 . THR A 1 105 ? -4.192  -3.858  -2.576  1.00 20.60  ? 106 THR A OG1 1 
ATOM   723  C CG2 . THR A 1 105 ? -4.111  -1.531  -3.337  1.00 20.64  ? 106 THR A CG2 1 
ATOM   724  N N   . GLN A 1 106 ? -3.747  -5.165  -5.778  1.00 22.96  ? 107 GLN A N   1 
ATOM   725  C CA  . GLN A 1 106 ? -3.072  -6.446  -5.814  1.00 20.76  ? 107 GLN A CA  1 
ATOM   726  C C   . GLN A 1 106 ? -1.656  -6.242  -5.311  1.00 20.22  ? 107 GLN A C   1 
ATOM   727  O O   . GLN A 1 106 ? -1.089  -5.179  -5.429  1.00 20.36  ? 107 GLN A O   1 
ATOM   728  C CB  . GLN A 1 106 ? -3.129  -6.963  -7.242  1.00 25.11  ? 107 GLN A CB  1 
ATOM   729  C CG  A GLN A 1 106 ? -4.595  -7.128  -7.652  0.50 23.21  ? 107 GLN A CG  1 
ATOM   730  C CG  B GLN A 1 106 ? -4.524  -7.267  -7.779  0.50 27.75  ? 107 GLN A CG  1 
ATOM   731  C CD  A GLN A 1 106 ? -4.813  -7.880  -8.927  0.50 18.87  ? 107 GLN A CD  1 
ATOM   732  C CD  B GLN A 1 106 ? -4.824  -8.747  -7.823  0.50 28.90  ? 107 GLN A CD  1 
ATOM   733  O OE1 A GLN A 1 106 ? -4.679  -9.094  -8.946  0.50 17.70  ? 107 GLN A OE1 1 
ATOM   734  O OE1 B GLN A 1 106 ? -4.331  -9.574  -7.043  0.50 30.88  ? 107 GLN A OE1 1 
ATOM   735  N NE2 A GLN A 1 106 ? -5.192  -7.161  -9.978  0.50 18.73  ? 107 GLN A NE2 1 
ATOM   736  N NE2 B GLN A 1 106 ? -5.703  -9.098  -8.736  0.50 27.21  ? 107 GLN A NE2 1 
ATOM   737  N N   . TRP A 1 107 ? -1.095  -7.272  -4.684  1.00 20.54  ? 108 TRP A N   1 
ATOM   738  C CA  . TRP A 1 107 ? 0.204   -7.133  -4.076  1.00 19.06  ? 108 TRP A CA  1 
ATOM   739  C C   . TRP A 1 107 ? 1.130   -8.315  -4.387  1.00 16.67  ? 108 TRP A C   1 
ATOM   740  O O   . TRP A 1 107 ? 0.662   -9.410  -4.725  1.00 16.47  ? 108 TRP A O   1 
ATOM   741  C CB  . TRP A 1 107 ? 0.050   -6.915  -2.577  1.00 21.73  ? 108 TRP A CB  1 
ATOM   742  C CG  . TRP A 1 107 ? -0.715  -7.944  -1.809  1.00 20.73  ? 108 TRP A CG  1 
ATOM   743  C CD1 . TRP A 1 107 ? -1.954  -7.756  -1.271  1.00 21.33  ? 108 TRP A CD1 1 
ATOM   744  C CD2 . TRP A 1 107 ? -0.275  -9.252  -1.371  1.00 19.05  ? 108 TRP A CD2 1 
ATOM   745  N NE1 . TRP A 1 107 ? -2.303  -8.864  -0.543  1.00 20.04  ? 108 TRP A NE1 1 
ATOM   746  C CE2 . TRP A 1 107 ? -1.310  -9.799  -0.602  1.00 22.38  ? 108 TRP A CE2 1 
ATOM   747  C CE3 . TRP A 1 107 ? 0.868   -10.017 -1.579  1.00 20.62  ? 108 TRP A CE3 1 
ATOM   748  C CZ2 . TRP A 1 107 ? -1.233  -11.069 -0.012  1.00 20.30  ? 108 TRP A CZ2 1 
ATOM   749  C CZ3 . TRP A 1 107 ? 0.970   -11.255 -0.972  1.00 19.91  ? 108 TRP A CZ3 1 
ATOM   750  C CH2 . TRP A 1 107 ? -0.087  -11.782 -0.226  1.00 20.50  ? 108 TRP A CH2 1 
ATOM   751  N N   . LEU A 1 108 ? 2.451   -8.037  -4.395  1.00 17.51  ? 109 LEU A N   1 
ATOM   752  C CA  . LEU A 1 108 ? 3.503   -9.021  -4.570  1.00 17.92  ? 109 LEU A CA  1 
ATOM   753  C C   . LEU A 1 108 ? 4.386   -8.945  -3.348  1.00 18.09  ? 109 LEU A C   1 
ATOM   754  O O   . LEU A 1 108 ? 4.905   -7.879  -3.041  1.00 20.02  ? 109 LEU A O   1 
ATOM   755  C CB  . LEU A 1 108 ? 4.318   -8.724  -5.833  1.00 18.57  ? 109 LEU A CB  1 
ATOM   756  C CG  . LEU A 1 108 ? 3.545   -8.808  -7.138  1.00 19.76  ? 109 LEU A CG  1 
ATOM   757  C CD1 . LEU A 1 108 ? 4.371   -8.293  -8.307  1.00 21.76  ? 109 LEU A CD1 1 
ATOM   758  C CD2 . LEU A 1 108 ? 3.095   -10.214 -7.397  1.00 18.77  ? 109 LEU A CD2 1 
ATOM   759  N N   . LEU A 1 109 ? 4.588   -10.083 -2.701  1.00 17.86  ? 110 LEU A N   1 
ATOM   760  C CA  . LEU A 1 109 ? 5.434   -10.152 -1.515  1.00 18.37  ? 110 LEU A CA  1 
ATOM   761  C C   . LEU A 1 109 ? 6.621   -11.082 -1.797  1.00 17.70  ? 110 LEU A C   1 
ATOM   762  O O   . LEU A 1 109 ? 6.472   -12.273 -2.074  1.00 19.33  ? 110 LEU A O   1 
ATOM   763  C CB  . LEU A 1 109 ? 4.586   -10.638 -0.348  1.00 18.04  ? 110 LEU A CB  1 
ATOM   764  C CG  . LEU A 1 109 ? 5.309   -11.262 0.852   1.00 20.73  ? 110 LEU A CG  1 
ATOM   765  C CD1 . LEU A 1 109 ? 6.342   -10.331 1.433   1.00 22.60  ? 110 LEU A CD1 1 
ATOM   766  C CD2 . LEU A 1 109 ? 4.301   -11.603 1.899   1.00 24.01  ? 110 LEU A CD2 1 
ATOM   767  N N   . THR A 1 110 ? 7.806   -10.503 -1.856  1.00 19.91  ? 111 THR A N   1 
ATOM   768  C CA  . THR A 1 110 ? 8.982   -11.261 -2.236  1.00 19.82  ? 111 THR A CA  1 
ATOM   769  C C   . THR A 1 110 ? 9.848   -11.433 -0.997  1.00 19.23  ? 111 THR A C   1 
ATOM   770  O O   . THR A 1 110 ? 10.100  -10.470 -0.291  1.00 19.28  ? 111 THR A O   1 
ATOM   771  C CB  . THR A 1 110 ? 9.804   -10.596 -3.327  1.00 20.60  ? 111 THR A CB  1 
ATOM   772  O OG1 . THR A 1 110 ? 9.038   -10.366 -4.517  1.00 21.69  ? 111 THR A OG1 1 
ATOM   773  C CG2 . THR A 1 110 ? 11.010  -11.409 -3.734  1.00 23.83  ? 111 THR A CG2 1 
ATOM   774  N N   . SER A 1 111 ? 10.335  -12.637 -0.841  1.00 19.04  ? 112 SER A N   1 
ATOM   775  C CA  . SER A 1 111 ? 11.285  -12.940 0.219   1.00 21.34  ? 112 SER A CA  1 
ATOM   776  C C   . SER A 1 111 ? 12.666  -13.086 -0.398  1.00 22.37  ? 112 SER A C   1 
ATOM   777  O O   . SER A 1 111 ? 12.802  -13.615 -1.492  1.00 24.10  ? 112 SER A O   1 
ATOM   778  C CB  . SER A 1 111 ? 10.843  -14.174 0.960   1.00 25.47  ? 112 SER A CB  1 
ATOM   779  O OG  . SER A 1 111 ? 11.851  -14.586 1.865   1.00 30.43  ? 112 SER A OG  1 
ATOM   780  N N   . GLY A 1 112 ? 13.704  -12.589 0.287   1.00 23.25  ? 113 GLY A N   1 
ATOM   781  C CA  . GLY A 1 112 ? 15.042  -12.968 -0.113  1.00 24.01  ? 113 GLY A CA  1 
ATOM   782  C C   . GLY A 1 112 ? 15.221  -14.480 -0.022  1.00 27.36  ? 113 GLY A C   1 
ATOM   783  O O   . GLY A 1 112 ? 14.915  -15.021 1.026   1.00 29.17  ? 113 GLY A O   1 
ATOM   784  N N   . THR A 1 113 ? 15.730  -15.121 -1.096  1.00 27.96  ? 114 THR A N   1 
ATOM   785  C CA  . THR A 1 113 ? 15.941  -16.567 -1.130  1.00 26.20  ? 114 THR A CA  1 
ATOM   786  C C   . THR A 1 113 ? 17.335  -16.922 -1.665  1.00 30.44  ? 114 THR A C   1 
ATOM   787  O O   . THR A 1 113 ? 17.992  -16.109 -2.315  1.00 25.78  ? 114 THR A O   1 
ATOM   788  C CB  . THR A 1 113 ? 14.928  -17.269 -2.043  1.00 28.03  ? 114 THR A CB  1 
ATOM   789  O OG1 . THR A 1 113 ? 15.218  -16.866 -3.383  1.00 27.71  ? 114 THR A OG1 1 
ATOM   790  C CG2 . THR A 1 113 ? 13.479  -16.976 -1.697  1.00 29.76  ? 114 THR A CG2 1 
ATOM   791  N N   . THR A 1 114 ? 17.754  -18.190 -1.464  1.00 29.10  ? 115 THR A N   1 
ATOM   792  C CA  . THR A 1 114 ? 18.829  -18.750 -2.264  1.00 33.05  ? 115 THR A CA  1 
ATOM   793  C C   . THR A 1 114 ? 18.423  -18.807 -3.729  1.00 34.97  ? 115 THR A C   1 
ATOM   794  O O   . THR A 1 114 ? 17.250  -18.682 -4.056  1.00 31.23  ? 115 THR A O   1 
ATOM   795  C CB  . THR A 1 114 ? 19.202  -20.144 -1.778  1.00 32.39  ? 115 THR A CB  1 
ATOM   796  O OG1 . THR A 1 114 ? 18.051  -20.957 -2.016  1.00 31.12  ? 115 THR A OG1 1 
ATOM   797  C CG2 . THR A 1 114 ? 19.584  -20.114 -0.313  1.00 35.10  ? 115 THR A CG2 1 
ATOM   798  N N   . GLU A 1 115 ? 19.400  -19.006 -4.614  1.00 32.80  ? 116 GLU A N   1 
ATOM   799  C CA  . GLU A 1 115 ? 19.110  -19.086 -6.039  1.00 38.37  ? 116 GLU A CA  1 
ATOM   800  C C   . GLU A 1 115 ? 18.257  -20.323 -6.306  1.00 37.11  ? 116 GLU A C   1 
ATOM   801  O O   . GLU A 1 115 ? 17.443  -20.331 -7.221  1.00 35.46  ? 116 GLU A O   1 
ATOM   802  C CB  . GLU A 1 115 ? 20.401  -19.137 -6.860  1.00 44.21  ? 116 GLU A CB  1 
ATOM   803  C CG  . GLU A 1 115 ? 21.220  -17.856 -6.758  0.50 44.92  ? 116 GLU A CG  1 
ATOM   804  C CD  . GLU A 1 115 ? 22.484  -17.832 -7.601  0.50 47.90  ? 116 GLU A CD  1 
ATOM   805  O OE1 . GLU A 1 115 ? 23.011  -16.729 -7.847  0.50 43.91  ? 116 GLU A OE1 1 
ATOM   806  O OE2 . GLU A 1 115 ? 22.938  -18.922 -8.007  0.50 54.97  ? 116 GLU A OE2 1 
ATOM   807  N N   . ALA A 1 116 ? 18.495  -21.367 -5.510  1.00 34.19  ? 117 ALA A N   1 
ATOM   808  C CA  . ALA A 1 116 ? 17.774  -22.620 -5.616  1.00 36.16  ? 117 ALA A CA  1 
ATOM   809  C C   . ALA A 1 116 ? 16.282  -22.391 -5.374  1.00 32.63  ? 117 ALA A C   1 
ATOM   810  O O   . ALA A 1 116 ? 15.459  -23.043 -6.019  1.00 32.35  ? 117 ALA A O   1 
ATOM   811  C CB  . ALA A 1 116 ? 18.352  -23.621 -4.633  1.00 37.42  ? 117 ALA A CB  1 
ATOM   812  N N   . ASN A 1 117 ? 15.947  -21.450 -4.470  1.00 26.85  ? 118 ASN A N   1 
ATOM   813  C CA  . ASN A 1 117 ? 14.583  -21.258 -4.023  1.00 26.57  ? 118 ASN A CA  1 
ATOM   814  C C   . ASN A 1 117 ? 13.929  -20.044 -4.708  1.00 22.43  ? 118 ASN A C   1 
ATOM   815  O O   . ASN A 1 117 ? 12.800  -19.712 -4.400  1.00 26.44  ? 118 ASN A O   1 
ATOM   816  C CB  . ASN A 1 117 ? 14.485  -21.148 -2.514  1.00 25.04  ? 118 ASN A CB  1 
ATOM   817  C CG  . ASN A 1 117 ? 14.869  -22.460 -1.857  1.00 33.60  ? 118 ASN A CG  1 
ATOM   818  O OD1 . ASN A 1 117 ? 14.815  -23.500 -2.521  1.00 32.47  ? 118 ASN A OD1 1 
ATOM   819  N ND2 . ASN A 1 117 ? 15.214  -22.416 -0.577  1.00 32.19  ? 118 ASN A ND2 1 
ATOM   820  N N   . ALA A 1 118 ? 14.613  -19.391 -5.606  1.00 26.25  ? 119 ALA A N   1 
ATOM   821  C CA  . ALA A 1 118 ? 14.085  -18.161 -6.193  1.00 28.28  ? 119 ALA A CA  1 
ATOM   822  C C   . ALA A 1 118 ? 12.723  -18.362 -6.881  1.00 28.54  ? 119 ALA A C   1 
ATOM   823  O O   . ALA A 1 118 ? 11.934  -17.420 -6.995  1.00 29.93  ? 119 ALA A O   1 
ATOM   824  C CB  . ALA A 1 118 ? 15.090  -17.609 -7.157  1.00 32.50  ? 119 ALA A CB  1 
ATOM   825  N N   . TRP A 1 119 ? 12.458  -19.558 -7.426  1.00 31.25  ? 120 TRP A N   1 
ATOM   826  C CA  . TRP A 1 119 ? 11.212  -19.826 -8.150  1.00 27.66  ? 120 TRP A CA  1 
ATOM   827  C C   . TRP A 1 119 ? 10.015  -19.692 -7.214  1.00 28.52  ? 120 TRP A C   1 
ATOM   828  O O   . TRP A 1 119 ? 8.941   -19.335 -7.670  1.00 27.85  ? 120 TRP A O   1 
ATOM   829  C CB  . TRP A 1 119 ? 11.240  -21.198 -8.873  1.00 29.31  ? 120 TRP A CB  1 
ATOM   830  C CG  . TRP A 1 119 ? 11.281  -22.330 -7.898  1.00 25.82  ? 120 TRP A CG  1 
ATOM   831  C CD1 . TRP A 1 119 ? 12.402  -22.895 -7.363  1.00 27.93  ? 120 TRP A CD1 1 
ATOM   832  C CD2 . TRP A 1 119 ? 10.169  -22.958 -7.253  1.00 27.22  ? 120 TRP A CD2 1 
ATOM   833  N NE1 . TRP A 1 119 ? 12.056  -23.842 -6.441  1.00 27.99  ? 120 TRP A NE1 1 
ATOM   834  C CE2 . TRP A 1 119 ? 10.701  -23.900 -6.339  1.00 26.32  ? 120 TRP A CE2 1 
ATOM   835  C CE3 . TRP A 1 119 ? 8.782   -22.873 -7.381  1.00 28.42  ? 120 TRP A CE3 1 
ATOM   836  C CZ2 . TRP A 1 119 ? 9.899   -24.737 -5.579  1.00 28.84  ? 120 TRP A CZ2 1 
ATOM   837  C CZ3 . TRP A 1 119 ? 7.984   -23.671 -6.595  1.00 30.10  ? 120 TRP A CZ3 1 
ATOM   838  C CH2 . TRP A 1 119 ? 8.541   -24.593 -5.706  1.00 30.40  ? 120 TRP A CH2 1 
ATOM   839  N N   . LYS A 1 120 ? 10.201  -19.984 -5.902  1.00 25.99  ? 121 LYS A N   1 
ATOM   840  C CA  . LYS A 1 120 ? 9.179   -19.758 -4.905  1.00 29.43  ? 121 LYS A CA  1 
ATOM   841  C C   . LYS A 1 120 ? 9.470   -18.558 -3.980  1.00 29.08  ? 121 LYS A C   1 
ATOM   842  O O   . LYS A 1 120 ? 9.193   -18.608 -2.788  1.00 31.49  ? 121 LYS A O   1 
ATOM   843  C CB  . LYS A 1 120 ? 9.052   -21.007 -4.049  1.00 30.81  ? 121 LYS A CB  1 
ATOM   844  C CG  . LYS A 1 120 ? 10.347  -21.489 -3.450  1.00 31.43  ? 121 LYS A CG  1 
ATOM   845  C CD  . LYS A 1 120 ? 10.097  -22.665 -2.523  1.00 35.56  ? 121 LYS A CD  1 
ATOM   846  C CE  . LYS A 1 120 ? 11.395  -23.246 -2.015  1.00 39.15  ? 121 LYS A CE  1 
ATOM   847  N NZ  . LYS A 1 120 ? 11.203  -24.459 -1.187  1.00 41.90  ? 121 LYS A NZ  1 
ATOM   848  N N   . SER A 1 121 ? 9.922   -17.431 -4.521  1.00 24.31  ? 122 SER A N   1 
ATOM   849  C CA  . SER A 1 121 ? 10.252  -16.268 -3.715  1.00 23.49  ? 122 SER A CA  1 
ATOM   850  C C   . SER A 1 121 ? 9.093   -15.283 -3.498  1.00 24.76  ? 122 SER A C   1 
ATOM   851  O O   . SER A 1 121 ? 9.165   -14.431 -2.585  1.00 21.65  ? 122 SER A O   1 
ATOM   852  C CB  . SER A 1 121 ? 11.411  -15.553 -4.362  1.00 24.85  ? 122 SER A CB  1 
ATOM   853  O OG  . SER A 1 121 ? 10.979  -15.027 -5.615  1.00 24.36  ? 122 SER A OG  1 
ATOM   854  N N   . THR A 1 122 ? 8.048   -15.363 -4.326  1.00 19.61  ? 123 THR A N   1 
ATOM   855  C CA  . THR A 1 122 ? 7.057   -14.309 -4.410  1.00 21.19  ? 123 THR A CA  1 
ATOM   856  C C   . THR A 1 122 ? 5.624   -14.821 -4.217  1.00 19.94  ? 123 THR A C   1 
ATOM   857  O O   . THR A 1 122 ? 5.155   -15.646 -5.002  1.00 21.52  ? 123 THR A O   1 
ATOM   858  C CB  . THR A 1 122 ? 7.250   -13.572 -5.738  1.00 20.21  ? 123 THR A CB  1 
ATOM   859  O OG1 . THR A 1 122 ? 8.596   -13.123 -5.817  1.00 24.89  ? 123 THR A OG1 1 
ATOM   860  C CG2 . THR A 1 122 ? 6.410   -12.326 -5.846  1.00 20.22  ? 123 THR A CG2 1 
ATOM   861  N N   . LEU A 1 123 ? 4.921   -14.306 -3.189  1.00 19.70  ? 124 LEU A N   1 
ATOM   862  C CA  . LEU A 1 123 ? 3.497   -14.526 -3.005  1.00 19.29  ? 124 LEU A CA  1 
ATOM   863  C C   . LEU A 1 123 ? 2.731   -13.431 -3.733  1.00 19.54  ? 124 LEU A C   1 
ATOM   864  O O   . LEU A 1 123 ? 3.228   -12.317 -3.815  1.00 20.55  ? 124 LEU A O   1 
ATOM   865  C CB  . LEU A 1 123 ? 3.166   -14.445 -1.524  1.00 21.44  ? 124 LEU A CB  1 
ATOM   866  C CG  . LEU A 1 123 ? 3.779   -15.579 -0.710  1.00 22.67  ? 124 LEU A CG  1 
ATOM   867  C CD1 . LEU A 1 123 ? 3.689   -15.257 0.753   1.00 24.73  ? 124 LEU A CD1 1 
ATOM   868  C CD2 . LEU A 1 123 ? 3.099   -16.891 -1.008  1.00 23.95  ? 124 LEU A CD2 1 
ATOM   869  N N   . VAL A 1 124 ? 1.526   -13.758 -4.188  1.00 19.17  ? 125 VAL A N   1 
ATOM   870  C CA  . VAL A 1 124 ? 0.622   -12.772 -4.757  1.00 18.28  ? 125 VAL A CA  1 
ATOM   871  C C   . VAL A 1 124 ? -0.713  -12.841 -3.996  1.00 20.45  ? 125 VAL A C   1 
ATOM   872  O O   . VAL A 1 124 ? -1.125  -13.898 -3.506  1.00 19.87  ? 125 VAL A O   1 
ATOM   873  C CB  . VAL A 1 124 ? 0.459   -12.983 -6.258  1.00 16.98  ? 125 VAL A CB  1 
ATOM   874  C CG1 . VAL A 1 124 ? -0.190  -14.322 -6.611  1.00 19.34  ? 125 VAL A CG1 1 
ATOM   875  C CG2 . VAL A 1 124 ? -0.320  -11.868 -6.931  1.00 18.67  ? 125 VAL A CG2 1 
ATOM   876  N N   . GLY A 1 125 ? -1.363  -11.678 -3.877  1.00 19.69  ? 126 GLY A N   1 
ATOM   877  C CA  . GLY A 1 125 ? -2.629  -11.527 -3.181  1.00 20.09  ? 126 GLY A CA  1 
ATOM   878  C C   . GLY A 1 125 ? -3.332  -10.238 -3.608  1.00 21.25  ? 126 GLY A C   1 
ATOM   879  O O   . GLY A 1 125 ? -2.885  -9.545  -4.530  1.00 19.77  ? 126 GLY A O   1 
ATOM   880  N N   . HIS A 1 126 ? -4.452  -9.961  -2.914  1.00 21.87  ? 127 HIS A N   1 
ATOM   881  C CA  . HIS A 1 126 ? -5.247  -8.768  -3.149  1.00 22.50  ? 127 HIS A CA  1 
ATOM   882  C C   . HIS A 1 126 ? -5.697  -8.259  -1.777  1.00 23.56  ? 127 HIS A C   1 
ATOM   883  O O   . HIS A 1 126 ? -5.942  -9.058  -0.869  1.00 23.04  ? 127 HIS A O   1 
ATOM   884  C CB  . HIS A 1 126 ? -6.330  -9.074  -4.194  1.00 22.31  ? 127 HIS A CB  1 
ATOM   885  C CG  . HIS A 1 126 ? -7.157  -10.248 -3.811  1.00 27.00  ? 127 HIS A CG  1 
ATOM   886  N ND1 . HIS A 1 126 ? -8.294  -10.125 -3.037  1.00 28.33  ? 127 HIS A ND1 1 
ATOM   887  C CD2 . HIS A 1 126 ? -6.964  -11.563 -3.992  1.00 29.41  ? 127 HIS A CD2 1 
ATOM   888  C CE1 . HIS A 1 126 ? -8.787  -11.330 -2.812  1.00 28.14  ? 127 HIS A CE1 1 
ATOM   889  N NE2 . HIS A 1 126 ? -7.995  -12.219 -3.374  1.00 27.23  ? 127 HIS A NE2 1 
ATOM   890  N N   . ASP A 1 127 ? -5.676  -6.929  -1.627  1.00 21.52  ? 128 ASP A N   1 
ATOM   891  C CA  . ASP A 1 127 ? -6.170  -6.208  -0.461  1.00 20.61  ? 128 ASP A CA  1 
ATOM   892  C C   . ASP A 1 127 ? -7.131  -5.111  -0.923  1.00 21.03  ? 128 ASP A C   1 
ATOM   893  O O   . ASP A 1 127 ? -6.825  -4.437  -1.915  1.00 21.56  ? 128 ASP A O   1 
ATOM   894  C CB  . ASP A 1 127 ? -5.031  -5.512  0.281   1.00 21.74  ? 128 ASP A CB  1 
ATOM   895  C CG  . ASP A 1 127 ? -4.217  -6.419  1.211   1.00 23.39  ? 128 ASP A CG  1 
ATOM   896  O OD1 . ASP A 1 127 ? -4.653  -7.537  1.416   1.00 31.32  ? 128 ASP A OD1 1 
ATOM   897  O OD2 . ASP A 1 127 ? -3.088  -6.010  1.610   1.00 21.68  ? 128 ASP A OD2 1 
ATOM   898  N N   . THR A 1 128 ? -8.276  -4.961  -0.214  1.00 22.53  ? 129 THR A N   1 
ATOM   899  C CA  . THR A 1 128 ? -9.163  -3.815  -0.444  1.00 25.40  ? 129 THR A CA  1 
ATOM   900  C C   . THR A 1 128 ? -9.157  -2.954  0.806   1.00 22.86  ? 129 THR A C   1 
ATOM   901  O O   . THR A 1 128 ? -9.338  -3.485  1.897   1.00 21.56  ? 129 THR A O   1 
ATOM   902  C CB  . THR A 1 128 ? -10.605 -4.183  -0.772  1.00 29.53  ? 129 THR A CB  1 
ATOM   903  O OG1 . THR A 1 128 ? -10.444 -5.042  -1.889  1.00 33.93  ? 129 THR A OG1 1 
ATOM   904  C CG2 . THR A 1 128 ? -11.481 -2.987  -1.093  1.00 29.38  ? 129 THR A CG2 1 
ATOM   905  N N   . PHE A 1 129 ? -8.806  -1.679  0.612   1.00 20.67  ? 130 PHE A N   1 
ATOM   906  C CA  . PHE A 1 129 ? -8.724  -0.714  1.698   1.00 19.77  ? 130 PHE A CA  1 
ATOM   907  C C   . PHE A 1 129 ? -9.936  0.204   1.683   1.00 23.17  ? 130 PHE A C   1 
ATOM   908  O O   . PHE A 1 129 ? -10.344 0.744   0.617   1.00 20.19  ? 130 PHE A O   1 
ATOM   909  C CB  . PHE A 1 129 ? -7.442  0.108   1.637   1.00 19.82  ? 130 PHE A CB  1 
ATOM   910  C CG  . PHE A 1 129 ? -6.169  -0.698  1.748   1.00 19.78  ? 130 PHE A CG  1 
ATOM   911  C CD1 . PHE A 1 129 ? -5.566  -1.293  0.652   1.00 21.46  ? 130 PHE A CD1 1 
ATOM   912  C CD2 . PHE A 1 129 ? -5.608  -0.924  2.994   1.00 21.48  ? 130 PHE A CD2 1 
ATOM   913  C CE1 . PHE A 1 129 ? -4.399  -2.040  0.778   1.00 20.30  ? 130 PHE A CE1 1 
ATOM   914  C CE2 . PHE A 1 129 ? -4.410  -1.621  3.115   1.00 21.37  ? 130 PHE A CE2 1 
ATOM   915  C CZ  . PHE A 1 129 ? -3.848  -2.251  2.025   1.00 21.44  ? 130 PHE A CZ  1 
ATOM   916  N N   . THR A 1 130 ? -10.432 0.420   2.904   1.00 23.07  ? 131 THR A N   1 
ATOM   917  C CA  . THR A 1 130 ? -11.487 1.399   3.077   1.00 25.58  ? 131 THR A CA  1 
ATOM   918  C C   . THR A 1 130 ? -11.101 2.364   4.188   1.00 26.86  ? 131 THR A C   1 
ATOM   919  O O   . THR A 1 130 ? -10.225 2.066   5.007   1.00 25.14  ? 131 THR A O   1 
ATOM   920  C CB  . THR A 1 130 ? -12.868 0.778   3.365   1.00 26.66  ? 131 THR A CB  1 
ATOM   921  O OG1 . THR A 1 130 ? -12.730 -0.074  4.503   1.00 28.18  ? 131 THR A OG1 1 
ATOM   922  C CG2 . THR A 1 130 ? -13.413 -0.032  2.219   1.00 28.61  ? 131 THR A CG2 1 
ATOM   923  N N   . LYS A 1 131 ? -11.880 3.449   4.283   1.00 28.34  ? 132 LYS A N   1 
ATOM   924  C CA  . LYS A 1 131 ? -11.664 4.463   5.306   1.00 32.74  ? 132 LYS A CA  1 
ATOM   925  C C   . LYS A 1 131 ? -12.217 4.042   6.670   1.00 31.63  ? 132 LYS A C   1 
ATOM   926  O O   . LYS A 1 131 ? -11.887 4.692   7.647   1.00 31.91  ? 132 LYS A O   1 
ATOM   927  C CB  . LYS A 1 131 ? -12.337 5.796   4.954   1.00 34.37  ? 132 LYS A CB  1 
ATOM   928  C CG  . LYS A 1 131 ? -11.788 6.539   3.753   1.00 36.25  ? 132 LYS A CG  1 
ATOM   929  C CD  . LYS A 1 131 ? -10.382 7.001   3.874   1.00 45.39  ? 132 LYS A CD  1 
ATOM   930  C CE  . LYS A 1 131 ? -10.148 8.106   4.883   1.00 55.00  ? 132 LYS A CE  1 
ATOM   931  N NZ  . LYS A 1 131 ? -8.701  8.279   5.180   1.00 51.08  ? 132 LYS A NZ  1 
ATOM   932  N N   . VAL A 1 132 ? -13.084 3.027   6.754   1.00 36.63  ? 133 VAL A N   1 
ATOM   933  C CA  . VAL A 1 132 ? -13.600 2.600   8.052   1.00 43.75  ? 133 VAL A CA  1 
ATOM   934  C C   . VAL A 1 132 ? -13.188 1.151   8.310   1.00 48.49  ? 133 VAL A C   1 
ATOM   935  O O   . VAL A 1 132 ? -12.941 0.431   7.351   1.00 49.77  ? 133 VAL A O   1 
ATOM   936  C CB  . VAL A 1 132 ? -15.128 2.805   8.137   1.00 49.53  ? 133 VAL A CB  1 
ATOM   937  C CG1 . VAL A 1 132 ? -15.522 4.171   7.583   1.00 52.16  ? 133 VAL A CG1 1 
ATOM   938  C CG2 . VAL A 1 132 ? -15.930 1.714   7.438   1.00 50.37  ? 133 VAL A CG2 1 
ATOM   939  N N   . LYS A 1 133 ? -13.037 0.782   9.597   1.00 53.64  ? 134 LYS A N   1 
ATOM   940  C CA  . LYS A 1 133 ? -13.049 -0.593  10.098  1.00 60.30  ? 134 LYS A CA  1 
ATOM   941  C C   . LYS A 1 133 ? -11.727 -0.882  10.820  1.00 62.44  ? 134 LYS A C   1 
ATOM   942  O O   . LYS A 1 133 ? -11.414 -0.128  11.772  1.00 62.60  ? 134 LYS A O   1 
ATOM   943  C CB  . LYS A 1 133 ? -13.329 -1.622  8.996   1.00 66.02  ? 134 LYS A CB  1 
ATOM   944  C CG  . LYS A 1 133 ? -13.027 -3.073  9.334   1.00 77.22  ? 134 LYS A CG  1 
ATOM   945  C CD  . LYS A 1 133 ? -11.541 -3.383  9.375   1.00 85.21  ? 134 LYS A CD  1 
ATOM   946  C CE  . LYS A 1 133 ? -11.193 -4.780  8.906   1.00 94.85  ? 134 LYS A CE  1 
ATOM   947  N NZ  . LYS A 1 133 ? -11.664 -5.831  9.842   1.00 102.31 ? 134 LYS A NZ  1 
HETATM 948  N N1  . N9O B 2 .   ? -1.664  -7.556  3.287   1.00 25.75  ? 201 N9O A N1  1 
HETATM 949  C C7  . N9O B 2 .   ? 4.269   -9.376  6.525   1.00 26.44  ? 201 N9O A C7  1 
HETATM 950  C C8  . N9O B 2 .   ? 5.739   -9.750  6.463   1.00 27.37  ? 201 N9O A C8  1 
HETATM 951  N N2  . N9O B 2 .   ? 6.916   -11.616 5.496   1.00 27.94  ? 201 N9O A N2  1 
HETATM 952  C C9  . N9O B 2 .   ? 5.913   -11.225 6.285   1.00 27.36  ? 201 N9O A C9  1 
HETATM 953  O O1  . N9O B 2 .   ? 9.155   -15.750 5.432   0.80 51.46  ? 201 N9O A O1  1 
HETATM 954  C C1  . N9O B 2 .   ? -0.349  -9.256  4.293   1.00 25.18  ? 201 N9O A C1  1 
HETATM 955  C C5  . N9O B 2 .   ? 2.047   -9.219  5.342   1.00 24.72  ? 201 N9O A C5  1 
HETATM 956  C C6  . N9O B 2 .   ? 3.545   -9.420  5.138   1.00 27.62  ? 201 N9O A C6  1 
HETATM 957  N N3  . N9O B 2 .   ? 8.220   -14.638 3.687   0.80 43.63  ? 201 N9O A N3  1 
HETATM 958  C C4  . N9O B 2 .   ? 1.176   -9.400  4.105   1.00 26.31  ? 201 N9O A C4  1 
HETATM 959  C C3  . N9O B 2 .   ? 0.252   -8.481  1.970   1.00 25.02  ? 201 N9O A C3  1 
HETATM 960  O O3  . N9O B 2 .   ? 5.126   -12.014 6.816   1.00 29.95  ? 201 N9O A O3  1 
HETATM 961  C C2  . N9O B 2 .   ? -0.911  -8.747  2.916   1.00 25.62  ? 201 N9O A C2  1 
HETATM 962  N N4  . N9O B 2 .   ? 9.823   -20.240 0.828   0.80 46.69  ? 201 N9O A N4  1 
HETATM 963  N N   . N9O B 2 .   ? -0.763  -8.208  5.219   1.00 26.50  ? 201 N9O A N   1 
HETATM 964  S S   . N9O B 2 .   ? 1.749   -8.136  2.895   1.00 27.17  ? 201 N9O A S   1 
HETATM 965  C C   . N9O B 2 .   ? -1.519  -7.235  4.613   1.00 30.17  ? 201 N9O A C   1 
HETATM 966  O O   . N9O B 2 .   ? -1.917  -6.198  5.159   1.00 24.53  ? 201 N9O A O   1 
HETATM 967  C C10 . N9O B 2 .   ? 7.002   -12.988 5.008   1.00 33.54  ? 201 N9O A C10 1 
HETATM 968  C C11 . N9O B 2 .   ? 8.338   -13.359 4.428   0.80 37.06  ? 201 N9O A C11 1 
HETATM 969  C C20 . N9O B 2 .   ? 8.806   -15.770 4.269   0.80 43.67  ? 201 N9O A C20 1 
HETATM 970  C C19 . N9O B 2 .   ? 8.951   -16.968 3.416   0.80 48.39  ? 201 N9O A C19 1 
HETATM 971  C C18 . N9O B 2 .   ? 8.440   -16.961 2.089   0.80 48.19  ? 201 N9O A C18 1 
HETATM 972  C C13 . N9O B 2 .   ? 7.818   -15.801 1.557   0.80 41.41  ? 201 N9O A C13 1 
HETATM 973  C C12 . N9O B 2 .   ? 7.687   -14.584 2.388   0.80 41.89  ? 201 N9O A C12 1 
HETATM 974  O O2  . N9O B 2 .   ? 7.198   -13.553 1.967   0.80 33.18  ? 201 N9O A O2  1 
HETATM 975  C C21 . N9O B 2 .   ? 9.672   -18.053 3.875   0.80 48.42  ? 201 N9O A C21 1 
HETATM 976  C C22 . N9O B 2 .   ? 9.909   -19.148 3.062   0.80 50.56  ? 201 N9O A C22 1 
HETATM 977  C C23 . N9O B 2 .   ? 9.430   -19.186 1.757   0.80 50.92  ? 201 N9O A C23 1 
HETATM 978  C C25 . N9O B 2 .   ? 10.731  -19.831 -0.238  0.80 41.69  ? 201 N9O A C25 1 
HETATM 979  C C24 . N9O B 2 .   ? 9.572   -21.647 1.131   0.80 44.68  ? 201 N9O A C24 1 
HETATM 980  C C17 . N9O B 2 .   ? 8.652   -18.088 1.249   0.80 50.36  ? 201 N9O A C17 1 
HETATM 981  C C16 . N9O B 2 .   ? 8.168   -18.018 -0.090  0.80 43.32  ? 201 N9O A C16 1 
HETATM 982  C C15 . N9O B 2 .   ? 7.621   -16.876 -0.580  0.80 34.39  ? 201 N9O A C15 1 
HETATM 983  C C14 . N9O B 2 .   ? 7.448   -15.764 0.230   0.80 38.75  ? 201 N9O A C14 1 
HETATM 984  O O   . HOH C 3 .   ? 2.949   -4.538  11.595  1.00 30.97  ? 301 HOH A O   1 
HETATM 985  O O   . HOH C 3 .   ? 2.057   11.934  -10.277 1.00 37.35  ? 302 HOH A O   1 
HETATM 986  O O   . HOH C 3 .   ? 8.190   8.938   -0.080  1.00 43.05  ? 303 HOH A O   1 
HETATM 987  O O   . HOH C 3 .   ? 6.176   -3.584  18.568  1.00 57.03  ? 304 HOH A O   1 
HETATM 988  O O   . HOH C 3 .   ? -14.153 4.013   2.672   1.00 28.96  ? 305 HOH A O   1 
HETATM 989  O O   . HOH C 3 .   ? -11.354 11.988  -4.200  1.00 45.40  ? 306 HOH A O   1 
HETATM 990  O O   . HOH C 3 .   ? -3.815  -2.559  12.079  1.00 32.88  ? 307 HOH A O   1 
HETATM 991  O O   . HOH C 3 .   ? -0.769  -15.445 -1.491  1.00 23.61  ? 308 HOH A O   1 
HETATM 992  O O   . HOH C 3 .   ? 1.451   10.128  6.516   1.00 41.31  ? 309 HOH A O   1 
HETATM 993  O O   . HOH C 3 .   ? -6.428  -10.680 10.205  1.00 50.42  ? 310 HOH A O   1 
HETATM 994  O O   . HOH C 3 .   ? 8.905   -7.693  9.975   1.00 28.96  ? 311 HOH A O   1 
HETATM 995  O O   . HOH C 3 .   ? 18.745  -23.357 -1.123  1.00 36.90  ? 312 HOH A O   1 
HETATM 996  O O   . HOH C 3 .   ? -9.954  6.509   7.853   1.00 30.30  ? 313 HOH A O   1 
HETATM 997  O O   . HOH C 3 .   ? -8.618  9.684   2.920   1.00 41.95  ? 314 HOH A O   1 
HETATM 998  O O   . HOH C 3 .   ? 0.963   -8.750  12.677  1.00 42.95  ? 315 HOH A O   1 
HETATM 999  O O   . HOH C 3 .   ? 4.032   12.083  0.656   1.00 33.95  ? 316 HOH A O   1 
HETATM 1000 O O   . HOH C 3 .   ? 7.238   2.152   -3.767  0.50 19.70  ? 317 HOH A O   1 
HETATM 1001 O O   . HOH C 3 .   ? 7.129   7.197   7.003   1.00 35.74  ? 318 HOH A O   1 
HETATM 1002 O O   . HOH C 3 .   ? 13.593  -25.296 -4.683  1.00 43.43  ? 319 HOH A O   1 
HETATM 1003 O O   . HOH C 3 .   ? -10.812 -8.207  10.939  1.00 55.33  ? 320 HOH A O   1 
HETATM 1004 O O   . HOH C 3 .   ? -19.527 7.801   4.102   1.00 42.94  ? 321 HOH A O   1 
HETATM 1005 O O   . HOH C 3 .   ? 10.286  -16.084 -8.754  1.00 50.32  ? 322 HOH A O   1 
HETATM 1006 O O   . HOH C 3 .   ? -8.342  -5.758  -4.671  1.00 40.81  ? 323 HOH A O   1 
HETATM 1007 O O   . HOH C 3 .   ? 10.167  0.421   8.616   1.00 23.76  ? 324 HOH A O   1 
HETATM 1008 O O   . HOH C 3 .   ? 9.418   -11.280 -7.722  1.00 31.00  ? 325 HOH A O   1 
HETATM 1009 O O   . HOH C 3 .   ? -9.349  -7.567  -2.326  1.00 33.35  ? 326 HOH A O   1 
HETATM 1010 O O   . HOH C 3 .   ? 20.978  -21.925 -4.363  1.00 39.62  ? 327 HOH A O   1 
HETATM 1011 O O   . HOH C 3 .   ? 9.907   -0.240  4.732   1.00 20.68  ? 328 HOH A O   1 
HETATM 1012 O O   . HOH C 3 .   ? 13.131  -14.040 -7.103  1.00 31.81  ? 329 HOH A O   1 
HETATM 1013 O O   . HOH C 3 .   ? 2.717   18.200  -1.008  1.00 43.06  ? 330 HOH A O   1 
HETATM 1014 O O   . HOH C 3 .   ? -10.090 8.918   -9.318  1.00 43.68  ? 331 HOH A O   1 
HETATM 1015 O O   . HOH C 3 .   ? 12.577  -0.997  6.311   1.00 34.52  ? 332 HOH A O   1 
HETATM 1016 O O   . HOH C 3 .   ? -12.103 8.744   -7.609  1.00 46.22  ? 333 HOH A O   1 
HETATM 1017 O O   . HOH C 3 .   ? 8.531   10.158  -4.468  1.00 29.18  ? 334 HOH A O   1 
HETATM 1018 O O   . HOH C 3 .   ? 7.993   0.495   14.335  1.00 49.65  ? 335 HOH A O   1 
HETATM 1019 O O   . HOH C 3 .   ? -4.671  7.265   -12.793 1.00 23.19  ? 336 HOH A O   1 
HETATM 1020 O O   . HOH C 3 .   ? -4.929  -12.137 -1.026  1.00 30.76  ? 337 HOH A O   1 
HETATM 1021 O O   . HOH C 3 .   ? 14.990  -21.148 -8.583  1.00 34.77  ? 338 HOH A O   1 
HETATM 1022 O O   . HOH C 3 .   ? -4.479  -10.488 1.231   1.00 36.61  ? 339 HOH A O   1 
HETATM 1023 O O   . HOH C 3 .   ? 10.638  0.586   14.235  1.00 36.73  ? 340 HOH A O   1 
HETATM 1024 O O   . HOH C 3 .   ? -6.768  8.069   -13.929 1.00 35.09  ? 341 HOH A O   1 
HETATM 1025 O O   . HOH C 3 .   ? -15.311 6.841   2.644   1.00 36.81  ? 342 HOH A O   1 
HETATM 1026 O O   . HOH C 3 .   ? 15.788  -19.605 0.480   1.00 31.97  ? 343 HOH A O   1 
HETATM 1027 O O   . HOH C 3 .   ? 16.758  -14.205 3.400   1.00 47.71  ? 344 HOH A O   1 
HETATM 1028 O O   . HOH C 3 .   ? 6.134   14.018  -10.695 1.00 46.98  ? 345 HOH A O   1 
HETATM 1029 O O   . HOH C 3 .   ? 5.429   9.332   7.185   1.00 47.57  ? 346 HOH A O   1 
HETATM 1030 O O   . HOH C 3 .   ? 9.962   9.171   1.694   1.00 40.78  ? 347 HOH A O   1 
HETATM 1031 O O   . HOH C 3 .   ? 11.748  7.641   1.044   1.00 45.51  ? 348 HOH A O   1 
# 
